data_1QD0
# 
_entry.id   1QD0 
# 
_audit_conform.dict_name       mmcif_pdbx.dic 
_audit_conform.dict_version    5.398 
_audit_conform.dict_location   http://mmcif.pdb.org/dictionaries/ascii/mmcif_pdbx.dic 
# 
loop_
_database_2.database_id 
_database_2.database_code 
_database_2.pdbx_database_accession 
_database_2.pdbx_DOI 
PDB   1QD0         pdb_00001qd0 10.2210/pdb1qd0/pdb 
RCSB  RCSB009303   ?            ?                   
WWPDB D_1000009303 ?            ?                   
# 
loop_
_pdbx_audit_revision_history.ordinal 
_pdbx_audit_revision_history.data_content_type 
_pdbx_audit_revision_history.major_revision 
_pdbx_audit_revision_history.minor_revision 
_pdbx_audit_revision_history.revision_date 
1 'Structure model' 1 0 2000-07-19 
2 'Structure model' 1 1 2008-04-27 
3 'Structure model' 1 2 2011-07-13 
4 'Structure model' 1 3 2017-10-04 
5 'Structure model' 1 4 2018-01-31 
6 'Structure model' 1 5 2018-02-28 
7 'Structure model' 1 6 2024-11-06 
# 
_pdbx_audit_revision_details.ordinal             1 
_pdbx_audit_revision_details.revision_ordinal    1 
_pdbx_audit_revision_details.data_content_type   'Structure model' 
_pdbx_audit_revision_details.provider            repository 
_pdbx_audit_revision_details.type                'Initial release' 
_pdbx_audit_revision_details.description         ? 
_pdbx_audit_revision_details.details             ? 
# 
loop_
_pdbx_audit_revision_group.ordinal 
_pdbx_audit_revision_group.revision_ordinal 
_pdbx_audit_revision_group.data_content_type 
_pdbx_audit_revision_group.group 
1  2 'Structure model' 'Version format compliance' 
2  3 'Structure model' 'Derived calculations'      
3  3 'Structure model' 'Version format compliance' 
4  4 'Structure model' Advisory                    
5  4 'Structure model' 'Refinement description'    
6  5 'Structure model' 'Experimental preparation'  
7  6 'Structure model' 'Experimental preparation'  
8  7 'Structure model' Advisory                    
9  7 'Structure model' 'Data collection'           
10 7 'Structure model' 'Database references'       
11 7 'Structure model' 'Derived calculations'      
12 7 'Structure model' 'Structure summary'         
# 
loop_
_pdbx_audit_revision_category.ordinal 
_pdbx_audit_revision_category.revision_ordinal 
_pdbx_audit_revision_category.data_content_type 
_pdbx_audit_revision_category.category 
1  4 'Structure model' pdbx_unobs_or_zero_occ_atoms 
2  4 'Structure model' software                     
3  5 'Structure model' exptl_crystal_grow           
4  6 'Structure model' exptl_crystal_grow           
5  7 'Structure model' chem_comp_atom               
6  7 'Structure model' chem_comp_bond               
7  7 'Structure model' database_2                   
8  7 'Structure model' pdbx_entry_details           
9  7 'Structure model' pdbx_modification_feature    
10 7 'Structure model' pdbx_struct_conn_angle       
11 7 'Structure model' pdbx_unobs_or_zero_occ_atoms 
12 7 'Structure model' struct_conn                  
13 7 'Structure model' struct_ref_seq_dif           
14 7 'Structure model' struct_site                  
# 
loop_
_pdbx_audit_revision_item.ordinal 
_pdbx_audit_revision_item.revision_ordinal 
_pdbx_audit_revision_item.data_content_type 
_pdbx_audit_revision_item.item 
1  5 'Structure model' '_exptl_crystal_grow.pdbx_details'            
2  6 'Structure model' '_exptl_crystal_grow.temp'                    
3  7 'Structure model' '_database_2.pdbx_DOI'                        
4  7 'Structure model' '_database_2.pdbx_database_accession'         
5  7 'Structure model' '_pdbx_struct_conn_angle.ptnr1_auth_comp_id'  
6  7 'Structure model' '_pdbx_struct_conn_angle.ptnr1_auth_seq_id'   
7  7 'Structure model' '_pdbx_struct_conn_angle.ptnr1_label_asym_id' 
8  7 'Structure model' '_pdbx_struct_conn_angle.ptnr1_label_atom_id' 
9  7 'Structure model' '_pdbx_struct_conn_angle.ptnr1_label_comp_id' 
10 7 'Structure model' '_pdbx_struct_conn_angle.ptnr1_label_seq_id'  
11 7 'Structure model' '_pdbx_struct_conn_angle.ptnr2_auth_seq_id'   
12 7 'Structure model' '_pdbx_struct_conn_angle.ptnr2_label_asym_id' 
13 7 'Structure model' '_pdbx_struct_conn_angle.ptnr3_auth_comp_id'  
14 7 'Structure model' '_pdbx_struct_conn_angle.ptnr3_auth_seq_id'   
15 7 'Structure model' '_pdbx_struct_conn_angle.ptnr3_label_asym_id' 
16 7 'Structure model' '_pdbx_struct_conn_angle.ptnr3_label_atom_id' 
17 7 'Structure model' '_pdbx_struct_conn_angle.ptnr3_label_comp_id' 
18 7 'Structure model' '_pdbx_struct_conn_angle.ptnr3_label_seq_id'  
19 7 'Structure model' '_pdbx_struct_conn_angle.ptnr3_symmetry'      
20 7 'Structure model' '_pdbx_struct_conn_angle.value'               
21 7 'Structure model' '_struct_conn.pdbx_dist_value'                
22 7 'Structure model' '_struct_conn.ptnr1_auth_comp_id'             
23 7 'Structure model' '_struct_conn.ptnr1_auth_seq_id'              
24 7 'Structure model' '_struct_conn.ptnr1_label_asym_id'            
25 7 'Structure model' '_struct_conn.ptnr1_label_atom_id'            
26 7 'Structure model' '_struct_conn.ptnr1_label_comp_id'            
27 7 'Structure model' '_struct_conn.ptnr1_label_seq_id'             
28 7 'Structure model' '_struct_conn.ptnr2_auth_comp_id'             
29 7 'Structure model' '_struct_conn.ptnr2_auth_seq_id'              
30 7 'Structure model' '_struct_conn.ptnr2_label_asym_id'            
31 7 'Structure model' '_struct_conn.ptnr2_label_atom_id'            
32 7 'Structure model' '_struct_conn.ptnr2_label_comp_id'            
33 7 'Structure model' '_struct_conn.ptnr2_label_seq_id'             
34 7 'Structure model' '_struct_ref_seq_dif.details'                 
35 7 'Structure model' '_struct_site.pdbx_auth_asym_id'              
36 7 'Structure model' '_struct_site.pdbx_auth_comp_id'              
37 7 'Structure model' '_struct_site.pdbx_auth_seq_id'               
# 
_pdbx_database_status.status_code                     REL 
_pdbx_database_status.entry_id                        1QD0 
_pdbx_database_status.recvd_initial_deposition_date   1999-07-08 
_pdbx_database_status.deposit_site                    RCSB 
_pdbx_database_status.process_site                    RCSB 
_pdbx_database_status.status_code_sf                  REL 
_pdbx_database_status.SG_entry                        . 
_pdbx_database_status.pdb_format_compatible           Y 
_pdbx_database_status.status_code_mr                  ? 
_pdbx_database_status.status_code_cs                  ? 
_pdbx_database_status.methods_development_category    ? 
_pdbx_database_status.status_code_nmr_data            ? 
# 
_pdbx_database_related.db_name        PDB 
_pdbx_database_related.db_id          1HCV 
_pdbx_database_related.details        
;1HCV pertains to the same   
class of camelid antibody   
fragments
;
_pdbx_database_related.content_type   unspecified 
# 
loop_
_audit_author.name 
_audit_author.pdbx_ordinal 
'Spinelli, S.'    1 
'Frenken, L.G.J.' 2 
'Hermans, P.'     3 
'Verrips, T.'     4 
'Brown, K.'       5 
'Tegoni, M.'      6 
'Cambillau, C.'   7 
# 
loop_
_citation.id 
_citation.title 
_citation.journal_abbrev 
_citation.journal_volume 
_citation.page_first 
_citation.page_last 
_citation.year 
_citation.journal_id_ASTM 
_citation.country 
_citation.journal_id_ISSN 
_citation.journal_id_CSD 
_citation.book_publisher 
_citation.pdbx_database_id_PubMed 
_citation.pdbx_database_id_DOI 
primary 'Camelid heavy-chain variable domains provide efficient combining sites to haptens.' Biochemistry 39  1217 1222 2000 
BICHAW US 0006-2960 0033 ? 10684599 10.1021/bi991830w 
1       'Naturally Occurring Antibodies Devoid of Light Chains'                              Nature       363 446  448  1993 
NATUAS UK 0028-0836 0006 ? ?        10.1038/363446a0  
# 
loop_
_citation_author.citation_id 
_citation_author.name 
_citation_author.ordinal 
_citation_author.identifier_ORCID 
primary 'Spinelli, S.'         1  ? 
primary 'Frenken, L.G.'        2  ? 
primary 'Hermans, P.'          3  ? 
primary 'Verrips, T.'          4  ? 
primary 'Brown, K.'            5  ? 
primary 'Tegoni, M.'           6  ? 
primary 'Cambillau, C.'        7  ? 
1       'Hamers-Casterman, C.' 8  ? 
1       'Atarhouch, T.'        9  ? 
1       'Muyldermans, S.'      10 ? 
1       'Robinson, G.'         11 ? 
1       'Hamers, C.'           12 ? 
1       'Songa, E.B.'          13 ? 
1       'Bendahman, N.'        14 ? 
1       'Hamers, R.'           15 ? 
# 
loop_
_entity.id 
_entity.type 
_entity.src_method 
_entity.pdbx_description 
_entity.formula_weight 
_entity.pdbx_number_of_molecules 
_entity.pdbx_ec 
_entity.pdbx_mutation 
_entity.pdbx_fragment 
_entity.details 
1 polymer     nat 'VHH-R2 ANTI-RR6 ANTIBODY' 13927.599 1  ? ? 'VARIABLE DOMAIN OF A HEAVY CHAIN ANTIBODY' ? 
2 non-polymer syn 'COPPER (II) ION' 63.546    2  ? ? ?                                           ? 
3 non-polymer syn 
;3-HYDROXY-7-(4-{1-[2-HYDROXY-3-(2-HYDROXY-5-SULFO-PHENYLAZO)-BENZYL]-2-SULFO-ETHYLAMINO}-[1,2,5]TRIAZIN-2-YLAMINO)-2-(2-HYDROXY-5-SULFO-PHENYLAZO)-NAPTHALENE-1,8-DISULFONIC ACID
;
1116.010  1  ? ? ?                                           ? 
4 water       nat water 18.015    54 ? ? ?                                           ? 
# 
_entity_poly.entity_id                      1 
_entity_poly.type                           'polypeptide(L)' 
_entity_poly.nstd_linkage                   no 
_entity_poly.nstd_monomer                   no 
_entity_poly.pdbx_seq_one_letter_code       
;QVQLQESGGGLVQAGGSLRLSCAASGRAASGHGHYGMGWFRQVPGKEREFVAAIRWSGKETWYKDSVKGRFTISRDNAKT
TVYLQMNSLKGEDTAVYYCAARPVRVADISLPVGFDYWGQGTQVTVSS
;
_entity_poly.pdbx_seq_one_letter_code_can   
;QVQLQESGGGLVQAGGSLRLSCAASGRAASGHGHYGMGWFRQVPGKEREFVAAIRWSGKETWYKDSVKGRFTISRDNAKT
TVYLQMNSLKGEDTAVYYCAARPVRVADISLPVGFDYWGQGTQVTVSS
;
_entity_poly.pdbx_strand_id                 A 
_entity_poly.pdbx_target_identifier         ? 
# 
loop_
_pdbx_entity_nonpoly.entity_id 
_pdbx_entity_nonpoly.name 
_pdbx_entity_nonpoly.comp_id 
2 'COPPER (II) ION' CU  
3 
;3-HYDROXY-7-(4-{1-[2-HYDROXY-3-(2-HYDROXY-5-SULFO-PHENYLAZO)-BENZYL]-2-SULFO-ETHYLAMINO}-[1,2,5]TRIAZIN-2-YLAMINO)-2-(2-HYDROXY-5-SULFO-PHENYLAZO)-NAPTHALENE-1,8-DISULFONIC ACID
;
RR6 
4 water HOH 
# 
loop_
_entity_poly_seq.entity_id 
_entity_poly_seq.num 
_entity_poly_seq.mon_id 
_entity_poly_seq.hetero 
1 1   GLN n 
1 2   VAL n 
1 3   GLN n 
1 4   LEU n 
1 5   GLN n 
1 6   GLU n 
1 7   SER n 
1 8   GLY n 
1 9   GLY n 
1 10  GLY n 
1 11  LEU n 
1 12  VAL n 
1 13  GLN n 
1 14  ALA n 
1 15  GLY n 
1 16  GLY n 
1 17  SER n 
1 18  LEU n 
1 19  ARG n 
1 20  LEU n 
1 21  SER n 
1 22  CYS n 
1 23  ALA n 
1 24  ALA n 
1 25  SER n 
1 26  GLY n 
1 27  ARG n 
1 28  ALA n 
1 29  ALA n 
1 30  SER n 
1 31  GLY n 
1 32  HIS n 
1 33  GLY n 
1 34  HIS n 
1 35  TYR n 
1 36  GLY n 
1 37  MET n 
1 38  GLY n 
1 39  TRP n 
1 40  PHE n 
1 41  ARG n 
1 42  GLN n 
1 43  VAL n 
1 44  PRO n 
1 45  GLY n 
1 46  LYS n 
1 47  GLU n 
1 48  ARG n 
1 49  GLU n 
1 50  PHE n 
1 51  VAL n 
1 52  ALA n 
1 53  ALA n 
1 54  ILE n 
1 55  ARG n 
1 56  TRP n 
1 57  SER n 
1 58  GLY n 
1 59  LYS n 
1 60  GLU n 
1 61  THR n 
1 62  TRP n 
1 63  TYR n 
1 64  LYS n 
1 65  ASP n 
1 66  SER n 
1 67  VAL n 
1 68  LYS n 
1 69  GLY n 
1 70  ARG n 
1 71  PHE n 
1 72  THR n 
1 73  ILE n 
1 74  SER n 
1 75  ARG n 
1 76  ASP n 
1 77  ASN n 
1 78  ALA n 
1 79  LYS n 
1 80  THR n 
1 81  THR n 
1 82  VAL n 
1 83  TYR n 
1 84  LEU n 
1 85  GLN n 
1 86  MET n 
1 87  ASN n 
1 88  SER n 
1 89  LEU n 
1 90  LYS n 
1 91  GLY n 
1 92  GLU n 
1 93  ASP n 
1 94  THR n 
1 95  ALA n 
1 96  VAL n 
1 97  TYR n 
1 98  TYR n 
1 99  CYS n 
1 100 ALA n 
1 101 ALA n 
1 102 ARG n 
1 103 PRO n 
1 104 VAL n 
1 105 ARG n 
1 106 VAL n 
1 107 ALA n 
1 108 ASP n 
1 109 ILE n 
1 110 SER n 
1 111 LEU n 
1 112 PRO n 
1 113 VAL n 
1 114 GLY n 
1 115 PHE n 
1 116 ASP n 
1 117 TYR n 
1 118 TRP n 
1 119 GLY n 
1 120 GLN n 
1 121 GLY n 
1 122 THR n 
1 123 GLN n 
1 124 VAL n 
1 125 THR n 
1 126 VAL n 
1 127 SER n 
1 128 SER n 
# 
_entity_src_nat.entity_id                  1 
_entity_src_nat.pdbx_src_id                1 
_entity_src_nat.pdbx_alt_source_flag       sample 
_entity_src_nat.pdbx_beg_seq_num           ? 
_entity_src_nat.pdbx_end_seq_num           ? 
_entity_src_nat.common_name                llama 
_entity_src_nat.pdbx_organism_scientific   'Lama glama' 
_entity_src_nat.pdbx_ncbi_taxonomy_id      9844 
_entity_src_nat.genus                      Lama 
_entity_src_nat.species                    ? 
_entity_src_nat.strain                     ? 
_entity_src_nat.tissue                     BLOOD 
_entity_src_nat.tissue_fraction            ? 
_entity_src_nat.pdbx_secretion             ? 
_entity_src_nat.pdbx_fragment              ? 
_entity_src_nat.pdbx_variant               ? 
_entity_src_nat.pdbx_cell_line             ? 
_entity_src_nat.pdbx_atcc                  ? 
_entity_src_nat.pdbx_cellular_location     ? 
_entity_src_nat.pdbx_organ                 ? 
_entity_src_nat.pdbx_organelle             ? 
_entity_src_nat.pdbx_cell                  'PERIPHERAL BLOOD LYMPHOCYTE' 
_entity_src_nat.pdbx_plasmid_name          ? 
_entity_src_nat.pdbx_plasmid_details       ? 
_entity_src_nat.details                    ? 
# 
loop_
_chem_comp.id 
_chem_comp.type 
_chem_comp.mon_nstd_flag 
_chem_comp.name 
_chem_comp.pdbx_synonyms 
_chem_comp.formula 
_chem_comp.formula_weight 
ALA 'L-peptide linking' y ALANINE ?                    'C3 H7 N O2'        89.093   
ARG 'L-peptide linking' y ARGININE ?                    'C6 H15 N4 O2 1'    175.209  
ASN 'L-peptide linking' y ASPARAGINE ?                    'C4 H8 N2 O3'       132.118  
ASP 'L-peptide linking' y 'ASPARTIC ACID' ?                    'C4 H7 N O4'        133.103  
CU  non-polymer         . 'COPPER (II) ION' ?                    'Cu 2'              63.546   
CYS 'L-peptide linking' y CYSTEINE ?                    'C3 H7 N O2 S'      121.158  
GLN 'L-peptide linking' y GLUTAMINE ?                    'C5 H10 N2 O3'      146.144  
GLU 'L-peptide linking' y 'GLUTAMIC ACID' ?                    'C5 H9 N O4'        147.129  
GLY 'peptide linking'   y GLYCINE ?                    'C2 H5 N O2'        75.067   
HIS 'L-peptide linking' y HISTIDINE ?                    'C6 H10 N3 O2 1'    156.162  
HOH non-polymer         . WATER ?                    'H2 O'              18.015   
ILE 'L-peptide linking' y ISOLEUCINE ?                    'C6 H13 N O2'       131.173  
LEU 'L-peptide linking' y LEUCINE ?                    'C6 H13 N O2'       131.173  
LYS 'L-peptide linking' y LYSINE ?                    'C6 H15 N2 O2 1'    147.195  
MET 'L-peptide linking' y METHIONINE ?                    'C5 H11 N O2 S'     149.211  
PHE 'L-peptide linking' y PHENYLALANINE ?                    'C9 H11 N O2'       165.189  
PRO 'L-peptide linking' y PROLINE ?                    'C5 H9 N O2'        115.130  
RR6 non-polymer         . 
;3-HYDROXY-7-(4-{1-[2-HYDROXY-3-(2-HYDROXY-5-SULFO-PHENYLAZO)-BENZYL]-2-SULFO-ETHYLAMINO}-[1,2,5]TRIAZIN-2-YLAMINO)-2-(2-HYDROXY-5-SULFO-PHENYLAZO)-NAPTHALENE-1,8-DISULFONIC ACID
;
'AZO-DYE RR6 HAPTEN' 'C35 H25 N9 O22 S6' 1116.010 
SER 'L-peptide linking' y SERINE ?                    'C3 H7 N O3'        105.093  
THR 'L-peptide linking' y THREONINE ?                    'C4 H9 N O3'        119.119  
TRP 'L-peptide linking' y TRYPTOPHAN ?                    'C11 H12 N2 O2'     204.225  
TYR 'L-peptide linking' y TYROSINE ?                    'C9 H11 N O3'       181.189  
VAL 'L-peptide linking' y VALINE ?                    'C5 H11 N O2'       117.146  
# 
loop_
_pdbx_poly_seq_scheme.asym_id 
_pdbx_poly_seq_scheme.entity_id 
_pdbx_poly_seq_scheme.seq_id 
_pdbx_poly_seq_scheme.mon_id 
_pdbx_poly_seq_scheme.ndb_seq_num 
_pdbx_poly_seq_scheme.pdb_seq_num 
_pdbx_poly_seq_scheme.auth_seq_num 
_pdbx_poly_seq_scheme.pdb_mon_id 
_pdbx_poly_seq_scheme.auth_mon_id 
_pdbx_poly_seq_scheme.pdb_strand_id 
_pdbx_poly_seq_scheme.pdb_ins_code 
_pdbx_poly_seq_scheme.hetero 
A 1 1   GLN 1   1   1   GLN ALA A . n 
A 1 2   VAL 2   2   2   VAL VAL A . n 
A 1 3   GLN 3   3   3   GLN GLN A . n 
A 1 4   LEU 4   4   4   LEU LEU A . n 
A 1 5   GLN 5   5   5   GLN GLN A . n 
A 1 6   GLU 6   6   6   GLU GLU A . n 
A 1 7   SER 7   7   7   SER SER A . n 
A 1 8   GLY 8   8   8   GLY GLY A . n 
A 1 9   GLY 9   9   9   GLY GLY A . n 
A 1 10  GLY 10  10  10  GLY GLY A . n 
A 1 11  LEU 11  11  11  LEU LEU A . n 
A 1 12  VAL 12  12  12  VAL VAL A . n 
A 1 13  GLN 13  13  13  GLN GLN A . n 
A 1 14  ALA 14  14  14  ALA ALA A . n 
A 1 15  GLY 15  15  15  GLY GLY A . n 
A 1 16  GLY 16  16  16  GLY GLY A . n 
A 1 17  SER 17  17  17  SER SER A . n 
A 1 18  LEU 18  18  18  LEU LEU A . n 
A 1 19  ARG 19  19  19  ARG ARG A . n 
A 1 20  LEU 20  20  20  LEU LEU A . n 
A 1 21  SER 21  21  21  SER SER A . n 
A 1 22  CYS 22  22  22  CYS CYS A . n 
A 1 23  ALA 23  23  23  ALA ALA A . n 
A 1 24  ALA 24  24  24  ALA ALA A . n 
A 1 25  SER 25  25  25  SER SER A . n 
A 1 26  GLY 26  26  26  GLY GLY A . n 
A 1 27  ARG 27  27  27  ARG ARG A . n 
A 1 28  ALA 28  28  28  ALA ALA A . n 
A 1 29  ALA 29  29  29  ALA ALA A . n 
A 1 30  SER 30  30  30  SER SER A . n 
A 1 31  GLY 31  31  31  GLY GLY A . n 
A 1 32  HIS 32  32  32  HIS HIS A . n 
A 1 33  GLY 33  33  33  GLY GLY A . n 
A 1 34  HIS 34  34  34  HIS HIS A . n 
A 1 35  TYR 35  35  35  TYR TYR A . n 
A 1 36  GLY 36  36  36  GLY GLY A . n 
A 1 37  MET 37  37  37  MET MET A . n 
A 1 38  GLY 38  38  38  GLY GLY A . n 
A 1 39  TRP 39  39  39  TRP TRP A . n 
A 1 40  PHE 40  40  40  PHE PHE A . n 
A 1 41  ARG 41  41  41  ARG ARG A . n 
A 1 42  GLN 42  42  42  GLN GLN A . n 
A 1 43  VAL 43  43  43  VAL VAL A . n 
A 1 44  PRO 44  44  44  PRO PRO A . n 
A 1 45  GLY 45  45  45  GLY GLY A . n 
A 1 46  LYS 46  46  46  LYS LYS A . n 
A 1 47  GLU 47  47  47  GLU GLU A . n 
A 1 48  ARG 48  48  48  ARG ARG A . n 
A 1 49  GLU 49  49  49  GLU GLU A . n 
A 1 50  PHE 50  50  50  PHE PHE A . n 
A 1 51  VAL 51  51  51  VAL VAL A . n 
A 1 52  ALA 52  52  52  ALA ALA A . n 
A 1 53  ALA 53  53  53  ALA ALA A . n 
A 1 54  ILE 54  54  54  ILE ILE A . n 
A 1 55  ARG 55  55  55  ARG ARG A . n 
A 1 56  TRP 56  56  56  TRP TRP A . n 
A 1 57  SER 57  57  57  SER SER A . n 
A 1 58  GLY 58  58  58  GLY GLY A . n 
A 1 59  LYS 59  59  59  LYS LYS A . n 
A 1 60  GLU 60  60  60  GLU GLU A . n 
A 1 61  THR 61  61  61  THR THR A . n 
A 1 62  TRP 62  62  62  TRP TRP A . n 
A 1 63  TYR 63  63  63  TYR TYR A . n 
A 1 64  LYS 64  64  64  LYS LYS A . n 
A 1 65  ASP 65  65  65  ASP ASP A . n 
A 1 66  SER 66  66  66  SER SER A . n 
A 1 67  VAL 67  67  67  VAL VAL A . n 
A 1 68  LYS 68  68  68  LYS LYS A . n 
A 1 69  GLY 69  69  69  GLY GLY A . n 
A 1 70  ARG 70  70  70  ARG ARG A . n 
A 1 71  PHE 71  71  71  PHE PHE A . n 
A 1 72  THR 72  72  72  THR THR A . n 
A 1 73  ILE 73  73  73  ILE ILE A . n 
A 1 74  SER 74  74  74  SER SER A . n 
A 1 75  ARG 75  75  75  ARG ARG A . n 
A 1 76  ASP 76  76  76  ASP ASP A . n 
A 1 77  ASN 77  77  77  ASN ASN A . n 
A 1 78  ALA 78  78  78  ALA ALA A . n 
A 1 79  LYS 79  79  79  LYS LYS A . n 
A 1 80  THR 80  80  80  THR THR A . n 
A 1 81  THR 81  81  81  THR THR A . n 
A 1 82  VAL 82  82  82  VAL VAL A . n 
A 1 83  TYR 83  83  83  TYR TYR A . n 
A 1 84  LEU 84  84  84  LEU LEU A . n 
A 1 85  GLN 85  85  85  GLN GLN A . n 
A 1 86  MET 86  86  86  MET MET A . n 
A 1 87  ASN 87  87  87  ASN ASN A . n 
A 1 88  SER 88  88  88  SER SER A . n 
A 1 89  LEU 89  89  89  LEU LEU A . n 
A 1 90  LYS 90  90  90  LYS LYS A . n 
A 1 91  GLY 91  91  91  GLY GLY A . n 
A 1 92  GLU 92  92  92  GLU GLU A . n 
A 1 93  ASP 93  93  93  ASP ASP A . n 
A 1 94  THR 94  94  94  THR THR A . n 
A 1 95  ALA 95  95  95  ALA ALA A . n 
A 1 96  VAL 96  96  96  VAL VAL A . n 
A 1 97  TYR 97  97  97  TYR TYR A . n 
A 1 98  TYR 98  98  98  TYR TYR A . n 
A 1 99  CYS 99  99  99  CYS CYS A . n 
A 1 100 ALA 100 100 100 ALA ALA A . n 
A 1 101 ALA 101 101 101 ALA ALA A . n 
A 1 102 ARG 102 102 102 ARG ARG A . n 
A 1 103 PRO 103 103 103 PRO PRO A . n 
A 1 104 VAL 104 104 104 VAL VAL A . n 
A 1 105 ARG 105 105 105 ARG ARG A . n 
A 1 106 VAL 106 106 106 VAL VAL A . n 
A 1 107 ALA 107 107 107 ALA ALA A . n 
A 1 108 ASP 108 108 108 ASP ASP A . n 
A 1 109 ILE 109 109 109 ILE ILE A . n 
A 1 110 SER 110 110 110 SER SER A . n 
A 1 111 LEU 111 111 111 LEU LEU A . n 
A 1 112 PRO 112 112 112 PRO PRO A . n 
A 1 113 VAL 113 113 113 VAL VAL A . n 
A 1 114 GLY 114 114 114 GLY GLY A . n 
A 1 115 PHE 115 115 115 PHE PHE A . n 
A 1 116 ASP 116 116 116 ASP ASP A . n 
A 1 117 TYR 117 117 117 TYR TYR A . n 
A 1 118 TRP 118 118 118 TRP TRP A . n 
A 1 119 GLY 119 119 119 GLY GLY A . n 
A 1 120 GLN 120 120 120 GLN GLN A . n 
A 1 121 GLY 121 121 121 GLY GLY A . n 
A 1 122 THR 122 122 122 THR THR A . n 
A 1 123 GLN 123 123 123 GLN GLN A . n 
A 1 124 VAL 124 124 124 VAL VAL A . n 
A 1 125 THR 125 125 125 THR THR A . n 
A 1 126 VAL 126 126 126 VAL VAL A . n 
A 1 127 SER 127 127 127 SER SER A . n 
A 1 128 SER 128 128 128 SER SER A . n 
# 
loop_
_pdbx_nonpoly_scheme.asym_id 
_pdbx_nonpoly_scheme.entity_id 
_pdbx_nonpoly_scheme.mon_id 
_pdbx_nonpoly_scheme.ndb_seq_num 
_pdbx_nonpoly_scheme.pdb_seq_num 
_pdbx_nonpoly_scheme.auth_seq_num 
_pdbx_nonpoly_scheme.pdb_mon_id 
_pdbx_nonpoly_scheme.auth_mon_id 
_pdbx_nonpoly_scheme.pdb_strand_id 
_pdbx_nonpoly_scheme.pdb_ins_code 
B 2 CU  1  1001 1  CU  RR6 A . 
C 2 CU  1  1002 1  CU  RR6 A . 
D 3 RR6 1  1003 1  RR6 RR6 A . 
E 4 HOH 1  1004 1  HOH HOH A . 
E 4 HOH 2  1005 2  HOH HOH A . 
E 4 HOH 3  1006 3  HOH HOH A . 
E 4 HOH 4  1007 4  HOH HOH A . 
E 4 HOH 5  1008 5  HOH HOH A . 
E 4 HOH 6  1009 6  HOH HOH A . 
E 4 HOH 7  1010 7  HOH HOH A . 
E 4 HOH 8  1011 8  HOH HOH A . 
E 4 HOH 9  1012 9  HOH HOH A . 
E 4 HOH 10 1013 10 HOH HOH A . 
E 4 HOH 11 1014 11 HOH HOH A . 
E 4 HOH 12 1015 12 HOH HOH A . 
E 4 HOH 13 1016 13 HOH HOH A . 
E 4 HOH 14 1017 14 HOH HOH A . 
E 4 HOH 15 1018 15 HOH HOH A . 
E 4 HOH 16 1019 16 HOH HOH A . 
E 4 HOH 17 1020 17 HOH HOH A . 
E 4 HOH 18 1021 18 HOH HOH A . 
E 4 HOH 19 1022 19 HOH HOH A . 
E 4 HOH 20 1023 20 HOH HOH A . 
E 4 HOH 21 1024 21 HOH HOH A . 
E 4 HOH 22 1025 22 HOH HOH A . 
E 4 HOH 23 1026 23 HOH HOH A . 
E 4 HOH 24 1027 24 HOH HOH A . 
E 4 HOH 25 1028 25 HOH HOH A . 
E 4 HOH 26 1029 26 HOH HOH A . 
E 4 HOH 27 1030 27 HOH HOH A . 
E 4 HOH 28 1031 28 HOH HOH A . 
E 4 HOH 29 1032 29 HOH HOH A . 
E 4 HOH 30 1033 30 HOH HOH A . 
E 4 HOH 31 1034 31 HOH HOH A . 
E 4 HOH 32 1035 32 HOH HOH A . 
E 4 HOH 33 1036 33 HOH HOH A . 
E 4 HOH 34 1037 34 HOH HOH A . 
E 4 HOH 35 1038 35 HOH HOH A . 
E 4 HOH 36 1039 36 HOH HOH A . 
E 4 HOH 37 1040 37 HOH HOH A . 
E 4 HOH 38 1041 38 HOH HOH A . 
E 4 HOH 39 1042 41 HOH HOH A . 
E 4 HOH 40 1043 42 HOH HOH A . 
E 4 HOH 41 1044 43 HOH HOH A . 
E 4 HOH 42 1045 44 HOH HOH A . 
E 4 HOH 43 1046 45 HOH HOH A . 
E 4 HOH 44 1047 46 HOH HOH A . 
E 4 HOH 45 1048 47 HOH HOH A . 
E 4 HOH 46 1049 48 HOH HOH A . 
E 4 HOH 47 1050 49 HOH HOH A . 
E 4 HOH 48 1051 50 HOH HOH A . 
E 4 HOH 49 1052 51 HOH HOH A . 
E 4 HOH 50 1053 52 HOH HOH A . 
E 4 HOH 51 1054 53 HOH HOH A . 
E 4 HOH 52 1055 54 HOH HOH A . 
E 4 HOH 53 1056 55 HOH HOH A . 
E 4 HOH 54 1057 58 HOH HOH A . 
# 
loop_
_pdbx_unobs_or_zero_occ_atoms.id 
_pdbx_unobs_or_zero_occ_atoms.PDB_model_num 
_pdbx_unobs_or_zero_occ_atoms.polymer_flag 
_pdbx_unobs_or_zero_occ_atoms.occupancy_flag 
_pdbx_unobs_or_zero_occ_atoms.auth_asym_id 
_pdbx_unobs_or_zero_occ_atoms.auth_comp_id 
_pdbx_unobs_or_zero_occ_atoms.auth_seq_id 
_pdbx_unobs_or_zero_occ_atoms.PDB_ins_code 
_pdbx_unobs_or_zero_occ_atoms.auth_atom_id 
_pdbx_unobs_or_zero_occ_atoms.label_alt_id 
_pdbx_unobs_or_zero_occ_atoms.label_asym_id 
_pdbx_unobs_or_zero_occ_atoms.label_comp_id 
_pdbx_unobs_or_zero_occ_atoms.label_seq_id 
_pdbx_unobs_or_zero_occ_atoms.label_atom_id 
1 1 Y 1 A GLN 1  ? CG  ? A GLN 1  CG  
2 1 Y 1 A GLN 1  ? CD  ? A GLN 1  CD  
3 1 Y 1 A GLN 1  ? OE1 ? A GLN 1  OE1 
4 1 Y 1 A GLN 1  ? NE2 ? A GLN 1  NE2 
5 1 Y 0 A LYS 90 ? CE  ? A LYS 90 CE  
6 1 Y 0 A LYS 90 ? NZ  ? A LYS 90 NZ  
# 
loop_
_software.name 
_software.classification 
_software.version 
_software.citation_id 
_software.pdbx_ordinal 
DENZO   'data reduction' .     ? 1 
AUTOMAR 'data reduction' .     ? 2 
AMoRE   phasing          .     ? 3 
X-PLOR  refinement       3.843 ? 4 
# 
_cell.entry_id           1QD0 
_cell.length_a           46.700 
_cell.length_b           46.700 
_cell.length_c           121.100 
_cell.angle_alpha        90.00 
_cell.angle_beta         90.00 
_cell.angle_gamma        120.00 
_cell.Z_PDB              6 
_cell.pdbx_unique_axis   ? 
# 
_symmetry.entry_id                         1QD0 
_symmetry.space_group_name_H-M             'P 32 2 1' 
_symmetry.pdbx_full_space_group_name_H-M   ? 
_symmetry.cell_setting                     ? 
_symmetry.Int_Tables_number                154 
# 
_exptl.entry_id          1QD0 
_exptl.method            'X-RAY DIFFRACTION' 
_exptl.crystals_number   1 
# 
_exptl_crystal.id                    1 
_exptl_crystal.density_meas          ? 
_exptl_crystal.density_Matthews      2.74 
_exptl_crystal.density_percent_sol   55.05 
_exptl_crystal.description           ? 
# 
_exptl_crystal_grow.crystal_id      1 
_exptl_crystal_grow.method          'VAPOR DIFFUSION, HANGING DROP' 
_exptl_crystal_grow.temp            293.0 
_exptl_crystal_grow.temp_details    ? 
_exptl_crystal_grow.pH              4.2 
_exptl_crystal_grow.pdbx_details    
'ammonium sulfate, sodium acetate, glycerol, pH 4.2, VAPOR DIFFUSION, HANGING DROP, temperature 20.0K' 
_exptl_crystal_grow.pdbx_pH_range   ? 
# 
_diffrn.id                     1 
_diffrn.ambient_temp           100.0 
_diffrn.ambient_temp_details   ? 
_diffrn.crystal_id             1 
# 
_diffrn_detector.diffrn_id              1 
_diffrn_detector.detector               CCD 
_diffrn_detector.type                   OTHER 
_diffrn_detector.pdbx_collection_date   1998-04-29 
_diffrn_detector.details                ? 
# 
_diffrn_radiation.diffrn_id                        1 
_diffrn_radiation.wavelength_id                    1 
_diffrn_radiation.pdbx_monochromatic_or_laue_m_l   M 
_diffrn_radiation.monochromator                    ? 
_diffrn_radiation.pdbx_diffrn_protocol             'SINGLE WAVELENGTH' 
_diffrn_radiation.pdbx_scattering_type             x-ray 
# 
_diffrn_radiation_wavelength.id           1 
_diffrn_radiation_wavelength.wavelength   0.933 
_diffrn_radiation_wavelength.wt           1.0 
# 
_diffrn_source.diffrn_id                   1 
_diffrn_source.source                      SYNCHROTRON 
_diffrn_source.type                        'ESRF BEAMLINE BM14' 
_diffrn_source.pdbx_synchrotron_site       ESRF 
_diffrn_source.pdbx_synchrotron_beamline   BM14 
_diffrn_source.pdbx_wavelength             0.933 
_diffrn_source.pdbx_wavelength_list        ? 
# 
_reflns.entry_id                     1QD0 
_reflns.observed_criterion_sigma_I   2.000 
_reflns.observed_criterion_sigma_F   ? 
_reflns.d_resolution_low             20.000 
_reflns.d_resolution_high            2.300 
_reflns.number_obs                   57351 
_reflns.number_all                   ? 
_reflns.percent_possible_obs         96.0 
_reflns.pdbx_Rmerge_I_obs            0.06 
_reflns.pdbx_Rsym_value              ? 
_reflns.pdbx_netI_over_sigmaI        9.2000 
_reflns.B_iso_Wilson_estimate        30.00 
_reflns.pdbx_redundancy              3.000 
_reflns.R_free_details               ? 
_reflns.limit_h_max                  ? 
_reflns.limit_h_min                  ? 
_reflns.limit_k_max                  ? 
_reflns.limit_k_min                  ? 
_reflns.limit_l_max                  ? 
_reflns.limit_l_min                  ? 
_reflns.observed_criterion_F_max     ? 
_reflns.observed_criterion_F_min     ? 
_reflns.pdbx_ordinal                 1 
_reflns.pdbx_diffrn_id               1 
# 
_reflns_shell.d_res_high             2.50 
_reflns_shell.d_res_low              2.60 
_reflns_shell.percent_possible_all   62.0 
_reflns_shell.Rmerge_I_obs           0.25 
_reflns_shell.pdbx_Rsym_value        ? 
_reflns_shell.meanI_over_sigI_obs    ? 
_reflns_shell.pdbx_redundancy        2.50 
_reflns_shell.percent_possible_obs   ? 
_reflns_shell.number_unique_all      ? 
_reflns_shell.pdbx_ordinal           1 
_reflns_shell.pdbx_diffrn_id         1 
# 
_refine.entry_id                                 1QD0 
_refine.ls_number_reflns_obs                     8300 
_refine.ls_number_reflns_all                     ? 
_refine.pdbx_ls_sigma_I                          ? 
_refine.pdbx_ls_sigma_F                          2.000 
_refine.pdbx_data_cutoff_high_absF               ? 
_refine.pdbx_data_cutoff_low_absF                ? 
_refine.pdbx_data_cutoff_high_rms_absF           ? 
_refine.ls_d_res_low                             12.0 
_refine.ls_d_res_high                            2.50 
_refine.ls_percent_reflns_obs                    80.0 
_refine.ls_R_factor_obs                          0.21 
_refine.ls_R_factor_all                          ? 
_refine.ls_R_factor_R_work                       0.21 
_refine.ls_R_factor_R_free                       0.28 
_refine.ls_R_factor_R_free_error                 ? 
_refine.ls_R_factor_R_free_error_details         ? 
_refine.ls_percent_reflns_R_free                 ? 
_refine.ls_number_reflns_R_free                  800 
_refine.ls_number_parameters                     ? 
_refine.ls_number_restraints                     ? 
_refine.occupancy_min                            ? 
_refine.occupancy_max                            ? 
_refine.B_iso_mean                               ? 
_refine.aniso_B[1][1]                            ? 
_refine.aniso_B[2][2]                            ? 
_refine.aniso_B[3][3]                            ? 
_refine.aniso_B[1][2]                            ? 
_refine.aniso_B[1][3]                            ? 
_refine.aniso_B[2][3]                            ? 
_refine.solvent_model_details                    ? 
_refine.solvent_model_param_ksol                 ? 
_refine.solvent_model_param_bsol                 ? 
_refine.pdbx_ls_cross_valid_method               ? 
_refine.details                                  ? 
_refine.pdbx_starting_model                      ? 
_refine.pdbx_method_to_determine_struct          ? 
_refine.pdbx_isotropic_thermal_model             ? 
_refine.pdbx_stereochemistry_target_values       ? 
_refine.pdbx_stereochem_target_val_spec_case     ? 
_refine.pdbx_R_Free_selection_details            RANDOM 
_refine.pdbx_overall_ESU_R                       ? 
_refine.pdbx_overall_ESU_R_Free                  ? 
_refine.overall_SU_ML                            ? 
_refine.overall_SU_B                             ? 
_refine.ls_redundancy_reflns_obs                 ? 
_refine.B_iso_min                                ? 
_refine.B_iso_max                                ? 
_refine.pdbx_refine_id                           'X-RAY DIFFRACTION' 
_refine.pdbx_diffrn_id                           1 
_refine.pdbx_TLS_residual_ADP_flag               ? 
_refine.correlation_coeff_Fo_to_Fc               ? 
_refine.correlation_coeff_Fo_to_Fc_free          ? 
_refine.pdbx_solvent_vdw_probe_radii             ? 
_refine.pdbx_solvent_ion_probe_radii             ? 
_refine.pdbx_solvent_shrinkage_radii             ? 
_refine.pdbx_overall_phase_error                 ? 
_refine.overall_SU_R_Cruickshank_DPI             ? 
_refine.pdbx_overall_SU_R_free_Cruickshank_DPI   ? 
_refine.pdbx_overall_SU_R_Blow_DPI               ? 
_refine.pdbx_overall_SU_R_free_Blow_DPI          ? 
# 
_refine_hist.pdbx_refine_id                   'X-RAY DIFFRACTION' 
_refine_hist.cycle_id                         LAST 
_refine_hist.pdbx_number_atoms_protein        977 
_refine_hist.pdbx_number_atoms_nucleic_acid   0 
_refine_hist.pdbx_number_atoms_ligand         74 
_refine_hist.number_atoms_solvent             54 
_refine_hist.number_atoms_total               1105 
_refine_hist.d_res_high                       2.50 
_refine_hist.d_res_low                        12.0 
# 
loop_
_refine_ls_restr.type 
_refine_ls_restr.dev_ideal 
_refine_ls_restr.dev_ideal_target 
_refine_ls_restr.weight 
_refine_ls_restr.number 
_refine_ls_restr.pdbx_refine_id 
_refine_ls_restr.pdbx_restraint_function 
x_bond_d                0.016 ? ? ? 'X-RAY DIFFRACTION' ? 
x_bond_d_na             ?     ? ? ? 'X-RAY DIFFRACTION' ? 
x_bond_d_prot           ?     ? ? ? 'X-RAY DIFFRACTION' ? 
x_angle_d               ?     ? ? ? 'X-RAY DIFFRACTION' ? 
x_angle_d_na            ?     ? ? ? 'X-RAY DIFFRACTION' ? 
x_angle_d_prot          ?     ? ? ? 'X-RAY DIFFRACTION' ? 
x_angle_deg             1.30  ? ? ? 'X-RAY DIFFRACTION' ? 
x_angle_deg_na          ?     ? ? ? 'X-RAY DIFFRACTION' ? 
x_angle_deg_prot        ?     ? ? ? 'X-RAY DIFFRACTION' ? 
x_dihedral_angle_d      ?     ? ? ? 'X-RAY DIFFRACTION' ? 
x_dihedral_angle_d_na   ?     ? ? ? 'X-RAY DIFFRACTION' ? 
x_dihedral_angle_d_prot ?     ? ? ? 'X-RAY DIFFRACTION' ? 
x_improper_angle_d      ?     ? ? ? 'X-RAY DIFFRACTION' ? 
x_improper_angle_d_na   ?     ? ? ? 'X-RAY DIFFRACTION' ? 
x_improper_angle_d_prot ?     ? ? ? 'X-RAY DIFFRACTION' ? 
x_mcbond_it             ?     ? ? ? 'X-RAY DIFFRACTION' ? 
x_mcangle_it            ?     ? ? ? 'X-RAY DIFFRACTION' ? 
x_scbond_it             ?     ? ? ? 'X-RAY DIFFRACTION' ? 
x_scangle_it            ?     ? ? ? 'X-RAY DIFFRACTION' ? 
# 
_struct.entry_id                  1QD0 
_struct.title                     'CAMELID HEAVY CHAIN VARIABLE DOMAINS PROVIDE EFFICIENT COMBINING SITES TO HAPTENS' 
_struct.pdbx_model_details        ? 
_struct.pdbx_CASP_flag            ? 
_struct.pdbx_model_type_details   ? 
# 
_struct_keywords.entry_id        1QD0 
_struct_keywords.pdbx_keywords   'IMMUNE SYSTEM' 
_struct_keywords.text            'CAMELID VH, IMMUNOGLOBULIN FRAGMENT, AZO-DYE, IMMUNE SYSTEM' 
# 
loop_
_struct_asym.id 
_struct_asym.pdbx_blank_PDB_chainid_flag 
_struct_asym.pdbx_modified 
_struct_asym.entity_id 
_struct_asym.details 
A N N 1 ? 
B N N 2 ? 
C N N 2 ? 
D N N 3 ? 
E N N 4 ? 
# 
_struct_ref.id                         1 
_struct_ref.db_name                    GB 
_struct_ref.db_code                    CAA15412 
_struct_ref.entity_id                  1 
_struct_ref.pdbx_seq_one_letter_code   
;QVQLQESGGGLVQAGGSLRLSCAASGRATSGHGHYGMGWFRQVPGKEREFVAAIRWSGKETWYKDSVKGRFTISRDNAKT
TVYLQMNSLKPEDTAVYYCAARPVRVDDISLPVGFDYWGQGTQVTVSS
;
_struct_ref.pdbx_align_begin           1 
_struct_ref.pdbx_db_accession          4165532 
_struct_ref.pdbx_db_isoform            ? 
# 
_struct_ref_seq.align_id                      1 
_struct_ref_seq.ref_id                        1 
_struct_ref_seq.pdbx_PDB_id_code              1QD0 
_struct_ref_seq.pdbx_strand_id                A 
_struct_ref_seq.seq_align_beg                 1 
_struct_ref_seq.pdbx_seq_align_beg_ins_code   ? 
_struct_ref_seq.seq_align_end                 128 
_struct_ref_seq.pdbx_seq_align_end_ins_code   ? 
_struct_ref_seq.pdbx_db_accession             4165532 
_struct_ref_seq.db_align_beg                  1 
_struct_ref_seq.pdbx_db_align_beg_ins_code    ? 
_struct_ref_seq.db_align_end                  128 
_struct_ref_seq.pdbx_db_align_end_ins_code    ? 
_struct_ref_seq.pdbx_auth_seq_align_beg       1 
_struct_ref_seq.pdbx_auth_seq_align_end       128 
# 
loop_
_struct_ref_seq_dif.align_id 
_struct_ref_seq_dif.pdbx_pdb_id_code 
_struct_ref_seq_dif.mon_id 
_struct_ref_seq_dif.pdbx_pdb_strand_id 
_struct_ref_seq_dif.seq_num 
_struct_ref_seq_dif.pdbx_pdb_ins_code 
_struct_ref_seq_dif.pdbx_seq_db_name 
_struct_ref_seq_dif.pdbx_seq_db_accession_code 
_struct_ref_seq_dif.db_mon_id 
_struct_ref_seq_dif.pdbx_seq_db_seq_num 
_struct_ref_seq_dif.details 
_struct_ref_seq_dif.pdbx_auth_seq_num 
_struct_ref_seq_dif.pdbx_ordinal 
1 1QD0 ALA A 29  ? GB 4165532 THR 29  conflict 29  1 
1 1QD0 GLY A 91  ? GB 4165532 PRO 91  conflict 91  2 
1 1QD0 ALA A 107 ? GB 4165532 ASP 107 conflict 107 3 
# 
loop_
_pdbx_struct_assembly.id 
_pdbx_struct_assembly.details 
_pdbx_struct_assembly.method_details 
_pdbx_struct_assembly.oligomeric_details 
_pdbx_struct_assembly.oligomeric_count 
1 author_defined_assembly   ?    monomeric 1 
2 software_defined_assembly PISA dimeric   2 
# 
loop_
_pdbx_struct_assembly_prop.biol_id 
_pdbx_struct_assembly_prop.type 
_pdbx_struct_assembly_prop.value 
_pdbx_struct_assembly_prop.details 
2 'ABSA (A^2)' 3520  ? 
2 MORE         -90   ? 
2 'SSA (A^2)'  13190 ? 
# 
loop_
_pdbx_struct_assembly_gen.assembly_id 
_pdbx_struct_assembly_gen.oper_expression 
_pdbx_struct_assembly_gen.asym_id_list 
1 1   A,B,C,D,E 
2 1,2 A,B,C,D,E 
# 
loop_
_pdbx_struct_oper_list.id 
_pdbx_struct_oper_list.type 
_pdbx_struct_oper_list.name 
_pdbx_struct_oper_list.symmetry_operation 
_pdbx_struct_oper_list.matrix[1][1] 
_pdbx_struct_oper_list.matrix[1][2] 
_pdbx_struct_oper_list.matrix[1][3] 
_pdbx_struct_oper_list.vector[1] 
_pdbx_struct_oper_list.matrix[2][1] 
_pdbx_struct_oper_list.matrix[2][2] 
_pdbx_struct_oper_list.matrix[2][3] 
_pdbx_struct_oper_list.vector[2] 
_pdbx_struct_oper_list.matrix[3][1] 
_pdbx_struct_oper_list.matrix[3][2] 
_pdbx_struct_oper_list.matrix[3][3] 
_pdbx_struct_oper_list.vector[3] 
1 'identity operation'         1_555 x,y,z          1.0000000000 0.0000000000 0.0000000000 0.0000000000  0.0000000000 1.0000000000  0.0000000000 0.0000000000   0.0000000000 0.0000000000 1.0000000000  0.0000000000  
2 'crystal symmetry operation' 6_554 -x,-x+y,-z-1/3 0.9520119898 0.2181437555 0.2146776032 -1.6201901371 0.2181437555 -0.9756217184 0.0239909277 -25.2258749017 0.2146776032 0.0239909277 -0.9763902714 40.3651686655 
# 
_struct_biol.id   1 
# 
loop_
_struct_conn.id 
_struct_conn.conn_type_id 
_struct_conn.pdbx_leaving_atom_flag 
_struct_conn.pdbx_PDB_id 
_struct_conn.ptnr1_label_asym_id 
_struct_conn.ptnr1_label_comp_id 
_struct_conn.ptnr1_label_seq_id 
_struct_conn.ptnr1_label_atom_id 
_struct_conn.pdbx_ptnr1_label_alt_id 
_struct_conn.pdbx_ptnr1_PDB_ins_code 
_struct_conn.pdbx_ptnr1_standard_comp_id 
_struct_conn.ptnr1_symmetry 
_struct_conn.ptnr2_label_asym_id 
_struct_conn.ptnr2_label_comp_id 
_struct_conn.ptnr2_label_seq_id 
_struct_conn.ptnr2_label_atom_id 
_struct_conn.pdbx_ptnr2_label_alt_id 
_struct_conn.pdbx_ptnr2_PDB_ins_code 
_struct_conn.ptnr1_auth_asym_id 
_struct_conn.ptnr1_auth_comp_id 
_struct_conn.ptnr1_auth_seq_id 
_struct_conn.ptnr2_auth_asym_id 
_struct_conn.ptnr2_auth_comp_id 
_struct_conn.ptnr2_auth_seq_id 
_struct_conn.ptnr2_symmetry 
_struct_conn.pdbx_ptnr3_label_atom_id 
_struct_conn.pdbx_ptnr3_label_seq_id 
_struct_conn.pdbx_ptnr3_label_comp_id 
_struct_conn.pdbx_ptnr3_label_asym_id 
_struct_conn.pdbx_ptnr3_label_alt_id 
_struct_conn.pdbx_ptnr3_PDB_ins_code 
_struct_conn.details 
_struct_conn.pdbx_dist_value 
_struct_conn.pdbx_value_order 
_struct_conn.pdbx_role 
disulf1  disulf ? ? A CYS 22 SG  ? ? ? 1_555 A CYS 99 SG  ? ? A CYS 22   A CYS 99   1_555 ? ? ? ? ? ? ? 2.031 ? ? 
metalc1  metalc ? ? A HIS 32 NE2 ? ? ? 1_555 C CU  .  CU  ? ? A HIS 32   A CU  1002 1_555 ? ? ? ? ? ? ? 2.182 ? ? 
metalc2  metalc ? ? A HIS 34 NE2 ? ? ? 1_555 B CU  .  CU  ? ? A HIS 34   A CU  1001 1_555 ? ? ? ? ? ? ? 2.350 ? ? 
metalc3  metalc ? ? B CU  .  CU  ? ? ? 1_555 D RR6 .  O29 ? ? A CU  1001 A RR6 1003 1_555 ? ? ? ? ? ? ? 2.223 ? ? 
metalc4  metalc ? ? B CU  .  CU  ? ? ? 1_555 D RR6 .  N1  ? ? A CU  1001 A RR6 1003 1_555 ? ? ? ? ? ? ? 2.045 ? ? 
metalc5  metalc ? ? B CU  .  CU  ? ? ? 1_555 D RR6 .  N2  ? ? A CU  1001 A RR6 1003 1_555 ? ? ? ? ? ? ? 2.575 ? ? 
metalc6  metalc ? ? B CU  .  CU  ? ? ? 1_555 D RR6 .  O28 ? ? A CU  1001 A RR6 1003 1_555 ? ? ? ? ? ? ? 2.039 ? ? 
metalc7  metalc ? ? C CU  .  CU  ? ? ? 1_555 D RR6 .  O79 ? ? A CU  1002 A RR6 1003 1_555 ? ? ? ? ? ? ? 2.141 ? ? 
metalc8  metalc ? ? C CU  .  CU  ? ? ? 1_555 D RR6 .  N52 ? ? A CU  1002 A RR6 1003 1_555 ? ? ? ? ? ? ? 1.902 ? ? 
metalc9  metalc ? ? C CU  .  CU  ? ? ? 1_555 D RR6 .  O78 ? ? A CU  1002 A RR6 1003 1_555 ? ? ? ? ? ? ? 2.048 ? ? 
metalc10 metalc ? ? C CU  .  CU  ? ? ? 1_555 D RR6 .  O41 ? ? A CU  1002 A RR6 1003 6_554 ? ? ? ? ? ? ? 2.639 ? ? 
# 
loop_
_struct_conn_type.id 
_struct_conn_type.criteria 
_struct_conn_type.reference 
disulf ? ? 
metalc ? ? 
# 
loop_
_pdbx_struct_conn_angle.id 
_pdbx_struct_conn_angle.ptnr1_label_atom_id 
_pdbx_struct_conn_angle.ptnr1_label_alt_id 
_pdbx_struct_conn_angle.ptnr1_label_asym_id 
_pdbx_struct_conn_angle.ptnr1_label_comp_id 
_pdbx_struct_conn_angle.ptnr1_label_seq_id 
_pdbx_struct_conn_angle.ptnr1_auth_atom_id 
_pdbx_struct_conn_angle.ptnr1_auth_asym_id 
_pdbx_struct_conn_angle.ptnr1_auth_comp_id 
_pdbx_struct_conn_angle.ptnr1_auth_seq_id 
_pdbx_struct_conn_angle.ptnr1_PDB_ins_code 
_pdbx_struct_conn_angle.ptnr1_symmetry 
_pdbx_struct_conn_angle.ptnr2_label_atom_id 
_pdbx_struct_conn_angle.ptnr2_label_alt_id 
_pdbx_struct_conn_angle.ptnr2_label_asym_id 
_pdbx_struct_conn_angle.ptnr2_label_comp_id 
_pdbx_struct_conn_angle.ptnr2_label_seq_id 
_pdbx_struct_conn_angle.ptnr2_auth_atom_id 
_pdbx_struct_conn_angle.ptnr2_auth_asym_id 
_pdbx_struct_conn_angle.ptnr2_auth_comp_id 
_pdbx_struct_conn_angle.ptnr2_auth_seq_id 
_pdbx_struct_conn_angle.ptnr2_PDB_ins_code 
_pdbx_struct_conn_angle.ptnr2_symmetry 
_pdbx_struct_conn_angle.ptnr3_label_atom_id 
_pdbx_struct_conn_angle.ptnr3_label_alt_id 
_pdbx_struct_conn_angle.ptnr3_label_asym_id 
_pdbx_struct_conn_angle.ptnr3_label_comp_id 
_pdbx_struct_conn_angle.ptnr3_label_seq_id 
_pdbx_struct_conn_angle.ptnr3_auth_atom_id 
_pdbx_struct_conn_angle.ptnr3_auth_asym_id 
_pdbx_struct_conn_angle.ptnr3_auth_comp_id 
_pdbx_struct_conn_angle.ptnr3_auth_seq_id 
_pdbx_struct_conn_angle.ptnr3_PDB_ins_code 
_pdbx_struct_conn_angle.ptnr3_symmetry 
_pdbx_struct_conn_angle.value 
_pdbx_struct_conn_angle.value_esd 
1  NE2 ? A HIS 32 ? A HIS 32   ? 1_555 CU ? C CU . ? A CU 1002 ? 1_555 O79 ? D RR6 . ? A RR6 1003 ? 1_555 93.8  ? 
2  NE2 ? A HIS 32 ? A HIS 32   ? 1_555 CU ? C CU . ? A CU 1002 ? 1_555 N52 ? D RR6 . ? A RR6 1003 ? 1_555 172.4 ? 
3  O79 ? D RR6 .  ? A RR6 1003 ? 1_555 CU ? C CU . ? A CU 1002 ? 1_555 N52 ? D RR6 . ? A RR6 1003 ? 1_555 87.1  ? 
4  NE2 ? A HIS 32 ? A HIS 32   ? 1_555 CU ? C CU . ? A CU 1002 ? 1_555 O78 ? D RR6 . ? A RR6 1003 ? 1_555 89.3  ? 
5  O79 ? D RR6 .  ? A RR6 1003 ? 1_555 CU ? C CU . ? A CU 1002 ? 1_555 O78 ? D RR6 . ? A RR6 1003 ? 1_555 150.3 ? 
6  N52 ? D RR6 .  ? A RR6 1003 ? 1_555 CU ? C CU . ? A CU 1002 ? 1_555 O78 ? D RR6 . ? A RR6 1003 ? 1_555 86.2  ? 
7  NE2 ? A HIS 32 ? A HIS 32   ? 1_555 CU ? C CU . ? A CU 1002 ? 1_555 O41 ? D RR6 . ? A RR6 1003 ? 6_554 93.2  ? 
8  O79 ? D RR6 .  ? A RR6 1003 ? 1_555 CU ? C CU . ? A CU 1002 ? 1_555 O41 ? D RR6 . ? A RR6 1003 ? 6_554 96.3  ? 
9  N52 ? D RR6 .  ? A RR6 1003 ? 1_555 CU ? C CU . ? A CU 1002 ? 1_555 O41 ? D RR6 . ? A RR6 1003 ? 6_554 94.2  ? 
10 O78 ? D RR6 .  ? A RR6 1003 ? 1_555 CU ? C CU . ? A CU 1002 ? 1_555 O41 ? D RR6 . ? A RR6 1003 ? 6_554 113.0 ? 
11 NE2 ? A HIS 34 ? A HIS 34   ? 1_555 CU ? B CU . ? A CU 1001 ? 1_555 O29 ? D RR6 . ? A RR6 1003 ? 1_555 92.2  ? 
12 NE2 ? A HIS 34 ? A HIS 34   ? 1_555 CU ? B CU . ? A CU 1001 ? 1_555 N1  ? D RR6 . ? A RR6 1003 ? 1_555 166.9 ? 
13 O29 ? D RR6 .  ? A RR6 1003 ? 1_555 CU ? B CU . ? A CU 1001 ? 1_555 N1  ? D RR6 . ? A RR6 1003 ? 1_555 85.6  ? 
14 NE2 ? A HIS 34 ? A HIS 34   ? 1_555 CU ? B CU . ? A CU 1001 ? 1_555 N2  ? D RR6 . ? A RR6 1003 ? 1_555 160.3 ? 
15 O29 ? D RR6 .  ? A RR6 1003 ? 1_555 CU ? B CU . ? A CU 1001 ? 1_555 N2  ? D RR6 . ? A RR6 1003 ? 1_555 106.7 ? 
16 N1  ? D RR6 .  ? A RR6 1003 ? 1_555 CU ? B CU . ? A CU 1001 ? 1_555 N2  ? D RR6 . ? A RR6 1003 ? 1_555 27.9  ? 
17 NE2 ? A HIS 34 ? A HIS 34   ? 1_555 CU ? B CU . ? A CU 1001 ? 1_555 O28 ? D RR6 . ? A RR6 1003 ? 1_555 86.1  ? 
18 O29 ? D RR6 .  ? A RR6 1003 ? 1_555 CU ? B CU . ? A CU 1001 ? 1_555 O28 ? D RR6 . ? A RR6 1003 ? 1_555 176.1 ? 
19 N1  ? D RR6 .  ? A RR6 1003 ? 1_555 CU ? B CU . ? A CU 1001 ? 1_555 O28 ? D RR6 . ? A RR6 1003 ? 1_555 96.9  ? 
20 N2  ? D RR6 .  ? A RR6 1003 ? 1_555 CU ? B CU . ? A CU 1001 ? 1_555 O28 ? D RR6 . ? A RR6 1003 ? 1_555 74.7  ? 
# 
_pdbx_modification_feature.ordinal                            1 
_pdbx_modification_feature.label_comp_id                      CYS 
_pdbx_modification_feature.label_asym_id                      A 
_pdbx_modification_feature.label_seq_id                       22 
_pdbx_modification_feature.label_alt_id                       ? 
_pdbx_modification_feature.modified_residue_label_comp_id     CYS 
_pdbx_modification_feature.modified_residue_label_asym_id     A 
_pdbx_modification_feature.modified_residue_label_seq_id      99 
_pdbx_modification_feature.modified_residue_label_alt_id      ? 
_pdbx_modification_feature.auth_comp_id                       CYS 
_pdbx_modification_feature.auth_asym_id                       A 
_pdbx_modification_feature.auth_seq_id                        22 
_pdbx_modification_feature.PDB_ins_code                       ? 
_pdbx_modification_feature.symmetry                           1_555 
_pdbx_modification_feature.modified_residue_auth_comp_id      CYS 
_pdbx_modification_feature.modified_residue_auth_asym_id      A 
_pdbx_modification_feature.modified_residue_auth_seq_id       99 
_pdbx_modification_feature.modified_residue_PDB_ins_code      ? 
_pdbx_modification_feature.modified_residue_symmetry          1_555 
_pdbx_modification_feature.comp_id_linking_atom               SG 
_pdbx_modification_feature.modified_residue_id_linking_atom   SG 
_pdbx_modification_feature.modified_residue_id                . 
_pdbx_modification_feature.ref_pcm_id                         . 
_pdbx_modification_feature.ref_comp_id                        . 
_pdbx_modification_feature.type                               None 
_pdbx_modification_feature.category                           'Disulfide bridge' 
# 
loop_
_struct_sheet.id 
_struct_sheet.type 
_struct_sheet.number_strands 
_struct_sheet.details 
A  ? 4 ? 
B  ? 5 ? 
B1 ? 6 ? 
# 
loop_
_struct_sheet_order.sheet_id 
_struct_sheet_order.range_id_1 
_struct_sheet_order.range_id_2 
_struct_sheet_order.offset 
_struct_sheet_order.sense 
A  1 2 ? anti-parallel 
A  2 3 ? anti-parallel 
A  3 4 ? anti-parallel 
B  1 2 ? anti-parallel 
B  2 3 ? anti-parallel 
B  3 4 ? anti-parallel 
B  4 5 ? anti-parallel 
B1 1 2 ? anti-parallel 
B1 2 3 ? anti-parallel 
B1 3 4 ? anti-parallel 
B1 4 5 ? anti-parallel 
B1 5 6 ? parallel      
# 
loop_
_struct_sheet_range.sheet_id 
_struct_sheet_range.id 
_struct_sheet_range.beg_label_comp_id 
_struct_sheet_range.beg_label_asym_id 
_struct_sheet_range.beg_label_seq_id 
_struct_sheet_range.pdbx_beg_PDB_ins_code 
_struct_sheet_range.end_label_comp_id 
_struct_sheet_range.end_label_asym_id 
_struct_sheet_range.end_label_seq_id 
_struct_sheet_range.pdbx_end_PDB_ins_code 
_struct_sheet_range.beg_auth_comp_id 
_struct_sheet_range.beg_auth_asym_id 
_struct_sheet_range.beg_auth_seq_id 
_struct_sheet_range.end_auth_comp_id 
_struct_sheet_range.end_auth_asym_id 
_struct_sheet_range.end_auth_seq_id 
A  1 GLN A 3   ? SER A 7   ? GLN A 3   SER A 7   
A  2 SER A 17  ? SER A 25  ? SER A 17  SER A 25  
A  3 VAL A 82  ? ASN A 87  ? VAL A 82  ASN A 87  
A  4 PHE A 71  ? SER A 74  ? PHE A 71  SER A 74  
B  1 THR A 61  ? TYR A 63  ? THR A 61  TYR A 63  
B  2 GLU A 49  ? ILE A 54  ? GLU A 49  ILE A 54  
B  3 GLY A 36  ? GLN A 42  ? GLY A 36  GLN A 42  
B  4 ALA A 95  ? ARG A 102 ? ALA A 95  ARG A 102 
B  5 TYR A 117 ? TRP A 118 ? TYR A 117 TRP A 118 
B1 1 THR A 61  ? TYR A 63  ? THR A 61  TYR A 63  
B1 2 GLU A 49  ? ILE A 54  ? GLU A 49  ILE A 54  
B1 3 GLY A 36  ? GLN A 42  ? GLY A 36  GLN A 42  
B1 4 ALA A 95  ? ARG A 102 ? ALA A 95  ARG A 102 
B1 5 THR A 122 ? SER A 127 ? THR A 122 SER A 127 
B1 6 LEU A 11  ? GLN A 13  ? LEU A 11  GLN A 13  
# 
loop_
_pdbx_struct_sheet_hbond.sheet_id 
_pdbx_struct_sheet_hbond.range_id_1 
_pdbx_struct_sheet_hbond.range_id_2 
_pdbx_struct_sheet_hbond.range_1_label_atom_id 
_pdbx_struct_sheet_hbond.range_1_label_comp_id 
_pdbx_struct_sheet_hbond.range_1_label_asym_id 
_pdbx_struct_sheet_hbond.range_1_label_seq_id 
_pdbx_struct_sheet_hbond.range_1_PDB_ins_code 
_pdbx_struct_sheet_hbond.range_1_auth_atom_id 
_pdbx_struct_sheet_hbond.range_1_auth_comp_id 
_pdbx_struct_sheet_hbond.range_1_auth_asym_id 
_pdbx_struct_sheet_hbond.range_1_auth_seq_id 
_pdbx_struct_sheet_hbond.range_2_label_atom_id 
_pdbx_struct_sheet_hbond.range_2_label_comp_id 
_pdbx_struct_sheet_hbond.range_2_label_asym_id 
_pdbx_struct_sheet_hbond.range_2_label_seq_id 
_pdbx_struct_sheet_hbond.range_2_PDB_ins_code 
_pdbx_struct_sheet_hbond.range_2_auth_atom_id 
_pdbx_struct_sheet_hbond.range_2_auth_comp_id 
_pdbx_struct_sheet_hbond.range_2_auth_asym_id 
_pdbx_struct_sheet_hbond.range_2_auth_seq_id 
A  1 2 O SER A 7   ? O SER A 7   N SER A 21  ? N SER A 21  
A  2 3 N CYS A 22  ? N CYS A 22  O VAL A 82  ? O VAL A 82  
A  3 4 N GLN A 85  ? N GLN A 85  O THR A 72  ? O THR A 72  
B  1 2 N TRP A 62  ? N TRP A 62  O ALA A 53  ? O ALA A 53  
B  2 3 N ILE A 54  ? N ILE A 54  O MET A 37  ? O MET A 37  
B  3 4 N GLN A 42  ? N GLN A 42  O VAL A 96  ? O VAL A 96  
B  4 5 O ALA A 101 ? O ALA A 101 N TYR A 117 ? N TYR A 117 
B1 1 2 N TRP A 62  ? N TRP A 62  O ALA A 53  ? O ALA A 53  
B1 2 3 N ILE A 54  ? N ILE A 54  O MET A 37  ? O MET A 37  
B1 3 4 N GLN A 42  ? N GLN A 42  O VAL A 96  ? O VAL A 96  
B1 4 5 N TYR A 97  ? N TYR A 97  O THR A 122 ? O THR A 122 
B1 5 6 N SER A 127 ? N SER A 127 O VAL A 12  ? O VAL A 12  
# 
loop_
_struct_site.id 
_struct_site.pdbx_evidence_code 
_struct_site.pdbx_auth_asym_id 
_struct_site.pdbx_auth_comp_id 
_struct_site.pdbx_auth_seq_id 
_struct_site.pdbx_auth_ins_code 
_struct_site.pdbx_num_residues 
_struct_site.details 
AC1 Software A CU  1001 ? 2  'BINDING SITE FOR RESIDUE CU A 1001'  
AC2 Software A CU  1002 ? 4  'BINDING SITE FOR RESIDUE CU A 1002'  
AC3 Software A RR6 1003 ? 20 'BINDING SITE FOR RESIDUE RR6 A 1003' 
# 
loop_
_struct_site_gen.id 
_struct_site_gen.site_id 
_struct_site_gen.pdbx_num_res 
_struct_site_gen.label_comp_id 
_struct_site_gen.label_asym_id 
_struct_site_gen.label_seq_id 
_struct_site_gen.pdbx_auth_ins_code 
_struct_site_gen.auth_comp_id 
_struct_site_gen.auth_asym_id 
_struct_site_gen.auth_seq_id 
_struct_site_gen.label_atom_id 
_struct_site_gen.label_alt_id 
_struct_site_gen.symmetry 
_struct_site_gen.details 
1  AC1 2  HIS A 34  ? HIS A 34   . ? 1_555 ? 
2  AC1 2  RR6 D .   ? RR6 A 1003 . ? 1_555 ? 
3  AC2 4  HIS A 32  ? HIS A 32   . ? 1_555 ? 
4  AC2 4  HIS A 34  ? HIS A 34   . ? 1_555 ? 
5  AC2 4  RR6 D .   ? RR6 A 1003 . ? 6_554 ? 
6  AC2 4  RR6 D .   ? RR6 A 1003 . ? 1_555 ? 
7  AC3 20 HIS A 32  ? HIS A 32   . ? 1_555 ? 
8  AC3 20 HIS A 32  ? HIS A 32   . ? 6_554 ? 
9  AC3 20 HIS A 34  ? HIS A 34   . ? 1_555 ? 
10 AC3 20 GLY A 36  ? GLY A 36   . ? 1_555 ? 
11 AC3 20 GLY A 45  ? GLY A 45   . ? 4_455 ? 
12 AC3 20 ARG A 55  ? ARG A 55   . ? 1_555 ? 
13 AC3 20 TRP A 56  ? TRP A 56   . ? 1_555 ? 
14 AC3 20 SER A 57  ? SER A 57   . ? 1_555 ? 
15 AC3 20 LYS A 59  ? LYS A 59   . ? 1_555 ? 
16 AC3 20 ARG A 102 ? ARG A 102  . ? 1_555 ? 
17 AC3 20 PRO A 103 ? PRO A 103  . ? 1_555 ? 
18 AC3 20 VAL A 104 ? VAL A 104  . ? 1_555 ? 
19 AC3 20 ARG A 105 ? ARG A 105  . ? 1_555 ? 
20 AC3 20 ARG A 105 ? ARG A 105  . ? 6_554 ? 
21 AC3 20 VAL A 106 ? VAL A 106  . ? 1_555 ? 
22 AC3 20 CU  B .   ? CU  A 1001 . ? 1_555 ? 
23 AC3 20 CU  C .   ? CU  A 1002 . ? 6_554 ? 
24 AC3 20 CU  C .   ? CU  A 1002 . ? 1_555 ? 
25 AC3 20 HOH E .   ? HOH A 1035 . ? 6_554 ? 
26 AC3 20 HOH E .   ? HOH A 1037 . ? 1_555 ? 
# 
_pdbx_entry_details.entry_id                   1QD0 
_pdbx_entry_details.compound_details           ? 
_pdbx_entry_details.source_details             ? 
_pdbx_entry_details.nonpolymer_details         ? 
_pdbx_entry_details.sequence_details           ? 
_pdbx_entry_details.has_ligand_of_interest     ? 
_pdbx_entry_details.has_protein_modification   Y 
# 
loop_
_pdbx_validate_close_contact.id 
_pdbx_validate_close_contact.PDB_model_num 
_pdbx_validate_close_contact.auth_atom_id_1 
_pdbx_validate_close_contact.auth_asym_id_1 
_pdbx_validate_close_contact.auth_comp_id_1 
_pdbx_validate_close_contact.auth_seq_id_1 
_pdbx_validate_close_contact.PDB_ins_code_1 
_pdbx_validate_close_contact.label_alt_id_1 
_pdbx_validate_close_contact.auth_atom_id_2 
_pdbx_validate_close_contact.auth_asym_id_2 
_pdbx_validate_close_contact.auth_comp_id_2 
_pdbx_validate_close_contact.auth_seq_id_2 
_pdbx_validate_close_contact.PDB_ins_code_2 
_pdbx_validate_close_contact.label_alt_id_2 
_pdbx_validate_close_contact.dist 
1 1 O   A LYS 79 ? ? N   A THR 80   ? ? 1.46 
2 1 NH1 A ARG 19 ? ? OE1 A GLN 85   ? ? 1.51 
3 1 OD2 A ASP 93 ? ? O   A HOH 1053 ? ? 1.76 
4 1 O   A VAL 82 ? ? N   A TYR 83   ? ? 1.80 
5 1 O   A GLY 91 ? ? OG1 A THR 94   ? ? 2.06 
6 1 OE1 A GLU 49 ? ? NZ  A LYS 64   ? ? 2.07 
7 1 NZ  A LYS 59 ? ? O87 A RR6 1003 ? ? 2.11 
# 
loop_
_pdbx_validate_rmsd_bond.id 
_pdbx_validate_rmsd_bond.PDB_model_num 
_pdbx_validate_rmsd_bond.auth_atom_id_1 
_pdbx_validate_rmsd_bond.auth_asym_id_1 
_pdbx_validate_rmsd_bond.auth_comp_id_1 
_pdbx_validate_rmsd_bond.auth_seq_id_1 
_pdbx_validate_rmsd_bond.PDB_ins_code_1 
_pdbx_validate_rmsd_bond.label_alt_id_1 
_pdbx_validate_rmsd_bond.auth_atom_id_2 
_pdbx_validate_rmsd_bond.auth_asym_id_2 
_pdbx_validate_rmsd_bond.auth_comp_id_2 
_pdbx_validate_rmsd_bond.auth_seq_id_2 
_pdbx_validate_rmsd_bond.PDB_ins_code_2 
_pdbx_validate_rmsd_bond.label_alt_id_2 
_pdbx_validate_rmsd_bond.bond_value 
_pdbx_validate_rmsd_bond.bond_target_value 
_pdbx_validate_rmsd_bond.bond_deviation 
_pdbx_validate_rmsd_bond.bond_standard_deviation 
_pdbx_validate_rmsd_bond.linker_flag 
1 1 C  A VAL 12 ? ? N  A GLN 13 ? ? 1.121 1.336 -0.215 0.023 Y 
2 1 CA A GLY 16 ? ? C  A GLY 16 ? ? 1.742 1.514 0.228  0.016 N 
3 1 C  A GLY 16 ? ? O  A GLY 16 ? ? 1.335 1.232 0.103  0.016 N 
4 1 CA A VAL 51 ? ? CB A VAL 51 ? ? 1.399 1.543 -0.144 0.021 N 
5 1 C  A LYS 79 ? ? N  A THR 80 ? ? 1.025 1.336 -0.311 0.023 Y 
6 1 C  A VAL 82 ? ? N  A TYR 83 ? ? 1.134 1.336 -0.202 0.023 Y 
7 1 C  A GLU 92 ? ? N  A ASP 93 ? ? 1.156 1.336 -0.180 0.023 Y 
8 1 C  A ASP 93 ? ? N  A THR 94 ? ? 1.034 1.336 -0.302 0.023 Y 
# 
loop_
_pdbx_validate_rmsd_angle.id 
_pdbx_validate_rmsd_angle.PDB_model_num 
_pdbx_validate_rmsd_angle.auth_atom_id_1 
_pdbx_validate_rmsd_angle.auth_asym_id_1 
_pdbx_validate_rmsd_angle.auth_comp_id_1 
_pdbx_validate_rmsd_angle.auth_seq_id_1 
_pdbx_validate_rmsd_angle.PDB_ins_code_1 
_pdbx_validate_rmsd_angle.label_alt_id_1 
_pdbx_validate_rmsd_angle.auth_atom_id_2 
_pdbx_validate_rmsd_angle.auth_asym_id_2 
_pdbx_validate_rmsd_angle.auth_comp_id_2 
_pdbx_validate_rmsd_angle.auth_seq_id_2 
_pdbx_validate_rmsd_angle.PDB_ins_code_2 
_pdbx_validate_rmsd_angle.label_alt_id_2 
_pdbx_validate_rmsd_angle.auth_atom_id_3 
_pdbx_validate_rmsd_angle.auth_asym_id_3 
_pdbx_validate_rmsd_angle.auth_comp_id_3 
_pdbx_validate_rmsd_angle.auth_seq_id_3 
_pdbx_validate_rmsd_angle.PDB_ins_code_3 
_pdbx_validate_rmsd_angle.label_alt_id_3 
_pdbx_validate_rmsd_angle.angle_value 
_pdbx_validate_rmsd_angle.angle_target_value 
_pdbx_validate_rmsd_angle.angle_deviation 
_pdbx_validate_rmsd_angle.angle_standard_deviation 
_pdbx_validate_rmsd_angle.linker_flag 
1  1 CA A GLY 16  ? ? C  A GLY 16  ? ? N   A SER 17  ? ? 102.29 117.20 -14.91 2.20 Y 
2  1 CB A ALA 28  ? ? CA A ALA 28  ? ? C   A ALA 28  ? ? 95.16  110.10 -14.94 1.50 N 
3  1 N  A ALA 28  ? ? CA A ALA 28  ? ? CB  A ALA 28  ? ? 131.71 110.10 21.61  1.40 N 
4  1 NE A ARG 70  ? ? CZ A ARG 70  ? ? NH2 A ARG 70  ? ? 123.76 120.30 3.46   0.50 N 
5  1 NE A ARG 75  ? ? CZ A ARG 75  ? ? NH2 A ARG 75  ? ? 123.69 120.30 3.39   0.50 N 
6  1 CA A LYS 79  ? ? C  A LYS 79  ? ? N   A THR 80  ? ? 147.23 117.20 30.03  2.20 Y 
7  1 O  A LYS 79  ? ? C  A LYS 79  ? ? N   A THR 80  ? ? 83.69  122.70 -39.01 1.60 Y 
8  1 C  A LYS 79  ? ? N  A THR 80  ? ? CA  A THR 80  ? ? 158.49 121.70 36.79  2.50 Y 
9  1 CA A VAL 82  ? ? C  A VAL 82  ? ? N   A TYR 83  ? ? 135.22 117.20 18.02  2.20 Y 
10 1 O  A VAL 82  ? ? C  A VAL 82  ? ? N   A TYR 83  ? ? 100.00 122.70 -22.70 1.60 Y 
11 1 O  A GLY 119 ? ? C  A GLY 119 ? ? N   A GLN 120 ? ? 134.22 122.70 11.52  1.60 Y 
12 1 CB A GLN 120 ? ? CA A GLN 120 ? ? C   A GLN 120 ? ? 94.34  110.40 -16.06 2.00 N 
# 
loop_
_pdbx_validate_torsion.id 
_pdbx_validate_torsion.PDB_model_num 
_pdbx_validate_torsion.auth_comp_id 
_pdbx_validate_torsion.auth_asym_id 
_pdbx_validate_torsion.auth_seq_id 
_pdbx_validate_torsion.PDB_ins_code 
_pdbx_validate_torsion.label_alt_id 
_pdbx_validate_torsion.phi 
_pdbx_validate_torsion.psi 
1 1 ALA A 95  ? ? 174.93 -168.17 
2 1 PRO A 112 ? ? -63.87 1.22    
# 
_pdbx_validate_peptide_omega.id               1 
_pdbx_validate_peptide_omega.PDB_model_num    1 
_pdbx_validate_peptide_omega.auth_comp_id_1   LYS 
_pdbx_validate_peptide_omega.auth_asym_id_1   A 
_pdbx_validate_peptide_omega.auth_seq_id_1    79 
_pdbx_validate_peptide_omega.PDB_ins_code_1   ? 
_pdbx_validate_peptide_omega.label_alt_id_1   ? 
_pdbx_validate_peptide_omega.auth_comp_id_2   THR 
_pdbx_validate_peptide_omega.auth_asym_id_2   A 
_pdbx_validate_peptide_omega.auth_seq_id_2    80 
_pdbx_validate_peptide_omega.PDB_ins_code_2   ? 
_pdbx_validate_peptide_omega.label_alt_id_2   ? 
_pdbx_validate_peptide_omega.omega            101.26 
# 
loop_
_pdbx_validate_planes.id 
_pdbx_validate_planes.PDB_model_num 
_pdbx_validate_planes.auth_comp_id 
_pdbx_validate_planes.auth_asym_id 
_pdbx_validate_planes.auth_seq_id 
_pdbx_validate_planes.PDB_ins_code 
_pdbx_validate_planes.label_alt_id 
_pdbx_validate_planes.rmsd 
_pdbx_validate_planes.type 
1 1 ARG A 70  ? ? 0.085 'SIDE CHAIN' 
2 1 ARG A 102 ? ? 0.231 'SIDE CHAIN' 
3 1 ARG A 105 ? ? 0.110 'SIDE CHAIN' 
# 
loop_
_pdbx_validate_main_chain_plane.id 
_pdbx_validate_main_chain_plane.PDB_model_num 
_pdbx_validate_main_chain_plane.auth_comp_id 
_pdbx_validate_main_chain_plane.auth_asym_id 
_pdbx_validate_main_chain_plane.auth_seq_id 
_pdbx_validate_main_chain_plane.PDB_ins_code 
_pdbx_validate_main_chain_plane.label_alt_id 
_pdbx_validate_main_chain_plane.improper_torsion_angle 
1 1 LYS A 79 ? ? 18.73 
2 1 VAL A 82 ? ? 19.10 
# 
loop_
_pdbx_validate_polymer_linkage.id 
_pdbx_validate_polymer_linkage.PDB_model_num 
_pdbx_validate_polymer_linkage.auth_atom_id_1 
_pdbx_validate_polymer_linkage.auth_asym_id_1 
_pdbx_validate_polymer_linkage.auth_comp_id_1 
_pdbx_validate_polymer_linkage.auth_seq_id_1 
_pdbx_validate_polymer_linkage.PDB_ins_code_1 
_pdbx_validate_polymer_linkage.label_alt_id_1 
_pdbx_validate_polymer_linkage.auth_atom_id_2 
_pdbx_validate_polymer_linkage.auth_asym_id_2 
_pdbx_validate_polymer_linkage.auth_comp_id_2 
_pdbx_validate_polymer_linkage.auth_seq_id_2 
_pdbx_validate_polymer_linkage.PDB_ins_code_2 
_pdbx_validate_polymer_linkage.label_alt_id_2 
_pdbx_validate_polymer_linkage.dist 
1 1 C A VAL 12 ? ? N A GLN 13 ? ? 1.12 
2 1 C A LYS 79 ? ? N A THR 80 ? ? 1.02 
3 1 C A VAL 82 ? ? N A TYR 83 ? ? 1.13 
4 1 C A GLU 92 ? ? N A ASP 93 ? ? 1.16 
5 1 C A ASP 93 ? ? N A THR 94 ? ? 1.03 
# 
loop_
_chem_comp_atom.comp_id 
_chem_comp_atom.atom_id 
_chem_comp_atom.type_symbol 
_chem_comp_atom.pdbx_aromatic_flag 
_chem_comp_atom.pdbx_stereo_config 
_chem_comp_atom.pdbx_ordinal 
ALA N    N  N N 1   
ALA CA   C  N S 2   
ALA C    C  N N 3   
ALA O    O  N N 4   
ALA CB   C  N N 5   
ALA OXT  O  N N 6   
ALA H    H  N N 7   
ALA H2   H  N N 8   
ALA HA   H  N N 9   
ALA HB1  H  N N 10  
ALA HB2  H  N N 11  
ALA HB3  H  N N 12  
ALA HXT  H  N N 13  
ARG N    N  N N 14  
ARG CA   C  N S 15  
ARG C    C  N N 16  
ARG O    O  N N 17  
ARG CB   C  N N 18  
ARG CG   C  N N 19  
ARG CD   C  N N 20  
ARG NE   N  N N 21  
ARG CZ   C  N N 22  
ARG NH1  N  N N 23  
ARG NH2  N  N N 24  
ARG OXT  O  N N 25  
ARG H    H  N N 26  
ARG H2   H  N N 27  
ARG HA   H  N N 28  
ARG HB2  H  N N 29  
ARG HB3  H  N N 30  
ARG HG2  H  N N 31  
ARG HG3  H  N N 32  
ARG HD2  H  N N 33  
ARG HD3  H  N N 34  
ARG HE   H  N N 35  
ARG HH11 H  N N 36  
ARG HH12 H  N N 37  
ARG HH21 H  N N 38  
ARG HH22 H  N N 39  
ARG HXT  H  N N 40  
ASN N    N  N N 41  
ASN CA   C  N S 42  
ASN C    C  N N 43  
ASN O    O  N N 44  
ASN CB   C  N N 45  
ASN CG   C  N N 46  
ASN OD1  O  N N 47  
ASN ND2  N  N N 48  
ASN OXT  O  N N 49  
ASN H    H  N N 50  
ASN H2   H  N N 51  
ASN HA   H  N N 52  
ASN HB2  H  N N 53  
ASN HB3  H  N N 54  
ASN HD21 H  N N 55  
ASN HD22 H  N N 56  
ASN HXT  H  N N 57  
ASP N    N  N N 58  
ASP CA   C  N S 59  
ASP C    C  N N 60  
ASP O    O  N N 61  
ASP CB   C  N N 62  
ASP CG   C  N N 63  
ASP OD1  O  N N 64  
ASP OD2  O  N N 65  
ASP OXT  O  N N 66  
ASP H    H  N N 67  
ASP H2   H  N N 68  
ASP HA   H  N N 69  
ASP HB2  H  N N 70  
ASP HB3  H  N N 71  
ASP HD2  H  N N 72  
ASP HXT  H  N N 73  
CU  CU   CU N N 74  
CYS N    N  N N 75  
CYS CA   C  N R 76  
CYS C    C  N N 77  
CYS O    O  N N 78  
CYS CB   C  N N 79  
CYS SG   S  N N 80  
CYS OXT  O  N N 81  
CYS H    H  N N 82  
CYS H2   H  N N 83  
CYS HA   H  N N 84  
CYS HB2  H  N N 85  
CYS HB3  H  N N 86  
CYS HG   H  N N 87  
CYS HXT  H  N N 88  
GLN N    N  N N 89  
GLN CA   C  N S 90  
GLN C    C  N N 91  
GLN O    O  N N 92  
GLN CB   C  N N 93  
GLN CG   C  N N 94  
GLN CD   C  N N 95  
GLN OE1  O  N N 96  
GLN NE2  N  N N 97  
GLN OXT  O  N N 98  
GLN H    H  N N 99  
GLN H2   H  N N 100 
GLN HA   H  N N 101 
GLN HB2  H  N N 102 
GLN HB3  H  N N 103 
GLN HG2  H  N N 104 
GLN HG3  H  N N 105 
GLN HE21 H  N N 106 
GLN HE22 H  N N 107 
GLN HXT  H  N N 108 
GLU N    N  N N 109 
GLU CA   C  N S 110 
GLU C    C  N N 111 
GLU O    O  N N 112 
GLU CB   C  N N 113 
GLU CG   C  N N 114 
GLU CD   C  N N 115 
GLU OE1  O  N N 116 
GLU OE2  O  N N 117 
GLU OXT  O  N N 118 
GLU H    H  N N 119 
GLU H2   H  N N 120 
GLU HA   H  N N 121 
GLU HB2  H  N N 122 
GLU HB3  H  N N 123 
GLU HG2  H  N N 124 
GLU HG3  H  N N 125 
GLU HE2  H  N N 126 
GLU HXT  H  N N 127 
GLY N    N  N N 128 
GLY CA   C  N N 129 
GLY C    C  N N 130 
GLY O    O  N N 131 
GLY OXT  O  N N 132 
GLY H    H  N N 133 
GLY H2   H  N N 134 
GLY HA2  H  N N 135 
GLY HA3  H  N N 136 
GLY HXT  H  N N 137 
HIS N    N  N N 138 
HIS CA   C  N S 139 
HIS C    C  N N 140 
HIS O    O  N N 141 
HIS CB   C  N N 142 
HIS CG   C  Y N 143 
HIS ND1  N  Y N 144 
HIS CD2  C  Y N 145 
HIS CE1  C  Y N 146 
HIS NE2  N  Y N 147 
HIS OXT  O  N N 148 
HIS H    H  N N 149 
HIS H2   H  N N 150 
HIS HA   H  N N 151 
HIS HB2  H  N N 152 
HIS HB3  H  N N 153 
HIS HD1  H  N N 154 
HIS HD2  H  N N 155 
HIS HE1  H  N N 156 
HIS HE2  H  N N 157 
HIS HXT  H  N N 158 
HOH O    O  N N 159 
HOH H1   H  N N 160 
HOH H2   H  N N 161 
ILE N    N  N N 162 
ILE CA   C  N S 163 
ILE C    C  N N 164 
ILE O    O  N N 165 
ILE CB   C  N S 166 
ILE CG1  C  N N 167 
ILE CG2  C  N N 168 
ILE CD1  C  N N 169 
ILE OXT  O  N N 170 
ILE H    H  N N 171 
ILE H2   H  N N 172 
ILE HA   H  N N 173 
ILE HB   H  N N 174 
ILE HG12 H  N N 175 
ILE HG13 H  N N 176 
ILE HG21 H  N N 177 
ILE HG22 H  N N 178 
ILE HG23 H  N N 179 
ILE HD11 H  N N 180 
ILE HD12 H  N N 181 
ILE HD13 H  N N 182 
ILE HXT  H  N N 183 
LEU N    N  N N 184 
LEU CA   C  N S 185 
LEU C    C  N N 186 
LEU O    O  N N 187 
LEU CB   C  N N 188 
LEU CG   C  N N 189 
LEU CD1  C  N N 190 
LEU CD2  C  N N 191 
LEU OXT  O  N N 192 
LEU H    H  N N 193 
LEU H2   H  N N 194 
LEU HA   H  N N 195 
LEU HB2  H  N N 196 
LEU HB3  H  N N 197 
LEU HG   H  N N 198 
LEU HD11 H  N N 199 
LEU HD12 H  N N 200 
LEU HD13 H  N N 201 
LEU HD21 H  N N 202 
LEU HD22 H  N N 203 
LEU HD23 H  N N 204 
LEU HXT  H  N N 205 
LYS N    N  N N 206 
LYS CA   C  N S 207 
LYS C    C  N N 208 
LYS O    O  N N 209 
LYS CB   C  N N 210 
LYS CG   C  N N 211 
LYS CD   C  N N 212 
LYS CE   C  N N 213 
LYS NZ   N  N N 214 
LYS OXT  O  N N 215 
LYS H    H  N N 216 
LYS H2   H  N N 217 
LYS HA   H  N N 218 
LYS HB2  H  N N 219 
LYS HB3  H  N N 220 
LYS HG2  H  N N 221 
LYS HG3  H  N N 222 
LYS HD2  H  N N 223 
LYS HD3  H  N N 224 
LYS HE2  H  N N 225 
LYS HE3  H  N N 226 
LYS HZ1  H  N N 227 
LYS HZ2  H  N N 228 
LYS HZ3  H  N N 229 
LYS HXT  H  N N 230 
MET N    N  N N 231 
MET CA   C  N S 232 
MET C    C  N N 233 
MET O    O  N N 234 
MET CB   C  N N 235 
MET CG   C  N N 236 
MET SD   S  N N 237 
MET CE   C  N N 238 
MET OXT  O  N N 239 
MET H    H  N N 240 
MET H2   H  N N 241 
MET HA   H  N N 242 
MET HB2  H  N N 243 
MET HB3  H  N N 244 
MET HG2  H  N N 245 
MET HG3  H  N N 246 
MET HE1  H  N N 247 
MET HE2  H  N N 248 
MET HE3  H  N N 249 
MET HXT  H  N N 250 
PHE N    N  N N 251 
PHE CA   C  N S 252 
PHE C    C  N N 253 
PHE O    O  N N 254 
PHE CB   C  N N 255 
PHE CG   C  Y N 256 
PHE CD1  C  Y N 257 
PHE CD2  C  Y N 258 
PHE CE1  C  Y N 259 
PHE CE2  C  Y N 260 
PHE CZ   C  Y N 261 
PHE OXT  O  N N 262 
PHE H    H  N N 263 
PHE H2   H  N N 264 
PHE HA   H  N N 265 
PHE HB2  H  N N 266 
PHE HB3  H  N N 267 
PHE HD1  H  N N 268 
PHE HD2  H  N N 269 
PHE HE1  H  N N 270 
PHE HE2  H  N N 271 
PHE HZ   H  N N 272 
PHE HXT  H  N N 273 
PRO N    N  N N 274 
PRO CA   C  N S 275 
PRO C    C  N N 276 
PRO O    O  N N 277 
PRO CB   C  N N 278 
PRO CG   C  N N 279 
PRO CD   C  N N 280 
PRO OXT  O  N N 281 
PRO H    H  N N 282 
PRO HA   H  N N 283 
PRO HB2  H  N N 284 
PRO HB3  H  N N 285 
PRO HG2  H  N N 286 
PRO HG3  H  N N 287 
PRO HD2  H  N N 288 
PRO HD3  H  N N 289 
PRO HXT  H  N N 290 
RR6 C60  C  Y N 291 
RR6 C61  C  Y N 292 
RR6 C62  C  Y N 293 
RR6 C63  C  Y N 294 
RR6 C64  C  Y N 295 
RR6 C54  C  Y N 296 
RR6 O79  O  N N 297 
RR6 O82  O  N N 298 
RR6 O83  O  N N 299 
RR6 O84  O  N N 300 
RR6 S81  S  N N 301 
RR6 C55  C  Y N 302 
RR6 C53  C  Y N 303 
RR6 C59  C  Y N 304 
RR6 C58  C  Y N 305 
RR6 C57  C  Y N 306 
RR6 C56  C  Y N 307 
RR6 C65  C  Y N 308 
RR6 C66  C  Y N 309 
RR6 C67  C  Y N 310 
RR6 C68  C  Y N 311 
RR6 O78  O  N N 312 
RR6 O87  O  N N 313 
RR6 O88  O  N N 314 
RR6 O91  O  N N 315 
RR6 S86  S  N N 316 
RR6 O89  O  N N 317 
RR6 O90  O  N N 318 
RR6 O92  O  N N 319 
RR6 S85  S  N N 320 
RR6 N51  N  N N 321 
RR6 N52  N  N N 322 
RR6 C10  C  Y N 323 
RR6 C11  C  Y N 324 
RR6 C12  C  Y N 325 
RR6 C13  C  Y N 326 
RR6 C14  C  Y N 327 
RR6 C4   C  Y N 328 
RR6 O29  O  N N 329 
RR6 O32  O  N N 330 
RR6 O33  O  N N 331 
RR6 O34  O  N N 332 
RR6 S31  S  N N 333 
RR6 C5   C  Y N 334 
RR6 C3   C  Y N 335 
RR6 C9   C  Y N 336 
RR6 C8   C  Y N 337 
RR6 C7   C  Y N 338 
RR6 C6   C  Y N 339 
RR6 C15  C  Y N 340 
RR6 C16  C  Y N 341 
RR6 C17  C  Y N 342 
RR6 C18  C  Y N 343 
RR6 O28  O  N N 344 
RR6 O37  O  N N 345 
RR6 O38  O  N N 346 
RR6 O41  O  N N 347 
RR6 S36  S  N N 348 
RR6 O39  O  N N 349 
RR6 O40  O  N N 350 
RR6 O42  O  N N 351 
RR6 S35  S  N N 352 
RR6 N1   N  N N 353 
RR6 N2   N  N N 354 
RR6 N19  N  N N 355 
RR6 N26  N  N N 356 
RR6 C20  C  Y N 357 
RR6 N21  N  Y N 358 
RR6 C22  C  Y N 359 
RR6 N23  N  Y N 360 
RR6 C24  C  Y N 361 
RR6 N25  N  Y N 362 
RR6 H61  H  N N 363 
RR6 H62  H  N N 364 
RR6 H64  H  N N 365 
RR6 H79  H  N N 366 
RR6 H83  H  N N 367 
RR6 H58  H  N N 368 
RR6 H65  H  N N 369 
RR6 H66  H  N N 370 
RR6 H78  H  N N 371 
RR6 H91  H  N N 372 
RR6 H90  H  N N 373 
RR6 H11  H  N N 374 
RR6 H12  H  N N 375 
RR6 H14  H  N N 376 
RR6 H29  H  N N 377 
RR6 H34  H  N N 378 
RR6 H8   H  N N 379 
RR6 H15  H  N N 380 
RR6 H16  H  N N 381 
RR6 H28  H  N N 382 
RR6 H37  H  N N 383 
RR6 H39  H  N N 384 
RR6 H19  H  N N 385 
RR6 H26  H  N N 386 
RR6 H24  H  N N 387 
SER N    N  N N 388 
SER CA   C  N S 389 
SER C    C  N N 390 
SER O    O  N N 391 
SER CB   C  N N 392 
SER OG   O  N N 393 
SER OXT  O  N N 394 
SER H    H  N N 395 
SER H2   H  N N 396 
SER HA   H  N N 397 
SER HB2  H  N N 398 
SER HB3  H  N N 399 
SER HG   H  N N 400 
SER HXT  H  N N 401 
THR N    N  N N 402 
THR CA   C  N S 403 
THR C    C  N N 404 
THR O    O  N N 405 
THR CB   C  N R 406 
THR OG1  O  N N 407 
THR CG2  C  N N 408 
THR OXT  O  N N 409 
THR H    H  N N 410 
THR H2   H  N N 411 
THR HA   H  N N 412 
THR HB   H  N N 413 
THR HG1  H  N N 414 
THR HG21 H  N N 415 
THR HG22 H  N N 416 
THR HG23 H  N N 417 
THR HXT  H  N N 418 
TRP N    N  N N 419 
TRP CA   C  N S 420 
TRP C    C  N N 421 
TRP O    O  N N 422 
TRP CB   C  N N 423 
TRP CG   C  Y N 424 
TRP CD1  C  Y N 425 
TRP CD2  C  Y N 426 
TRP NE1  N  Y N 427 
TRP CE2  C  Y N 428 
TRP CE3  C  Y N 429 
TRP CZ2  C  Y N 430 
TRP CZ3  C  Y N 431 
TRP CH2  C  Y N 432 
TRP OXT  O  N N 433 
TRP H    H  N N 434 
TRP H2   H  N N 435 
TRP HA   H  N N 436 
TRP HB2  H  N N 437 
TRP HB3  H  N N 438 
TRP HD1  H  N N 439 
TRP HE1  H  N N 440 
TRP HE3  H  N N 441 
TRP HZ2  H  N N 442 
TRP HZ3  H  N N 443 
TRP HH2  H  N N 444 
TRP HXT  H  N N 445 
TYR N    N  N N 446 
TYR CA   C  N S 447 
TYR C    C  N N 448 
TYR O    O  N N 449 
TYR CB   C  N N 450 
TYR CG   C  Y N 451 
TYR CD1  C  Y N 452 
TYR CD2  C  Y N 453 
TYR CE1  C  Y N 454 
TYR CE2  C  Y N 455 
TYR CZ   C  Y N 456 
TYR OH   O  N N 457 
TYR OXT  O  N N 458 
TYR H    H  N N 459 
TYR H2   H  N N 460 
TYR HA   H  N N 461 
TYR HB2  H  N N 462 
TYR HB3  H  N N 463 
TYR HD1  H  N N 464 
TYR HD2  H  N N 465 
TYR HE1  H  N N 466 
TYR HE2  H  N N 467 
TYR HH   H  N N 468 
TYR HXT  H  N N 469 
VAL N    N  N N 470 
VAL CA   C  N S 471 
VAL C    C  N N 472 
VAL O    O  N N 473 
VAL CB   C  N N 474 
VAL CG1  C  N N 475 
VAL CG2  C  N N 476 
VAL OXT  O  N N 477 
VAL H    H  N N 478 
VAL H2   H  N N 479 
VAL HA   H  N N 480 
VAL HB   H  N N 481 
VAL HG11 H  N N 482 
VAL HG12 H  N N 483 
VAL HG13 H  N N 484 
VAL HG21 H  N N 485 
VAL HG22 H  N N 486 
VAL HG23 H  N N 487 
VAL HXT  H  N N 488 
# 
loop_
_chem_comp_bond.comp_id 
_chem_comp_bond.atom_id_1 
_chem_comp_bond.atom_id_2 
_chem_comp_bond.value_order 
_chem_comp_bond.pdbx_aromatic_flag 
_chem_comp_bond.pdbx_stereo_config 
_chem_comp_bond.pdbx_ordinal 
ALA N   CA   sing N N 1   
ALA N   H    sing N N 2   
ALA N   H2   sing N N 3   
ALA CA  C    sing N N 4   
ALA CA  CB   sing N N 5   
ALA CA  HA   sing N N 6   
ALA C   O    doub N N 7   
ALA C   OXT  sing N N 8   
ALA CB  HB1  sing N N 9   
ALA CB  HB2  sing N N 10  
ALA CB  HB3  sing N N 11  
ALA OXT HXT  sing N N 12  
ARG N   CA   sing N N 13  
ARG N   H    sing N N 14  
ARG N   H2   sing N N 15  
ARG CA  C    sing N N 16  
ARG CA  CB   sing N N 17  
ARG CA  HA   sing N N 18  
ARG C   O    doub N N 19  
ARG C   OXT  sing N N 20  
ARG CB  CG   sing N N 21  
ARG CB  HB2  sing N N 22  
ARG CB  HB3  sing N N 23  
ARG CG  CD   sing N N 24  
ARG CG  HG2  sing N N 25  
ARG CG  HG3  sing N N 26  
ARG CD  NE   sing N N 27  
ARG CD  HD2  sing N N 28  
ARG CD  HD3  sing N N 29  
ARG NE  CZ   sing N N 30  
ARG NE  HE   sing N N 31  
ARG CZ  NH1  sing N N 32  
ARG CZ  NH2  doub N N 33  
ARG NH1 HH11 sing N N 34  
ARG NH1 HH12 sing N N 35  
ARG NH2 HH21 sing N N 36  
ARG NH2 HH22 sing N N 37  
ARG OXT HXT  sing N N 38  
ASN N   CA   sing N N 39  
ASN N   H    sing N N 40  
ASN N   H2   sing N N 41  
ASN CA  C    sing N N 42  
ASN CA  CB   sing N N 43  
ASN CA  HA   sing N N 44  
ASN C   O    doub N N 45  
ASN C   OXT  sing N N 46  
ASN CB  CG   sing N N 47  
ASN CB  HB2  sing N N 48  
ASN CB  HB3  sing N N 49  
ASN CG  OD1  doub N N 50  
ASN CG  ND2  sing N N 51  
ASN ND2 HD21 sing N N 52  
ASN ND2 HD22 sing N N 53  
ASN OXT HXT  sing N N 54  
ASP N   CA   sing N N 55  
ASP N   H    sing N N 56  
ASP N   H2   sing N N 57  
ASP CA  C    sing N N 58  
ASP CA  CB   sing N N 59  
ASP CA  HA   sing N N 60  
ASP C   O    doub N N 61  
ASP C   OXT  sing N N 62  
ASP CB  CG   sing N N 63  
ASP CB  HB2  sing N N 64  
ASP CB  HB3  sing N N 65  
ASP CG  OD1  doub N N 66  
ASP CG  OD2  sing N N 67  
ASP OD2 HD2  sing N N 68  
ASP OXT HXT  sing N N 69  
CYS N   CA   sing N N 70  
CYS N   H    sing N N 71  
CYS N   H2   sing N N 72  
CYS CA  C    sing N N 73  
CYS CA  CB   sing N N 74  
CYS CA  HA   sing N N 75  
CYS C   O    doub N N 76  
CYS C   OXT  sing N N 77  
CYS CB  SG   sing N N 78  
CYS CB  HB2  sing N N 79  
CYS CB  HB3  sing N N 80  
CYS SG  HG   sing N N 81  
CYS OXT HXT  sing N N 82  
GLN N   CA   sing N N 83  
GLN N   H    sing N N 84  
GLN N   H2   sing N N 85  
GLN CA  C    sing N N 86  
GLN CA  CB   sing N N 87  
GLN CA  HA   sing N N 88  
GLN C   O    doub N N 89  
GLN C   OXT  sing N N 90  
GLN CB  CG   sing N N 91  
GLN CB  HB2  sing N N 92  
GLN CB  HB3  sing N N 93  
GLN CG  CD   sing N N 94  
GLN CG  HG2  sing N N 95  
GLN CG  HG3  sing N N 96  
GLN CD  OE1  doub N N 97  
GLN CD  NE2  sing N N 98  
GLN NE2 HE21 sing N N 99  
GLN NE2 HE22 sing N N 100 
GLN OXT HXT  sing N N 101 
GLU N   CA   sing N N 102 
GLU N   H    sing N N 103 
GLU N   H2   sing N N 104 
GLU CA  C    sing N N 105 
GLU CA  CB   sing N N 106 
GLU CA  HA   sing N N 107 
GLU C   O    doub N N 108 
GLU C   OXT  sing N N 109 
GLU CB  CG   sing N N 110 
GLU CB  HB2  sing N N 111 
GLU CB  HB3  sing N N 112 
GLU CG  CD   sing N N 113 
GLU CG  HG2  sing N N 114 
GLU CG  HG3  sing N N 115 
GLU CD  OE1  doub N N 116 
GLU CD  OE2  sing N N 117 
GLU OE2 HE2  sing N N 118 
GLU OXT HXT  sing N N 119 
GLY N   CA   sing N N 120 
GLY N   H    sing N N 121 
GLY N   H2   sing N N 122 
GLY CA  C    sing N N 123 
GLY CA  HA2  sing N N 124 
GLY CA  HA3  sing N N 125 
GLY C   O    doub N N 126 
GLY C   OXT  sing N N 127 
GLY OXT HXT  sing N N 128 
HIS N   CA   sing N N 129 
HIS N   H    sing N N 130 
HIS N   H2   sing N N 131 
HIS CA  C    sing N N 132 
HIS CA  CB   sing N N 133 
HIS CA  HA   sing N N 134 
HIS C   O    doub N N 135 
HIS C   OXT  sing N N 136 
HIS CB  CG   sing N N 137 
HIS CB  HB2  sing N N 138 
HIS CB  HB3  sing N N 139 
HIS CG  ND1  sing Y N 140 
HIS CG  CD2  doub Y N 141 
HIS ND1 CE1  doub Y N 142 
HIS ND1 HD1  sing N N 143 
HIS CD2 NE2  sing Y N 144 
HIS CD2 HD2  sing N N 145 
HIS CE1 NE2  sing Y N 146 
HIS CE1 HE1  sing N N 147 
HIS NE2 HE2  sing N N 148 
HIS OXT HXT  sing N N 149 
HOH O   H1   sing N N 150 
HOH O   H2   sing N N 151 
ILE N   CA   sing N N 152 
ILE N   H    sing N N 153 
ILE N   H2   sing N N 154 
ILE CA  C    sing N N 155 
ILE CA  CB   sing N N 156 
ILE CA  HA   sing N N 157 
ILE C   O    doub N N 158 
ILE C   OXT  sing N N 159 
ILE CB  CG1  sing N N 160 
ILE CB  CG2  sing N N 161 
ILE CB  HB   sing N N 162 
ILE CG1 CD1  sing N N 163 
ILE CG1 HG12 sing N N 164 
ILE CG1 HG13 sing N N 165 
ILE CG2 HG21 sing N N 166 
ILE CG2 HG22 sing N N 167 
ILE CG2 HG23 sing N N 168 
ILE CD1 HD11 sing N N 169 
ILE CD1 HD12 sing N N 170 
ILE CD1 HD13 sing N N 171 
ILE OXT HXT  sing N N 172 
LEU N   CA   sing N N 173 
LEU N   H    sing N N 174 
LEU N   H2   sing N N 175 
LEU CA  C    sing N N 176 
LEU CA  CB   sing N N 177 
LEU CA  HA   sing N N 178 
LEU C   O    doub N N 179 
LEU C   OXT  sing N N 180 
LEU CB  CG   sing N N 181 
LEU CB  HB2  sing N N 182 
LEU CB  HB3  sing N N 183 
LEU CG  CD1  sing N N 184 
LEU CG  CD2  sing N N 185 
LEU CG  HG   sing N N 186 
LEU CD1 HD11 sing N N 187 
LEU CD1 HD12 sing N N 188 
LEU CD1 HD13 sing N N 189 
LEU CD2 HD21 sing N N 190 
LEU CD2 HD22 sing N N 191 
LEU CD2 HD23 sing N N 192 
LEU OXT HXT  sing N N 193 
LYS N   CA   sing N N 194 
LYS N   H    sing N N 195 
LYS N   H2   sing N N 196 
LYS CA  C    sing N N 197 
LYS CA  CB   sing N N 198 
LYS CA  HA   sing N N 199 
LYS C   O    doub N N 200 
LYS C   OXT  sing N N 201 
LYS CB  CG   sing N N 202 
LYS CB  HB2  sing N N 203 
LYS CB  HB3  sing N N 204 
LYS CG  CD   sing N N 205 
LYS CG  HG2  sing N N 206 
LYS CG  HG3  sing N N 207 
LYS CD  CE   sing N N 208 
LYS CD  HD2  sing N N 209 
LYS CD  HD3  sing N N 210 
LYS CE  NZ   sing N N 211 
LYS CE  HE2  sing N N 212 
LYS CE  HE3  sing N N 213 
LYS NZ  HZ1  sing N N 214 
LYS NZ  HZ2  sing N N 215 
LYS NZ  HZ3  sing N N 216 
LYS OXT HXT  sing N N 217 
MET N   CA   sing N N 218 
MET N   H    sing N N 219 
MET N   H2   sing N N 220 
MET CA  C    sing N N 221 
MET CA  CB   sing N N 222 
MET CA  HA   sing N N 223 
MET C   O    doub N N 224 
MET C   OXT  sing N N 225 
MET CB  CG   sing N N 226 
MET CB  HB2  sing N N 227 
MET CB  HB3  sing N N 228 
MET CG  SD   sing N N 229 
MET CG  HG2  sing N N 230 
MET CG  HG3  sing N N 231 
MET SD  CE   sing N N 232 
MET CE  HE1  sing N N 233 
MET CE  HE2  sing N N 234 
MET CE  HE3  sing N N 235 
MET OXT HXT  sing N N 236 
PHE N   CA   sing N N 237 
PHE N   H    sing N N 238 
PHE N   H2   sing N N 239 
PHE CA  C    sing N N 240 
PHE CA  CB   sing N N 241 
PHE CA  HA   sing N N 242 
PHE C   O    doub N N 243 
PHE C   OXT  sing N N 244 
PHE CB  CG   sing N N 245 
PHE CB  HB2  sing N N 246 
PHE CB  HB3  sing N N 247 
PHE CG  CD1  doub Y N 248 
PHE CG  CD2  sing Y N 249 
PHE CD1 CE1  sing Y N 250 
PHE CD1 HD1  sing N N 251 
PHE CD2 CE2  doub Y N 252 
PHE CD2 HD2  sing N N 253 
PHE CE1 CZ   doub Y N 254 
PHE CE1 HE1  sing N N 255 
PHE CE2 CZ   sing Y N 256 
PHE CE2 HE2  sing N N 257 
PHE CZ  HZ   sing N N 258 
PHE OXT HXT  sing N N 259 
PRO N   CA   sing N N 260 
PRO N   CD   sing N N 261 
PRO N   H    sing N N 262 
PRO CA  C    sing N N 263 
PRO CA  CB   sing N N 264 
PRO CA  HA   sing N N 265 
PRO C   O    doub N N 266 
PRO C   OXT  sing N N 267 
PRO CB  CG   sing N N 268 
PRO CB  HB2  sing N N 269 
PRO CB  HB3  sing N N 270 
PRO CG  CD   sing N N 271 
PRO CG  HG2  sing N N 272 
PRO CG  HG3  sing N N 273 
PRO CD  HD2  sing N N 274 
PRO CD  HD3  sing N N 275 
PRO OXT HXT  sing N N 276 
RR6 C60 C61  doub Y N 277 
RR6 C60 C54  sing Y N 278 
RR6 C60 O79  sing N N 279 
RR6 C61 C62  sing Y N 280 
RR6 C61 H61  sing N N 281 
RR6 C62 C63  doub Y N 282 
RR6 C62 H62  sing N N 283 
RR6 C63 C64  sing Y N 284 
RR6 C63 S81  sing N N 285 
RR6 C64 C54  doub Y N 286 
RR6 C64 H64  sing N N 287 
RR6 C54 N52  sing N N 288 
RR6 O79 H79  sing N N 289 
RR6 O82 S81  doub N N 290 
RR6 O83 S81  sing N N 291 
RR6 O83 H83  sing N N 292 
RR6 O84 S81  doub N N 293 
RR6 C55 C53  doub Y N 294 
RR6 C55 C56  sing Y N 295 
RR6 C55 O78  sing N N 296 
RR6 C53 C59  sing Y N 297 
RR6 C53 N51  sing N N 298 
RR6 C59 C58  doub Y N 299 
RR6 C59 S85  sing N N 300 
RR6 C58 C57  sing Y N 301 
RR6 C58 H58  sing N N 302 
RR6 C57 C56  doub Y N 303 
RR6 C57 C68  sing Y N 304 
RR6 C56 C65  sing Y N 305 
RR6 C65 C66  doub Y N 306 
RR6 C65 H65  sing N N 307 
RR6 C66 C67  sing Y N 308 
RR6 C66 H66  sing N N 309 
RR6 C67 C68  doub Y N 310 
RR6 C67 N26  sing N N 311 
RR6 C68 S86  sing N N 312 
RR6 O78 H78  sing N N 313 
RR6 O87 S86  doub N N 314 
RR6 O88 S86  doub N N 315 
RR6 O91 S86  sing N N 316 
RR6 O91 H91  sing N N 317 
RR6 O89 S85  doub N N 318 
RR6 O90 S85  sing N N 319 
RR6 O90 H90  sing N N 320 
RR6 O92 S85  doub N N 321 
RR6 N51 N52  doub N N 322 
RR6 C10 C11  doub Y N 323 
RR6 C10 C4   sing Y N 324 
RR6 C10 O29  sing N N 325 
RR6 C11 C12  sing Y N 326 
RR6 C11 H11  sing N N 327 
RR6 C12 C13  doub Y N 328 
RR6 C12 H12  sing N N 329 
RR6 C13 C14  sing Y N 330 
RR6 C13 S31  sing N N 331 
RR6 C14 C4   doub Y N 332 
RR6 C14 H14  sing N N 333 
RR6 C4  N1   sing N N 334 
RR6 O29 H29  sing N N 335 
RR6 O32 S31  doub N N 336 
RR6 O33 S31  doub N N 337 
RR6 O34 S31  sing N N 338 
RR6 O34 H34  sing N N 339 
RR6 C5  C3   doub Y N 340 
RR6 C5  C6   sing Y N 341 
RR6 C5  O28  sing N N 342 
RR6 C3  C9   sing Y N 343 
RR6 C3  N2   sing N N 344 
RR6 C9  C8   doub Y N 345 
RR6 C9  S35  sing N N 346 
RR6 C8  C7   sing Y N 347 
RR6 C8  H8   sing N N 348 
RR6 C7  C6   doub Y N 349 
RR6 C7  C18  sing Y N 350 
RR6 C6  C15  sing Y N 351 
RR6 C15 C16  doub Y N 352 
RR6 C15 H15  sing N N 353 
RR6 C16 C17  sing Y N 354 
RR6 C16 H16  sing N N 355 
RR6 C17 C18  doub Y N 356 
RR6 C17 N19  sing N N 357 
RR6 C18 S36  sing N N 358 
RR6 O28 H28  sing N N 359 
RR6 O37 S36  sing N N 360 
RR6 O37 H37  sing N N 361 
RR6 O38 S36  doub N N 362 
RR6 O41 S36  doub N N 363 
RR6 O39 S35  sing N N 364 
RR6 O39 H39  sing N N 365 
RR6 O40 S35  doub N N 366 
RR6 O42 S35  doub N N 367 
RR6 N1  N2   doub N E 368 
RR6 N19 C20  sing N N 369 
RR6 N19 H19  sing N N 370 
RR6 N26 C22  sing N N 371 
RR6 N26 H26  sing N N 372 
RR6 C20 N21  doub Y N 373 
RR6 C20 N25  sing Y N 374 
RR6 N21 C22  sing Y N 375 
RR6 C22 N23  doub Y N 376 
RR6 N23 C24  sing Y N 377 
RR6 C24 N25  doub Y N 378 
RR6 C24 H24  sing N N 379 
SER N   CA   sing N N 380 
SER N   H    sing N N 381 
SER N   H2   sing N N 382 
SER CA  C    sing N N 383 
SER CA  CB   sing N N 384 
SER CA  HA   sing N N 385 
SER C   O    doub N N 386 
SER C   OXT  sing N N 387 
SER CB  OG   sing N N 388 
SER CB  HB2  sing N N 389 
SER CB  HB3  sing N N 390 
SER OG  HG   sing N N 391 
SER OXT HXT  sing N N 392 
THR N   CA   sing N N 393 
THR N   H    sing N N 394 
THR N   H2   sing N N 395 
THR CA  C    sing N N 396 
THR CA  CB   sing N N 397 
THR CA  HA   sing N N 398 
THR C   O    doub N N 399 
THR C   OXT  sing N N 400 
THR CB  OG1  sing N N 401 
THR CB  CG2  sing N N 402 
THR CB  HB   sing N N 403 
THR OG1 HG1  sing N N 404 
THR CG2 HG21 sing N N 405 
THR CG2 HG22 sing N N 406 
THR CG2 HG23 sing N N 407 
THR OXT HXT  sing N N 408 
TRP N   CA   sing N N 409 
TRP N   H    sing N N 410 
TRP N   H2   sing N N 411 
TRP CA  C    sing N N 412 
TRP CA  CB   sing N N 413 
TRP CA  HA   sing N N 414 
TRP C   O    doub N N 415 
TRP C   OXT  sing N N 416 
TRP CB  CG   sing N N 417 
TRP CB  HB2  sing N N 418 
TRP CB  HB3  sing N N 419 
TRP CG  CD1  doub Y N 420 
TRP CG  CD2  sing Y N 421 
TRP CD1 NE1  sing Y N 422 
TRP CD1 HD1  sing N N 423 
TRP CD2 CE2  doub Y N 424 
TRP CD2 CE3  sing Y N 425 
TRP NE1 CE2  sing Y N 426 
TRP NE1 HE1  sing N N 427 
TRP CE2 CZ2  sing Y N 428 
TRP CE3 CZ3  doub Y N 429 
TRP CE3 HE3  sing N N 430 
TRP CZ2 CH2  doub Y N 431 
TRP CZ2 HZ2  sing N N 432 
TRP CZ3 CH2  sing Y N 433 
TRP CZ3 HZ3  sing N N 434 
TRP CH2 HH2  sing N N 435 
TRP OXT HXT  sing N N 436 
TYR N   CA   sing N N 437 
TYR N   H    sing N N 438 
TYR N   H2   sing N N 439 
TYR CA  C    sing N N 440 
TYR CA  CB   sing N N 441 
TYR CA  HA   sing N N 442 
TYR C   O    doub N N 443 
TYR C   OXT  sing N N 444 
TYR CB  CG   sing N N 445 
TYR CB  HB2  sing N N 446 
TYR CB  HB3  sing N N 447 
TYR CG  CD1  doub Y N 448 
TYR CG  CD2  sing Y N 449 
TYR CD1 CE1  sing Y N 450 
TYR CD1 HD1  sing N N 451 
TYR CD2 CE2  doub Y N 452 
TYR CD2 HD2  sing N N 453 
TYR CE1 CZ   doub Y N 454 
TYR CE1 HE1  sing N N 455 
TYR CE2 CZ   sing Y N 456 
TYR CE2 HE2  sing N N 457 
TYR CZ  OH   sing N N 458 
TYR OH  HH   sing N N 459 
TYR OXT HXT  sing N N 460 
VAL N   CA   sing N N 461 
VAL N   H    sing N N 462 
VAL N   H2   sing N N 463 
VAL CA  C    sing N N 464 
VAL CA  CB   sing N N 465 
VAL CA  HA   sing N N 466 
VAL C   O    doub N N 467 
VAL C   OXT  sing N N 468 
VAL CB  CG1  sing N N 469 
VAL CB  CG2  sing N N 470 
VAL CB  HB   sing N N 471 
VAL CG1 HG11 sing N N 472 
VAL CG1 HG12 sing N N 473 
VAL CG1 HG13 sing N N 474 
VAL CG2 HG21 sing N N 475 
VAL CG2 HG22 sing N N 476 
VAL CG2 HG23 sing N N 477 
VAL OXT HXT  sing N N 478 
# 
_atom_sites.entry_id                    1QD0 
_atom_sites.fract_transf_matrix[1][1]   -0.00364511 
_atom_sites.fract_transf_matrix[1][2]   0.02189194 
_atom_sites.fract_transf_matrix[1][3]   0.01090029 
_atom_sites.fract_transf_matrix[2][1]   0.01933223 
_atom_sites.fract_transf_matrix[2][2]   0.01331022 
_atom_sites.fract_transf_matrix[2][3]   0.00777676 
_atom_sites.fract_transf_matrix[3][1]   0.00039247 
_atom_sites.fract_transf_matrix[3][2]   0.00372886 
_atom_sites.fract_transf_matrix[3][3]   -0.00735773 
_atom_sites.fract_transf_vector[1]      0.053178 
_atom_sites.fract_transf_vector[2]      0.631375 
_atom_sites.fract_transf_vector[3]      0.029174 
# 
loop_
_atom_type.symbol 
C  
CU 
N  
O  
S  
# 
loop_
_atom_site.group_PDB 
_atom_site.id 
_atom_site.type_symbol 
_atom_site.label_atom_id 
_atom_site.label_alt_id 
_atom_site.label_comp_id 
_atom_site.label_asym_id 
_atom_site.label_entity_id 
_atom_site.label_seq_id 
_atom_site.pdbx_PDB_ins_code 
_atom_site.Cartn_x 
_atom_site.Cartn_y 
_atom_site.Cartn_z 
_atom_site.occupancy 
_atom_site.B_iso_or_equiv 
_atom_site.pdbx_formal_charge 
_atom_site.auth_seq_id 
_atom_site.auth_comp_id 
_atom_site.auth_asym_id 
_atom_site.auth_atom_id 
_atom_site.pdbx_PDB_model_num 
ATOM   1    N  N   . GLN A 1 1   ? 13.091  -4.424  14.026  1.00 45.36 ? 1    GLN A N   1 
ATOM   2    C  CA  . GLN A 1 1   ? 12.195  -3.538  13.222  1.00 42.98 ? 1    GLN A CA  1 
ATOM   3    C  C   . GLN A 1 1   ? 11.698  -4.253  11.968  1.00 41.75 ? 1    GLN A C   1 
ATOM   4    O  O   . GLN A 1 1   ? 12.331  -5.203  11.498  1.00 41.32 ? 1    GLN A O   1 
ATOM   5    C  CB  . GLN A 1 1   ? 12.931  -2.260  12.843  1.00 43.65 ? 1    GLN A CB  1 
ATOM   6    N  N   . VAL A 1 2   ? 10.563  -3.798  11.439  1.00 40.02 ? 2    VAL A N   1 
ATOM   7    C  CA  . VAL A 1 2   ? 9.978   -4.388  10.237  1.00 38.21 ? 2    VAL A CA  1 
ATOM   8    C  C   . VAL A 1 2   ? 10.598  -3.804  8.965   1.00 39.44 ? 2    VAL A C   1 
ATOM   9    O  O   . VAL A 1 2   ? 10.456  -2.611  8.672   1.00 39.88 ? 2    VAL A O   1 
ATOM   10   C  CB  . VAL A 1 2   ? 8.439   -4.202  10.189  1.00 35.88 ? 2    VAL A CB  1 
ATOM   11   C  CG1 . VAL A 1 2   ? 7.851   -4.951  9.007   1.00 34.37 ? 2    VAL A CG1 1 
ATOM   12   C  CG2 . VAL A 1 2   ? 7.807   -4.700  11.469  1.00 35.75 ? 2    VAL A CG2 1 
ATOM   13   N  N   . GLN A 1 3   ? 11.298  -4.661  8.228   1.00 38.99 ? 3    GLN A N   1 
ATOM   14   C  CA  . GLN A 1 3   ? 11.958  -4.292  6.982   1.00 39.01 ? 3    GLN A CA  1 
ATOM   15   C  C   . GLN A 1 3   ? 10.974  -4.424  5.826   1.00 37.38 ? 3    GLN A C   1 
ATOM   16   O  O   . GLN A 1 3   ? 10.530  -5.527  5.510   1.00 35.48 ? 3    GLN A O   1 
ATOM   17   C  CB  . GLN A 1 3   ? 13.156  -5.218  6.749   1.00 43.02 ? 3    GLN A CB  1 
ATOM   18   C  CG  . GLN A 1 3   ? 14.160  -5.245  7.900   1.00 46.61 ? 3    GLN A CG  1 
ATOM   19   C  CD  . GLN A 1 3   ? 15.081  -6.456  7.857   1.00 49.00 ? 3    GLN A CD  1 
ATOM   20   O  OE1 . GLN A 1 3   ? 15.368  -6.996  6.787   1.00 50.31 ? 3    GLN A OE1 1 
ATOM   21   N  NE2 . GLN A 1 3   ? 15.544  -6.893  9.026   1.00 48.13 ? 3    GLN A NE2 1 
ATOM   22   N  N   . LEU A 1 4   ? 10.634  -3.297  5.204   1.00 36.75 ? 4    LEU A N   1 
ATOM   23   C  CA  . LEU A 1 4   ? 9.700   -3.280  4.079   1.00 36.06 ? 4    LEU A CA  1 
ATOM   24   C  C   . LEU A 1 4   ? 10.421  -3.009  2.767   1.00 36.70 ? 4    LEU A C   1 
ATOM   25   O  O   . LEU A 1 4   ? 11.100  -1.991  2.621   1.00 35.29 ? 4    LEU A O   1 
ATOM   26   C  CB  . LEU A 1 4   ? 8.626   -2.211  4.287   1.00 35.31 ? 4    LEU A CB  1 
ATOM   27   C  CG  . LEU A 1 4   ? 7.708   -2.344  5.500   1.00 32.99 ? 4    LEU A CG  1 
ATOM   28   C  CD1 . LEU A 1 4   ? 6.690   -1.225  5.482   1.00 32.55 ? 4    LEU A CD1 1 
ATOM   29   C  CD2 . LEU A 1 4   ? 7.016   -3.687  5.477   1.00 30.58 ? 4    LEU A CD2 1 
ATOM   30   N  N   . GLN A 1 5   ? 10.234  -3.902  1.801   1.00 37.48 ? 5    GLN A N   1 
ATOM   31   C  CA  . GLN A 1 5   ? 10.890  -3.757  0.494   1.00 38.35 ? 5    GLN A CA  1 
ATOM   32   C  C   . GLN A 1 5   ? 9.854   -3.960  -0.616  1.00 37.02 ? 5    GLN A C   1 
ATOM   33   O  O   . GLN A 1 5   ? 9.264   -5.054  -0.730  1.00 37.62 ? 5    GLN A O   1 
ATOM   34   C  CB  . GLN A 1 5   ? 12.011  -4.800  0.377   1.00 40.11 ? 5    GLN A CB  1 
ATOM   35   C  CG  . GLN A 1 5   ? 12.988  -4.524  -0.761  1.00 45.56 ? 5    GLN A CG  1 
ATOM   36   C  CD  . GLN A 1 5   ? 14.335  -5.205  -0.552  1.00 46.83 ? 5    GLN A CD  1 
ATOM   37   O  OE1 . GLN A 1 5   ? 14.550  -6.318  -1.054  1.00 50.59 ? 5    GLN A OE1 1 
ATOM   38   N  NE2 . GLN A 1 5   ? 15.251  -4.587  0.168   1.00 48.63 ? 5    GLN A NE2 1 
ATOM   39   N  N   . GLU A 1 6   ? 9.649   -2.863  -1.445  1.00 35.91 ? 6    GLU A N   1 
ATOM   40   C  CA  . GLU A 1 6   ? 8.651   -2.934  -2.529  1.00 36.70 ? 6    GLU A CA  1 
ATOM   41   C  C   . GLU A 1 6   ? 9.284   -2.986  -3.928  1.00 37.33 ? 6    GLU A C   1 
ATOM   42   O  O   . GLU A 1 6   ? 10.481  -2.699  -4.120  1.00 38.75 ? 6    GLU A O   1 
ATOM   43   C  CB  . GLU A 1 6   ? 7.658   -1.758  -2.465  1.00 34.73 ? 6    GLU A CB  1 
ATOM   44   C  CG  . GLU A 1 6   ? 8.275   -0.398  -2.194  1.00 33.96 ? 6    GLU A CG  1 
ATOM   45   C  CD  . GLU A 1 6   ? 7.277   0.566   -1.577  1.00 32.21 ? 6    GLU A CD  1 
ATOM   46   O  OE1 . GLU A 1 6   ? 7.379   0.865   -0.345  1.00 27.57 ? 6    GLU A OE1 1 
ATOM   47   O  OE2 . GLU A 1 6   ? 6.350   1.060   -2.297  1.00 33.60 ? 6    GLU A OE2 1 
ATOM   48   N  N   . SER A 1 7   ? 8.425   -3.401  -4.857  1.00 37.65 ? 7    SER A N   1 
ATOM   49   C  CA  . SER A 1 7   ? 8.802   -3.525  -6.262  1.00 36.87 ? 7    SER A CA  1 
ATOM   50   C  C   . SER A 1 7   ? 7.570   -3.798  -7.129  1.00 35.39 ? 7    SER A C   1 
ATOM   51   O  O   . SER A 1 7   ? 6.467   -4.023  -6.619  1.00 32.71 ? 7    SER A O   1 
ATOM   52   C  CB  . SER A 1 7   ? 9.813   -4.670  -6.443  1.00 36.62 ? 7    SER A CB  1 
ATOM   53   O  OG  . SER A 1 7   ? 9.263   -5.909  -6.019  1.00 37.23 ? 7    SER A OG  1 
ATOM   54   N  N   . GLY A 1 8   ? 7.762   -3.710  -8.447  1.00 35.96 ? 8    GLY A N   1 
ATOM   55   C  CA  . GLY A 1 8   ? 6.678   -3.944  -9.386  1.00 35.12 ? 8    GLY A CA  1 
ATOM   56   C  C   . GLY A 1 8   ? 6.137   -2.712  -10.089 1.00 35.72 ? 8    GLY A C   1 
ATOM   57   O  O   . GLY A 1 8   ? 5.278   -2.826  -10.966 1.00 36.03 ? 8    GLY A O   1 
ATOM   58   N  N   . GLY A 1 9   ? 6.633   -1.537  -9.715  1.00 35.24 ? 9    GLY A N   1 
ATOM   59   C  CA  . GLY A 1 9   ? 6.165   -0.310  -10.334 1.00 36.22 ? 9    GLY A CA  1 
ATOM   60   C  C   . GLY A 1 9   ? 6.984   0.116   -11.536 1.00 37.22 ? 9    GLY A C   1 
ATOM   61   O  O   . GLY A 1 9   ? 8.184   -0.156  -11.601 1.00 37.45 ? 9    GLY A O   1 
ATOM   62   N  N   . GLY A 1 10  ? 6.339   0.791   -12.485 1.00 37.72 ? 10   GLY A N   1 
ATOM   63   C  CA  . GLY A 1 10  ? 7.045   1.242   -13.669 1.00 40.66 ? 10   GLY A CA  1 
ATOM   64   C  C   . GLY A 1 10  ? 6.179   1.802   -14.785 1.00 42.03 ? 10   GLY A C   1 
ATOM   65   O  O   . GLY A 1 10  ? 5.112   2.374   -14.552 1.00 42.53 ? 10   GLY A O   1 
ATOM   66   N  N   . LEU A 1 11  ? 6.650   1.597   -15.999 1.00 42.79 ? 11   LEU A N   1 
ATOM   67   C  CA  . LEU A 1 11  ? 6.004   2.117   -17.199 1.00 43.58 ? 11   LEU A CA  1 
ATOM   68   C  C   . LEU A 1 11  ? 4.689   1.359   -17.544 1.00 43.57 ? 11   LEU A C   1 
ATOM   69   O  O   . LEU A 1 11  ? 4.633   0.132   -17.523 1.00 43.62 ? 11   LEU A O   1 
ATOM   70   C  CB  . LEU A 1 11  ? 6.963   1.997   -18.415 1.00 45.88 ? 11   LEU A CB  1 
ATOM   71   C  CG  . LEU A 1 11  ? 7.965   0.831   -18.368 1.00 46.67 ? 11   LEU A CG  1 
ATOM   72   C  CD1 . LEU A 1 11  ? 7.311   -0.512  -18.709 1.00 47.51 ? 11   LEU A CD1 1 
ATOM   73   C  CD2 . LEU A 1 11  ? 9.116   1.049   -19.361 1.00 47.65 ? 11   LEU A CD2 1 
ATOM   74   N  N   . VAL A 1 12  ? 3.593   2.129   -17.784 1.00 43.40 ? 12   VAL A N   1 
ATOM   75   C  CA  . VAL A 1 12  ? 2.321   1.605   -18.364 1.00 42.32 ? 12   VAL A CA  1 
ATOM   76   C  C   . VAL A 1 12  ? 1.489   2.714   -18.932 1.00 42.30 ? 12   VAL A C   1 
ATOM   77   O  O   . VAL A 1 12  ? 1.777   3.892   -18.763 1.00 42.13 ? 12   VAL A O   1 
ATOM   78   C  CB  . VAL A 1 12  ? 1.415   0.839   -17.397 1.00 44.13 ? 12   VAL A CB  1 
ATOM   79   C  CG1 . VAL A 1 12  ? 0.365   1.701   -16.673 1.00 43.58 ? 12   VAL A CG1 1 
ATOM   80   C  CG2 . VAL A 1 12  ? 0.609   -0.258  -18.128 1.00 43.34 ? 12   VAL A CG2 1 
ATOM   81   N  N   . GLN A 1 13  ? 0.518   2.414   -19.405 1.00 40.73 ? 13   GLN A N   1 
ATOM   82   C  CA  . GLN A 1 13  ? -0.428  3.057   -20.286 1.00 39.46 ? 13   GLN A CA  1 
ATOM   83   C  C   . GLN A 1 13  ? -1.841  3.070   -19.601 1.00 37.78 ? 13   GLN A C   1 
ATOM   84   O  O   . GLN A 1 13  ? -2.157  2.193   -18.822 1.00 37.20 ? 13   GLN A O   1 
ATOM   85   C  CB  . GLN A 1 13  ? -0.406  2.226   -21.451 1.00 43.41 ? 13   GLN A CB  1 
ATOM   86   C  CG  . GLN A 1 13  ? 0.122   2.853   -22.617 1.00 46.46 ? 13   GLN A CG  1 
ATOM   87   C  CD  . GLN A 1 13  ? -0.950  2.805   -23.597 1.00 48.86 ? 13   GLN A CD  1 
ATOM   88   O  OE1 . GLN A 1 13  ? -2.002  3.376   -23.325 1.00 50.69 ? 13   GLN A OE1 1 
ATOM   89   N  NE2 . GLN A 1 13  ? -0.768  2.143   -24.704 1.00 48.86 ? 13   GLN A NE2 1 
ATOM   90   N  N   . ALA A 1 14  ? -2.690  4.073   -19.920 1.00 36.49 ? 14   ALA A N   1 
ATOM   91   C  CA  . ALA A 1 14  ? -4.111  4.274   -19.283 1.00 35.37 ? 14   ALA A CA  1 
ATOM   92   C  C   . ALA A 1 14  ? -5.182  3.142   -19.611 1.00 34.89 ? 14   ALA A C   1 
ATOM   93   O  O   . ALA A 1 14  ? -5.662  3.053   -20.716 1.00 35.68 ? 14   ALA A O   1 
ATOM   94   C  CB  . ALA A 1 14  ? -4.699  5.566   -19.816 1.00 34.00 ? 14   ALA A CB  1 
ATOM   95   N  N   . GLY A 1 15  ? -5.576  2.340   -18.624 1.00 34.52 ? 15   GLY A N   1 
ATOM   96   C  CA  . GLY A 1 15  ? -6.413  1.191   -18.953 1.00 31.76 ? 15   GLY A CA  1 
ATOM   97   C  C   . GLY A 1 15  ? -5.630  -0.106  -18.690 1.00 30.54 ? 15   GLY A C   1 
ATOM   98   O  O   . GLY A 1 15  ? -6.182  -1.208  -18.659 1.00 31.94 ? 15   GLY A O   1 
ATOM   99   N  N   . GLY A 1 16  ? -4.337  0.022   -18.522 1.00 29.78 ? 16   GLY A N   1 
ATOM   100  C  CA  . GLY A 1 16  ? -3.571  -1.107  -18.155 1.00 30.53 ? 16   GLY A CA  1 
ATOM   101  C  C   . GLY A 1 16  ? -3.947  -1.387  -16.477 1.00 29.84 ? 16   GLY A C   1 
ATOM   102  O  O   . GLY A 1 16  ? -4.774  -0.670  -15.713 1.00 27.61 ? 16   GLY A O   1 
ATOM   103  N  N   . SER A 1 17  ? -3.209  -2.432  -16.197 1.00 30.26 ? 17   SER A N   1 
ATOM   104  C  CA  . SER A 1 17  ? -2.932  -3.215  -15.013 1.00 28.93 ? 17   SER A CA  1 
ATOM   105  C  C   . SER A 1 17  ? -1.389  -3.364  -14.665 1.00 28.19 ? 17   SER A C   1 
ATOM   106  O  O   . SER A 1 17  ? -0.513  -3.749  -15.463 1.00 26.93 ? 17   SER A O   1 
ATOM   107  C  CB  . SER A 1 17  ? -3.511  -4.608  -15.135 1.00 30.12 ? 17   SER A CB  1 
ATOM   108  O  OG  . SER A 1 17  ? -4.917  -4.515  -15.008 1.00 32.91 ? 17   SER A OG  1 
ATOM   109  N  N   . LEU A 1 18  ? -1.195  -3.110  -13.386 1.00 27.06 ? 18   LEU A N   1 
ATOM   110  C  CA  . LEU A 1 18  ? 0.118   -3.187  -12.757 1.00 25.82 ? 18   LEU A CA  1 
ATOM   111  C  C   . LEU A 1 18  ? -0.032  -3.708  -11.327 1.00 25.63 ? 18   LEU A C   1 
ATOM   112  O  O   . LEU A 1 18  ? -1.024  -3.423  -10.660 1.00 25.34 ? 18   LEU A O   1 
ATOM   113  C  CB  . LEU A 1 18  ? 0.771   -1.804  -12.767 1.00 24.91 ? 18   LEU A CB  1 
ATOM   114  C  CG  . LEU A 1 18  ? 2.231   -1.729  -13.219 1.00 24.05 ? 18   LEU A CG  1 
ATOM   115  C  CD1 . LEU A 1 18  ? 2.928   -0.563  -12.537 1.00 22.69 ? 18   LEU A CD1 1 
ATOM   116  C  CD2 . LEU A 1 18  ? 2.929   -3.033  -12.885 1.00 21.40 ? 18   LEU A CD2 1 
ATOM   117  N  N   . ARG A 1 19  ? 0.957   -4.464  -10.861 1.00 24.28 ? 19   ARG A N   1 
ATOM   118  C  CA  . ARG A 1 19  ? 0.921   -5.052  -9.526  1.00 23.96 ? 19   ARG A CA  1 
ATOM   119  C  C   . ARG A 1 19  ? 2.160   -4.754  -8.685  1.00 23.65 ? 19   ARG A C   1 
ATOM   120  O  O   . ARG A 1 19  ? 3.275   -5.138  -9.047  1.00 23.76 ? 19   ARG A O   1 
ATOM   121  C  CB  . ARG A 1 19  ? 0.742   -6.567  -9.650  1.00 25.89 ? 19   ARG A CB  1 
ATOM   122  C  CG  . ARG A 1 19  ? 0.638   -7.324  -8.327  1.00 27.73 ? 19   ARG A CG  1 
ATOM   123  C  CD  . ARG A 1 19  ? 1.081   -8.774  -8.472  1.00 28.11 ? 19   ARG A CD  1 
ATOM   124  N  NE  . ARG A 1 19  ? 0.532   -9.407  -9.675  1.00 33.49 ? 19   ARG A NE  1 
ATOM   125  C  CZ  . ARG A 1 19  ? -0.657  -9.119  -10.206 1.00 31.91 ? 19   ARG A CZ  1 
ATOM   126  N  NH1 . ARG A 1 19  ? -1.325  -8.040  -9.820  1.00 31.91 ? 19   ARG A NH1 1 
ATOM   127  N  NH2 . ARG A 1 19  ? -1.169  -9.904  -11.140 1.00 34.70 ? 19   ARG A NH2 1 
ATOM   128  N  N   . LEU A 1 20  ? 1.947   -4.100  -7.546  1.00 22.34 ? 20   LEU A N   1 
ATOM   129  C  CA  . LEU A 1 20  ? 3.025   -3.759  -6.619  1.00 22.60 ? 20   LEU A CA  1 
ATOM   130  C  C   . LEU A 1 20  ? 3.050   -4.766  -5.464  1.00 22.73 ? 20   LEU A C   1 
ATOM   131  O  O   . LEU A 1 20  ? 2.000   -5.137  -4.927  1.00 20.65 ? 20   LEU A O   1 
ATOM   132  C  CB  . LEU A 1 20  ? 2.811   -2.352  -6.058  1.00 22.54 ? 20   LEU A CB  1 
ATOM   133  C  CG  . LEU A 1 20  ? 2.746   -1.214  -7.076  1.00 20.76 ? 20   LEU A CG  1 
ATOM   134  C  CD1 . LEU A 1 20  ? 2.325   0.073   -6.405  1.00 21.36 ? 20   LEU A CD1 1 
ATOM   135  C  CD2 . LEU A 1 20  ? 4.096   -1.055  -7.724  1.00 20.68 ? 20   LEU A CD2 1 
ATOM   136  N  N   . SER A 1 21  ? 4.251   -5.209  -5.091  1.00 22.01 ? 21   SER A N   1 
ATOM   137  C  CA  . SER A 1 21  ? 4.424   -6.166  -3.998  1.00 22.56 ? 21   SER A CA  1 
ATOM   138  C  C   . SER A 1 21  ? 5.342   -5.602  -2.909  1.00 23.65 ? 21   SER A C   1 
ATOM   139  O  O   . SER A 1 21  ? 6.368   -4.995  -3.210  1.00 22.92 ? 21   SER A O   1 
ATOM   140  C  CB  . SER A 1 21  ? 4.981   -7.486  -4.532  1.00 24.86 ? 21   SER A CB  1 
ATOM   141  O  OG  . SER A 1 21  ? 6.218   -7.292  -5.198  1.00 27.35 ? 21   SER A OG  1 
ATOM   142  N  N   . CYS A 1 22  ? 4.968   -5.817  -1.649  1.00 24.28 ? 22   CYS A N   1 
ATOM   143  C  CA  . CYS A 1 22  ? 5.729   -5.322  -0.502  1.00 24.48 ? 22   CYS A CA  1 
ATOM   144  C  C   . CYS A 1 22  ? 6.103   -6.464  0.442   1.00 24.27 ? 22   CYS A C   1 
ATOM   145  O  O   . CYS A 1 22  ? 5.251   -6.992  1.148   1.00 24.42 ? 22   CYS A O   1 
ATOM   146  C  CB  . CYS A 1 22  ? 4.889   -4.274  0.247   1.00 27.35 ? 22   CYS A CB  1 
ATOM   147  S  SG  . CYS A 1 22  ? 5.594   -3.548  1.769   1.00 27.11 ? 22   CYS A SG  1 
ATOM   148  N  N   . ALA A 1 23  ? 7.375   -6.851  0.439   1.00 24.34 ? 23   ALA A N   1 
ATOM   149  C  CA  . ALA A 1 23  ? 7.859   -7.918  1.314   1.00 28.36 ? 23   ALA A CA  1 
ATOM   150  C  C   . ALA A 1 23  ? 8.163   -7.365  2.713   1.00 28.88 ? 23   ALA A C   1 
ATOM   151  O  O   . ALA A 1 23  ? 8.569   -6.211  2.857   1.00 28.73 ? 23   ALA A O   1 
ATOM   152  C  CB  . ALA A 1 23  ? 9.098   -8.573  0.710   1.00 28.35 ? 23   ALA A CB  1 
ATOM   153  N  N   . ALA A 1 24  ? 7.962   -8.184  3.740   1.00 30.60 ? 24   ALA A N   1 
ATOM   154  C  CA  . ALA A 1 24  ? 8.200   -7.748  5.110   1.00 33.30 ? 24   ALA A CA  1 
ATOM   155  C  C   . ALA A 1 24  ? 8.903   -8.807  5.943   1.00 35.23 ? 24   ALA A C   1 
ATOM   156  O  O   . ALA A 1 24  ? 8.524   -9.978  5.930   1.00 37.83 ? 24   ALA A O   1 
ATOM   157  C  CB  . ALA A 1 24  ? 6.886   -7.346  5.764   1.00 33.73 ? 24   ALA A CB  1 
ATOM   158  N  N   . SER A 1 25  ? 9.923   -8.380  6.679   1.00 36.92 ? 25   SER A N   1 
ATOM   159  C  CA  . SER A 1 25  ? 10.697  -9.278  7.526   1.00 37.60 ? 25   SER A CA  1 
ATOM   160  C  C   . SER A 1 25  ? 11.106  -8.589  8.817   1.00 37.52 ? 25   SER A C   1 
ATOM   161  O  O   . SER A 1 25  ? 11.024  -7.369  8.931   1.00 37.58 ? 25   SER A O   1 
ATOM   162  C  CB  . SER A 1 25  ? 11.938  -9.777  6.781   1.00 38.23 ? 25   SER A CB  1 
ATOM   163  O  OG  . SER A 1 25  ? 12.713  -8.695  6.298   1.00 38.00 ? 25   SER A OG  1 
ATOM   164  N  N   . GLY A 1 26  ? 11.528  -9.382  9.794   1.00 38.82 ? 26   GLY A N   1 
ATOM   165  C  CA  . GLY A 1 26  ? 11.943  -8.829  11.069  1.00 41.66 ? 26   GLY A CA  1 
ATOM   166  C  C   . GLY A 1 26  ? 10.782  -8.690  12.031  1.00 43.27 ? 26   GLY A C   1 
ATOM   167  O  O   . GLY A 1 26  ? 9.621   -8.701  11.623  1.00 44.55 ? 26   GLY A O   1 
ATOM   168  N  N   . ARG A 1 27  ? 11.091  -8.556  13.304  1.00 44.74 ? 27   ARG A N   1 
ATOM   169  C  CA  . ARG A 1 27  ? 10.060  -8.465  14.353  1.00 44.29 ? 27   ARG A CA  1 
ATOM   170  C  C   . ARG A 1 27  ? 9.641   -7.026  14.581  1.00 43.10 ? 27   ARG A C   1 
ATOM   171  O  O   . ARG A 1 27  ? 10.309  -6.074  14.120  1.00 43.18 ? 27   ARG A O   1 
ATOM   172  C  CB  . ARG A 1 27  ? 10.631  -9.005  15.668  1.00 47.70 ? 27   ARG A CB  1 
ATOM   173  C  CG  . ARG A 1 27  ? 9.621   -9.055  16.812  1.00 49.45 ? 27   ARG A CG  1 
ATOM   174  C  CD  . ARG A 1 27  ? 10.256  -9.576  18.095  1.00 50.97 ? 27   ARG A CD  1 
ATOM   175  N  NE  . ARG A 1 27  ? 11.500  -8.873  18.396  1.00 51.83 ? 27   ARG A NE  1 
ATOM   176  C  CZ  . ARG A 1 27  ? 12.706  -9.422  18.357  1.00 52.83 ? 27   ARG A CZ  1 
ATOM   177  N  NH1 . ARG A 1 27  ? 12.857  -10.715 18.037  1.00 51.52 ? 27   ARG A NH1 1 
ATOM   178  N  NH2 . ARG A 1 27  ? 13.811  -8.724  18.624  1.00 52.59 ? 27   ARG A NH2 1 
ATOM   179  N  N   . ALA A 1 28  ? 8.489   -6.811  15.292  1.00 43.54 ? 28   ALA A N   1 
ATOM   180  C  CA  . ALA A 1 28  ? 8.229   -5.399  15.591  1.00 42.12 ? 28   ALA A CA  1 
ATOM   181  C  C   . ALA A 1 28  ? 8.434   -5.005  16.993  1.00 38.74 ? 28   ALA A C   1 
ATOM   182  O  O   . ALA A 1 28  ? 8.856   -5.780  17.822  1.00 37.26 ? 28   ALA A O   1 
ATOM   183  C  CB  . ALA A 1 28  ? 7.039   -4.560  15.391  1.00 45.25 ? 28   ALA A CB  1 
ATOM   184  N  N   . ALA A 1 29  ? 8.466   -3.664  17.059  1.00 34.42 ? 29   ALA A N   1 
ATOM   185  C  CA  . ALA A 1 29  ? 8.894   -3.020  18.298  1.00 35.42 ? 29   ALA A CA  1 
ATOM   186  C  C   . ALA A 1 29  ? 7.738   -2.895  19.293  1.00 35.26 ? 29   ALA A C   1 
ATOM   187  O  O   . ALA A 1 29  ? 7.932   -3.061  20.496  1.00 35.94 ? 29   ALA A O   1 
ATOM   188  C  CB  . ALA A 1 29  ? 9.507   -1.644  18.012  1.00 34.10 ? 29   ALA A CB  1 
ATOM   189  N  N   . SER A 1 30  ? 6.547   -2.575  18.791  1.00 35.76 ? 30   SER A N   1 
ATOM   190  C  CA  . SER A 1 30  ? 5.365   -2.451  19.646  1.00 32.96 ? 30   SER A CA  1 
ATOM   191  C  C   . SER A 1 30  ? 4.406   -3.616  19.388  1.00 30.33 ? 30   SER A C   1 
ATOM   192  O  O   . SER A 1 30  ? 4.724   -4.546  18.649  1.00 30.20 ? 30   SER A O   1 
ATOM   193  C  CB  . SER A 1 30  ? 4.639   -1.135  19.367  1.00 31.31 ? 30   SER A CB  1 
ATOM   194  O  OG  . SER A 1 30  ? 5.455   -0.022  19.669  1.00 38.74 ? 30   SER A OG  1 
ATOM   195  N  N   . GLY A 1 31  ? 3.244   -3.570  20.031  1.00 26.60 ? 31   GLY A N   1 
ATOM   196  C  CA  . GLY A 1 31  ? 2.240   -4.604  19.840  1.00 27.11 ? 31   GLY A CA  1 
ATOM   197  C  C   . GLY A 1 31  ? 2.561   -5.982  20.390  1.00 26.77 ? 31   GLY A C   1 
ATOM   198  O  O   . GLY A 1 31  ? 3.500   -6.164  21.174  1.00 27.52 ? 31   GLY A O   1 
ATOM   199  N  N   . HIS A 1 32  ? 1.753   -6.958  19.986  1.00 22.56 ? 32   HIS A N   1 
ATOM   200  C  CA  . HIS A 1 32  ? 1.941   -8.336  20.425  1.00 19.83 ? 32   HIS A CA  1 
ATOM   201  C  C   . HIS A 1 32  ? 2.458   -9.249  19.313  1.00 18.74 ? 32   HIS A C   1 
ATOM   202  O  O   . HIS A 1 32  ? 2.321   -10.470 19.393  1.00 20.99 ? 32   HIS A O   1 
ATOM   203  C  CB  . HIS A 1 32  ? 0.651   -8.898  21.026  1.00 16.77 ? 32   HIS A CB  1 
ATOM   204  C  CG  . HIS A 1 32  ? -0.468  -9.049  20.043  1.00 13.63 ? 32   HIS A CG  1 
ATOM   205  N  ND1 . HIS A 1 32  ? -1.054  -10.250 19.721  1.00 10.82 ? 32   HIS A ND1 1 
ATOM   206  C  CD2 . HIS A 1 32  ? -1.145  -8.112  19.332  1.00 14.83 ? 32   HIS A CD2 1 
ATOM   207  C  CE1 . HIS A 1 32  ? -2.048  -10.019 18.857  1.00 10.66 ? 32   HIS A CE1 1 
ATOM   208  N  NE2 . HIS A 1 32  ? -2.152  -8.736  18.585  1.00 12.79 ? 32   HIS A NE2 1 
ATOM   209  N  N   . GLY A 1 33  ? 3.043   -8.648  18.282  1.00 15.91 ? 33   GLY A N   1 
ATOM   210  C  CA  . GLY A 1 33  ? 3.603   -9.424  17.189  1.00 17.06 ? 33   GLY A CA  1 
ATOM   211  C  C   . GLY A 1 33  ? 2.945   -9.263  15.829  1.00 16.66 ? 33   GLY A C   1 
ATOM   212  O  O   . GLY A 1 33  ? 3.427   -9.813  14.845  1.00 16.90 ? 33   GLY A O   1 
ATOM   213  N  N   . HIS A 1 34  ? 1.850   -8.513  15.766  1.00 14.05 ? 34   HIS A N   1 
ATOM   214  C  CA  . HIS A 1 34  ? 1.124   -8.320  14.518  1.00 14.40 ? 34   HIS A CA  1 
ATOM   215  C  C   . HIS A 1 34  ? 1.219   -6.905  13.962  1.00 14.29 ? 34   HIS A C   1 
ATOM   216  O  O   . HIS A 1 34  ? 1.766   -5.997  14.593  1.00 14.28 ? 34   HIS A O   1 
ATOM   217  C  CB  . HIS A 1 34  ? -0.358  -8.666  14.718  1.00 16.30 ? 34   HIS A CB  1 
ATOM   218  C  CG  . HIS A 1 34  ? -0.608  -10.094 15.091  1.00 15.27 ? 34   HIS A CG  1 
ATOM   219  N  ND1 . HIS A 1 34  ? -1.824  -10.573 15.531  1.00 16.80 ? 34   HIS A ND1 1 
ATOM   220  C  CD2 . HIS A 1 34  ? 0.222   -11.167 15.066  1.00 15.59 ? 34   HIS A CD2 1 
ATOM   221  C  CE1 . HIS A 1 34  ? -1.695  -11.889 15.754  1.00 17.98 ? 34   HIS A CE1 1 
ATOM   222  N  NE2 . HIS A 1 34  ? -0.468  -12.298 15.484  1.00 16.76 ? 34   HIS A NE2 1 
ATOM   223  N  N   . TYR A 1 35  ? 0.700   -6.734  12.754  1.00 13.79 ? 35   TYR A N   1 
ATOM   224  C  CA  . TYR A 1 35  ? 0.685   -5.426  12.121  1.00 14.23 ? 35   TYR A CA  1 
ATOM   225  C  C   . TYR A 1 35  ? -0.201  -5.379  10.904  1.00 12.32 ? 35   TYR A C   1 
ATOM   226  O  O   . TYR A 1 35  ? -0.345  -6.368  10.189  1.00 14.44 ? 35   TYR A O   1 
ATOM   227  C  CB  . TYR A 1 35  ? 2.104   -4.923  11.781  1.00 15.29 ? 35   TYR A CB  1 
ATOM   228  C  CG  . TYR A 1 35  ? 2.939   -5.827  10.898  1.00 15.56 ? 35   TYR A CG  1 
ATOM   229  C  CD1 . TYR A 1 35  ? 3.921   -6.652  11.449  1.00 16.22 ? 35   TYR A CD1 1 
ATOM   230  C  CD2 . TYR A 1 35  ? 2.781   -5.830  9.514   1.00 15.54 ? 35   TYR A CD2 1 
ATOM   231  C  CE1 . TYR A 1 35  ? 4.725   -7.449  10.646  1.00 15.37 ? 35   TYR A CE1 1 
ATOM   232  C  CE2 . TYR A 1 35  ? 3.579   -6.628  8.703   1.00 14.79 ? 35   TYR A CE2 1 
ATOM   233  C  CZ  . TYR A 1 35  ? 4.550   -7.432  9.274   1.00 15.76 ? 35   TYR A CZ  1 
ATOM   234  O  OH  . TYR A 1 35  ? 5.360   -8.214  8.479   1.00 15.39 ? 35   TYR A OH  1 
ATOM   235  N  N   . GLY A 1 36  ? -0.875  -4.248  10.738  1.00 13.64 ? 36   GLY A N   1 
ATOM   236  C  CA  . GLY A 1 36  ? -1.723  -4.049  9.578   1.00 13.23 ? 36   GLY A CA  1 
ATOM   237  C  C   . GLY A 1 36  ? -0.851  -3.451  8.492   1.00 12.07 ? 36   GLY A C   1 
ATOM   238  O  O   . GLY A 1 36  ? 0.293   -3.093  8.754   1.00 6.41  ? 36   GLY A O   1 
ATOM   239  N  N   . MET A 1 37  ? -1.365  -3.350  7.272   1.00 11.33 ? 37   MET A N   1 
ATOM   240  C  CA  . MET A 1 37  ? -0.563  -2.786  6.191   1.00 15.13 ? 37   MET A CA  1 
ATOM   241  C  C   . MET A 1 37  ? -1.331  -1.700  5.460   1.00 12.79 ? 37   MET A C   1 
ATOM   242  O  O   . MET A 1 37  ? -2.549  -1.646  5.540   1.00 15.23 ? 37   MET A O   1 
ATOM   243  C  CB  . MET A 1 37  ? -0.173  -3.875  5.192   1.00 17.18 ? 37   MET A CB  1 
ATOM   244  C  CG  . MET A 1 37  ? 1.292   -3.857  4.819   1.00 20.71 ? 37   MET A CG  1 
ATOM   245  S  SD  . MET A 1 37  ? 2.218   -5.152  5.679   1.00 33.01 ? 37   MET A SD  1 
ATOM   246  C  CE  . MET A 1 37  ? 3.845   -4.457  5.688   1.00 27.44 ? 37   MET A CE  1 
ATOM   247  N  N   . GLY A 1 38  ? -0.607  -0.845  4.743   1.00 12.81 ? 38   GLY A N   1 
ATOM   248  C  CA  . GLY A 1 38  ? -1.235  0.225   3.984   1.00 11.26 ? 38   GLY A CA  1 
ATOM   249  C  C   . GLY A 1 38  ? -0.343  0.742   2.868   1.00 9.88  ? 38   GLY A C   1 
ATOM   250  O  O   . GLY A 1 38  ? 0.860   0.467   2.845   1.00 9.14  ? 38   GLY A O   1 
ATOM   251  N  N   . TRP A 1 39  ? -0.950  1.451   1.920   1.00 7.87  ? 39   TRP A N   1 
ATOM   252  C  CA  . TRP A 1 39  ? -0.235  2.045   0.794   1.00 9.58  ? 39   TRP A CA  1 
ATOM   253  C  C   . TRP A 1 39  ? -0.529  3.537   0.738   1.00 9.23  ? 39   TRP A C   1 
ATOM   254  O  O   . TRP A 1 39  ? -1.650  3.964   0.998   1.00 6.49  ? 39   TRP A O   1 
ATOM   255  C  CB  . TRP A 1 39  ? -0.663  1.416   -0.536  1.00 11.83 ? 39   TRP A CB  1 
ATOM   256  C  CG  . TRP A 1 39  ? -0.159  0.034   -0.749  1.00 11.21 ? 39   TRP A CG  1 
ATOM   257  C  CD1 . TRP A 1 39  ? -0.799  -1.128  -0.443  1.00 7.93  ? 39   TRP A CD1 1 
ATOM   258  C  CD2 . TRP A 1 39  ? 1.103   -0.334  -1.321  1.00 13.66 ? 39   TRP A CD2 1 
ATOM   259  N  NE1 . TRP A 1 39  ? -0.011  -2.201  -0.784  1.00 15.31 ? 39   TRP A NE1 1 
ATOM   260  C  CE2 . TRP A 1 39  ? 1.162   -1.742  -1.327  1.00 15.52 ? 39   TRP A CE2 1 
ATOM   261  C  CE3 . TRP A 1 39  ? 2.187   0.391   -1.831  1.00 13.62 ? 39   TRP A CE3 1 
ATOM   262  C  CZ2 . TRP A 1 39  ? 2.264   -2.444  -1.827  1.00 16.33 ? 39   TRP A CZ2 1 
ATOM   263  C  CZ3 . TRP A 1 39  ? 3.283   -0.304  -2.327  1.00 15.62 ? 39   TRP A CZ3 1 
ATOM   264  C  CH2 . TRP A 1 39  ? 3.312   -1.710  -2.321  1.00 15.75 ? 39   TRP A CH2 1 
ATOM   265  N  N   . PHE A 1 40  ? 0.491   4.319   0.401   1.00 11.68 ? 40   PHE A N   1 
ATOM   266  C  CA  . PHE A 1 40  ? 0.379   5.771   0.288   1.00 12.57 ? 40   PHE A CA  1 
ATOM   267  C  C   . PHE A 1 40  ? 1.037   6.159   -1.025  1.00 13.26 ? 40   PHE A C   1 
ATOM   268  O  O   . PHE A 1 40  ? 1.912   5.450   -1.508  1.00 11.78 ? 40   PHE A O   1 
ATOM   269  C  CB  . PHE A 1 40  ? 1.163   6.479   1.412   1.00 12.31 ? 40   PHE A CB  1 
ATOM   270  C  CG  . PHE A 1 40  ? 0.576   6.314   2.785   1.00 12.71 ? 40   PHE A CG  1 
ATOM   271  C  CD1 . PHE A 1 40  ? 0.740   5.129   3.489   1.00 13.74 ? 40   PHE A CD1 1 
ATOM   272  C  CD2 . PHE A 1 40  ? -0.095  7.371   3.397   1.00 14.28 ? 40   PHE A CD2 1 
ATOM   273  C  CE1 . PHE A 1 40  ? 0.249   4.998   4.792   1.00 15.85 ? 40   PHE A CE1 1 
ATOM   274  C  CE2 . PHE A 1 40  ? -0.588  7.255   4.692   1.00 14.02 ? 40   PHE A CE2 1 
ATOM   275  C  CZ  . PHE A 1 40  ? -0.417  6.068   5.394   1.00 15.54 ? 40   PHE A CZ  1 
ATOM   276  N  N   . ARG A 1 41  ? 0.609   7.269   -1.615  1.00 14.91 ? 41   ARG A N   1 
ATOM   277  C  CA  . ARG A 1 41  ? 1.240   7.729   -2.845  1.00 16.70 ? 41   ARG A CA  1 
ATOM   278  C  C   . ARG A 1 41  ? 1.611   9.200   -2.750  1.00 17.67 ? 41   ARG A C   1 
ATOM   279  O  O   . ARG A 1 41  ? 0.913   9.992   -2.112  1.00 18.32 ? 41   ARG A O   1 
ATOM   280  C  CB  . ARG A 1 41  ? 0.386   7.439   -4.090  1.00 14.32 ? 41   ARG A CB  1 
ATOM   281  C  CG  . ARG A 1 41  ? -0.941  8.182   -4.209  1.00 15.43 ? 41   ARG A CG  1 
ATOM   282  C  CD  . ARG A 1 41  ? -1.614  7.824   -5.534  1.00 11.33 ? 41   ARG A CD  1 
ATOM   283  N  NE  . ARG A 1 41  ? -2.894  8.503   -5.715  1.00 17.35 ? 41   ARG A NE  1 
ATOM   284  C  CZ  . ARG A 1 41  ? -3.806  8.164   -6.628  1.00 18.90 ? 41   ARG A CZ  1 
ATOM   285  N  NH1 . ARG A 1 41  ? -3.590  7.156   -7.471  1.00 22.07 ? 41   ARG A NH1 1 
ATOM   286  N  NH2 . ARG A 1 41  ? -4.936  8.841   -6.708  1.00 19.03 ? 41   ARG A NH2 1 
ATOM   287  N  N   . GLN A 1 42  ? 2.747   9.539   -3.331  1.00 17.26 ? 42   GLN A N   1 
ATOM   288  C  CA  . GLN A 1 42  ? 3.248   10.920  -3.353  1.00 18.68 ? 42   GLN A CA  1 
ATOM   289  C  C   . GLN A 1 42  ? 3.108   11.475  -4.775  1.00 19.03 ? 42   GLN A C   1 
ATOM   290  O  O   . GLN A 1 42  ? 3.747   10.989  -5.711  1.00 17.13 ? 42   GLN A O   1 
ATOM   291  C  CB  . GLN A 1 42  ? 4.725   10.925  -2.920  1.00 16.42 ? 42   GLN A CB  1 
ATOM   292  C  CG  . GLN A 1 42  ? 5.301   12.319  -2.679  1.00 16.24 ? 42   GLN A CG  1 
ATOM   293  C  CD  . GLN A 1 42  ? 4.709   13.017  -1.462  1.00 15.48 ? 42   GLN A CD  1 
ATOM   294  O  OE1 . GLN A 1 42  ? 4.629   12.418  -0.380  1.00 16.63 ? 42   GLN A OE1 1 
ATOM   295  N  NE2 . GLN A 1 42  ? 4.295   14.262  -1.592  1.00 12.86 ? 42   GLN A NE2 1 
ATOM   296  N  N   . VAL A 1 43  ? 2.258   12.492  -4.920  1.00 20.49 ? 43   VAL A N   1 
ATOM   297  C  CA  . VAL A 1 43  ? 2.020   13.122  -6.239  1.00 21.15 ? 43   VAL A CA  1 
ATOM   298  C  C   . VAL A 1 43  ? 2.555   14.533  -6.297  1.00 21.23 ? 43   VAL A C   1 
ATOM   299  O  O   . VAL A 1 43  ? 2.217   15.364  -5.398  1.00 22.34 ? 43   VAL A O   1 
ATOM   300  C  CB  . VAL A 1 43  ? 0.533   13.196  -6.576  1.00 22.31 ? 43   VAL A CB  1 
ATOM   301  C  CG1 . VAL A 1 43  ? 0.284   13.987  -7.873  1.00 22.94 ? 43   VAL A CG1 1 
ATOM   302  C  CG2 . VAL A 1 43  ? -0.073  11.807  -6.759  1.00 21.88 ? 43   VAL A CG2 1 
ATOM   303  N  N   . PRO A 1 44  ? 3.423   14.836  -7.372  1.00 21.85 ? 44   PRO A N   1 
ATOM   304  C  CA  . PRO A 1 44  ? 3.987   16.160  -7.518  1.00 21.69 ? 44   PRO A CA  1 
ATOM   305  C  C   . PRO A 1 44  ? 2.992   17.297  -7.467  1.00 20.30 ? 44   PRO A C   1 
ATOM   306  O  O   . PRO A 1 44  ? 2.028   17.324  -8.299  1.00 20.95 ? 44   PRO A O   1 
ATOM   307  C  CB  . PRO A 1 44  ? 4.869   16.067  -8.755  1.00 24.14 ? 44   PRO A CB  1 
ATOM   308  C  CG  . PRO A 1 44  ? 4.906   14.645  -9.186  1.00 22.89 ? 44   PRO A CG  1 
ATOM   309  C  CD  . PRO A 1 44  ? 3.860   13.883  -8.444  1.00 25.14 ? 44   PRO A CD  1 
ATOM   310  N  N   . GLY A 1 45  ? 3.326   18.212  -6.373  1.00 20.82 ? 45   GLY A N   1 
ATOM   311  C  CA  . GLY A 1 45  ? 2.541   19.424  -6.095  1.00 17.34 ? 45   GLY A CA  1 
ATOM   312  C  C   . GLY A 1 45  ? 1.345   19.152  -5.178  1.00 18.55 ? 45   GLY A C   1 
ATOM   313  O  O   . GLY A 1 45  ? 0.483   20.016  -5.000  1.00 19.07 ? 45   GLY A O   1 
ATOM   314  N  N   . LYS A 1 46  ? 1.305   17.958  -4.603  1.00 21.13 ? 46   LYS A N   1 
ATOM   315  C  CA  . LYS A 1 46  ? 0.208   17.571  -3.694  1.00 22.51 ? 46   LYS A CA  1 
ATOM   316  C  C   . LYS A 1 46  ? 0.751   16.855  -2.452  1.00 22.69 ? 46   LYS A C   1 
ATOM   317  O  O   . LYS A 1 46  ? 1.845   16.277  -2.465  1.00 20.08 ? 46   LYS A O   1 
ATOM   318  C  CB  . LYS A 1 46  ? -0.776  16.634  -4.401  1.00 25.34 ? 46   LYS A CB  1 
ATOM   319  C  CG  . LYS A 1 46  ? -1.569  17.311  -5.510  1.00 32.28 ? 46   LYS A CG  1 
ATOM   320  C  CD  . LYS A 1 46  ? -2.690  16.433  -6.056  1.00 35.32 ? 46   LYS A CD  1 
ATOM   321  C  CE  . LYS A 1 46  ? -3.477  17.134  -7.157  1.00 35.97 ? 46   LYS A CE  1 
ATOM   322  N  NZ  . LYS A 1 46  ? -3.822  18.528  -6.829  1.00 40.91 ? 46   LYS A NZ  1 
ATOM   323  N  N   . GLU A 1 47  ? -0.050  16.894  -1.392  1.00 23.17 ? 47   GLU A N   1 
ATOM   324  C  CA  . GLU A 1 47  ? 0.293   16.257  -0.126  1.00 24.33 ? 47   GLU A CA  1 
ATOM   325  C  C   . GLU A 1 47  ? 0.133   14.743  -0.233  1.00 23.16 ? 47   GLU A C   1 
ATOM   326  O  O   . GLU A 1 47  ? -0.638  14.247  -1.057  1.00 22.53 ? 47   GLU A O   1 
ATOM   327  C  CB  . GLU A 1 47  ? -0.599  16.811  0.987   1.00 28.18 ? 47   GLU A CB  1 
ATOM   328  C  CG  . GLU A 1 47  ? -0.415  18.303  1.195   1.00 30.38 ? 47   GLU A CG  1 
ATOM   329  C  CD  . GLU A 1 47  ? -1.545  18.947  1.970   1.00 30.21 ? 47   GLU A CD  1 
ATOM   330  O  OE1 . GLU A 1 47  ? -1.378  19.183  3.181   1.00 29.28 ? 47   GLU A OE1 1 
ATOM   331  O  OE2 . GLU A 1 47  ? -2.594  19.240  1.359   1.00 33.23 ? 47   GLU A OE2 1 
ATOM   332  N  N   . ARG A 1 48  ? 0.879   14.017  0.596   1.00 20.33 ? 48   ARG A N   1 
ATOM   333  C  CA  . ARG A 1 48  ? 0.846   12.562  0.601   1.00 18.91 ? 48   ARG A CA  1 
ATOM   334  C  C   . ARG A 1 48  ? -0.534  12.038  0.961   1.00 20.22 ? 48   ARG A C   1 
ATOM   335  O  O   . ARG A 1 48  ? -1.139  12.492  1.932   1.00 24.45 ? 48   ARG A O   1 
ATOM   336  C  CB  . ARG A 1 48  ? 1.876   12.018  1.588   1.00 15.44 ? 48   ARG A CB  1 
ATOM   337  C  CG  . ARG A 1 48  ? 1.812   10.516  1.764   1.00 10.49 ? 48   ARG A CG  1 
ATOM   338  C  CD  . ARG A 1 48  ? 3.059   10.006  2.436   1.00 10.97 ? 48   ARG A CD  1 
ATOM   339  N  NE  . ARG A 1 48  ? 4.243   10.315  1.643   1.00 7.46  ? 48   ARG A NE  1 
ATOM   340  C  CZ  . ARG A 1 48  ? 5.472   9.934   1.962   1.00 9.49  ? 48   ARG A CZ  1 
ATOM   341  N  NH1 . ARG A 1 48  ? 5.681   9.197   3.055   1.00 2.21  ? 48   ARG A NH1 1 
ATOM   342  N  NH2 . ARG A 1 48  ? 6.487   10.280  1.176   1.00 5.18  ? 48   ARG A NH2 1 
ATOM   343  N  N   . GLU A 1 49  ? -1.000  11.019  0.198   1.00 20.40 ? 49   GLU A N   1 
ATOM   344  C  CA  . GLU A 1 49  ? -2.348  10.526  0.496   1.00 20.67 ? 49   GLU A CA  1 
ATOM   345  C  C   . GLU A 1 49  ? -2.374  9.009   0.775   1.00 18.41 ? 49   GLU A C   1 
ATOM   346  O  O   . GLU A 1 49  ? -1.548  8.234   0.284   1.00 17.75 ? 49   GLU A O   1 
ATOM   347  C  CB  . GLU A 1 49  ? -3.300  10.824  -0.665  1.00 19.82 ? 49   GLU A CB  1 
ATOM   348  C  CG  . GLU A 1 49  ? -2.718  10.610  -2.076  1.00 24.41 ? 49   GLU A CG  1 
ATOM   349  C  CD  . GLU A 1 49  ? -3.701  11.125  -3.108  1.00 28.56 ? 49   GLU A CD  1 
ATOM   350  O  OE1 . GLU A 1 49  ? -4.902  11.102  -2.769  1.00 29.45 ? 49   GLU A OE1 1 
ATOM   351  O  OE2 . GLU A 1 49  ? -3.340  11.579  -4.267  1.00 24.37 ? 49   GLU A OE2 1 
ATOM   352  N  N   . PHE A 1 50  ? -3.270  8.634   1.641   1.00 18.37 ? 50   PHE A N   1 
ATOM   353  C  CA  . PHE A 1 50  ? -3.644  7.260   2.017   1.00 16.64 ? 50   PHE A CA  1 
ATOM   354  C  C   . PHE A 1 50  ? -4.564  6.690   0.900   1.00 16.49 ? 50   PHE A C   1 
ATOM   355  O  O   . PHE A 1 50  ? -5.609  7.194   0.629   1.00 17.16 ? 50   PHE A O   1 
ATOM   356  C  CB  . PHE A 1 50  ? -4.386  7.322   3.359   1.00 17.77 ? 50   PHE A CB  1 
ATOM   357  C  CG  . PHE A 1 50  ? -4.315  6.043   4.187   1.00 17.88 ? 50   PHE A CG  1 
ATOM   358  C  CD1 . PHE A 1 50  ? -5.219  5.852   5.234   1.00 16.55 ? 50   PHE A CD1 1 
ATOM   359  C  CD2 . PHE A 1 50  ? -3.356  5.069   3.907   1.00 15.14 ? 50   PHE A CD2 1 
ATOM   360  C  CE1 . PHE A 1 50  ? -5.165  4.689   6.002   1.00 17.97 ? 50   PHE A CE1 1 
ATOM   361  C  CE2 . PHE A 1 50  ? -3.301  3.903   4.676   1.00 17.45 ? 50   PHE A CE2 1 
ATOM   362  C  CZ  . PHE A 1 50  ? -4.206  3.713   5.721   1.00 15.40 ? 50   PHE A CZ  1 
ATOM   363  N  N   . VAL A 1 51  ? -4.146  5.636   0.277   1.00 15.25 ? 51   VAL A N   1 
ATOM   364  C  CA  . VAL A 1 51  ? -4.833  4.965   -0.830  1.00 15.33 ? 51   VAL A CA  1 
ATOM   365  C  C   . VAL A 1 51  ? -5.469  3.569   -0.458  1.00 13.58 ? 51   VAL A C   1 
ATOM   366  O  O   . VAL A 1 51  ? -6.537  3.144   -0.862  1.00 12.61 ? 51   VAL A O   1 
ATOM   367  C  CB  . VAL A 1 51  ? -3.841  4.633   -1.758  1.00 15.19 ? 51   VAL A CB  1 
ATOM   368  C  CG1 . VAL A 1 51  ? -4.425  3.825   -2.822  1.00 16.95 ? 51   VAL A CG1 1 
ATOM   369  C  CG2 . VAL A 1 51  ? -3.081  5.814   -2.348  1.00 16.19 ? 51   VAL A CG2 1 
ATOM   370  N  N   . ALA A 1 52  ? -4.826  2.751   0.320   1.00 10.69 ? 52   ALA A N   1 
ATOM   371  C  CA  . ALA A 1 52  ? -5.469  1.463   0.689   1.00 10.57 ? 52   ALA A CA  1 
ATOM   372  C  C   . ALA A 1 52  ? -4.920  0.953   2.015   1.00 8.09  ? 52   ALA A C   1 
ATOM   373  O  O   . ALA A 1 52  ? -3.851  1.375   2.462   1.00 5.84  ? 52   ALA A O   1 
ATOM   374  C  CB  . ALA A 1 52  ? -5.242  0.394   -0.387  1.00 9.69  ? 52   ALA A CB  1 
ATOM   375  N  N   . ALA A 1 53  ? -5.702  0.092   2.703   1.00 9.08  ? 53   ALA A N   1 
ATOM   376  C  CA  . ALA A 1 53  ? -5.293  -0.462  4.004   1.00 8.55  ? 53   ALA A CA  1 
ATOM   377  C  C   . ALA A 1 53  ? -5.981  -1.780  4.324   1.00 9.30  ? 53   ALA A C   1 
ATOM   378  O  O   . ALA A 1 53  ? -7.121  -2.000  3.932   1.00 8.84  ? 53   ALA A O   1 
ATOM   379  C  CB  . ALA A 1 53  ? -5.566  0.534   5.124   1.00 9.62  ? 53   ALA A CB  1 
ATOM   380  N  N   . ILE A 1 54  ? -5.303  -2.637  5.087   1.00 9.44  ? 54   ILE A N   1 
ATOM   381  C  CA  . ILE A 1 54  ? -5.866  -3.926  5.456   1.00 10.02 ? 54   ILE A CA  1 
ATOM   382  C  C   . ILE A 1 54  ? -5.517  -4.276  6.899   1.00 9.03  ? 54   ILE A C   1 
ATOM   383  O  O   . ILE A 1 54  ? -4.378  -4.102  7.321   1.00 8.84  ? 54   ILE A O   1 
ATOM   384  C  CB  . ILE A 1 54  ? -5.352  -5.051  4.498   1.00 12.39 ? 54   ILE A CB  1 
ATOM   385  C  CG1 . ILE A 1 54  ? -6.106  -6.360  4.740   1.00 16.21 ? 54   ILE A CG1 1 
ATOM   386  C  CG2 . ILE A 1 54  ? -3.863  -5.284  4.682   1.00 9.88  ? 54   ILE A CG2 1 
ATOM   387  C  CD1 . ILE A 1 54  ? -5.707  -7.492  3.777   1.00 18.64 ? 54   ILE A CD1 1 
ATOM   388  N  N   . ARG A 1 55  ? -6.507  -4.739  7.659   1.00 10.52 ? 55   ARG A N   1 
ATOM   389  C  CA  . ARG A 1 55  ? -6.276  -5.153  9.044   1.00 12.37 ? 55   ARG A CA  1 
ATOM   390  C  C   . ARG A 1 55  ? -5.362  -6.372  9.021   1.00 11.18 ? 55   ARG A C   1 
ATOM   391  O  O   . ARG A 1 55  ? -5.277  -7.061  8.004   1.00 13.24 ? 55   ARG A O   1 
ATOM   392  C  CB  . ARG A 1 55  ? -7.597  -5.494  9.751   1.00 12.63 ? 55   ARG A CB  1 
ATOM   393  C  CG  . ARG A 1 55  ? -8.347  -4.276  10.271  1.00 14.92 ? 55   ARG A CG  1 
ATOM   394  C  CD  . ARG A 1 55  ? -9.185  -4.616  11.495  1.00 17.17 ? 55   ARG A CD  1 
ATOM   395  N  NE  . ARG A 1 55  ? -9.938  -3.479  12.030  1.00 18.90 ? 55   ARG A NE  1 
ATOM   396  C  CZ  . ARG A 1 55  ? -9.415  -2.485  12.746  1.00 17.04 ? 55   ARG A CZ  1 
ATOM   397  N  NH1 . ARG A 1 55  ? -8.120  -2.461  13.023  1.00 20.28 ? 55   ARG A NH1 1 
ATOM   398  N  NH2 . ARG A 1 55  ? -10.189 -1.506  13.178  1.00 15.38 ? 55   ARG A NH2 1 
ATOM   399  N  N   . TRP A 1 56  ? -4.689  -6.654  10.133  1.00 10.43 ? 56   TRP A N   1 
ATOM   400  C  CA  . TRP A 1 56  ? -3.776  -7.797  10.176  1.00 11.66 ? 56   TRP A CA  1 
ATOM   401  C  C   . TRP A 1 56  ? -4.423  -9.117  9.733   1.00 12.01 ? 56   TRP A C   1 
ATOM   402  O  O   . TRP A 1 56  ? -3.780  -9.941  9.074   1.00 11.70 ? 56   TRP A O   1 
ATOM   403  C  CB  . TRP A 1 56  ? -3.150  -7.969  11.576  1.00 11.92 ? 56   TRP A CB  1 
ATOM   404  C  CG  . TRP A 1 56  ? -2.516  -9.335  11.778  1.00 10.92 ? 56   TRP A CG  1 
ATOM   405  C  CD1 . TRP A 1 56  ? -1.254  -9.725  11.405  1.00 11.38 ? 56   TRP A CD1 1 
ATOM   406  C  CD2 . TRP A 1 56  ? -3.156  -10.509 12.299  1.00 8.13  ? 56   TRP A CD2 1 
ATOM   407  N  NE1 . TRP A 1 56  ? -1.076  -11.064 11.648  1.00 8.48  ? 56   TRP A NE1 1 
ATOM   408  C  CE2 . TRP A 1 56  ? -2.228  -11.572 12.196  1.00 10.05 ? 56   TRP A CE2 1 
ATOM   409  C  CE3 . TRP A 1 56  ? -4.422  -10.768 12.840  1.00 9.01  ? 56   TRP A CE3 1 
ATOM   410  C  CZ2 . TRP A 1 56  ? -2.530  -12.879 12.611  1.00 7.39  ? 56   TRP A CZ2 1 
ATOM   411  C  CZ3 . TRP A 1 56  ? -4.722  -12.073 13.254  1.00 5.31  ? 56   TRP A CZ3 1 
ATOM   412  C  CH2 . TRP A 1 56  ? -3.780  -13.106 13.132  1.00 2.00  ? 56   TRP A CH2 1 
ATOM   413  N  N   . SER A 1 57  ? -5.678  -9.324  10.126  1.00 12.20 ? 57   SER A N   1 
ATOM   414  C  CA  . SER A 1 57  ? -6.402  -10.551 9.809   1.00 12.29 ? 57   SER A CA  1 
ATOM   415  C  C   . SER A 1 57  ? -6.978  -10.624 8.404   1.00 14.74 ? 57   SER A C   1 
ATOM   416  O  O   . SER A 1 57  ? -7.211  -11.715 7.890   1.00 16.25 ? 57   SER A O   1 
ATOM   417  C  CB  . SER A 1 57  ? -7.528  -10.757 10.814  1.00 12.10 ? 57   SER A CB  1 
ATOM   418  O  OG  . SER A 1 57  ? -8.487  -9.715  10.707  1.00 8.93  ? 57   SER A OG  1 
ATOM   419  N  N   . GLY A 1 58  ? -7.221  -9.468  7.793   1.00 15.74 ? 58   GLY A N   1 
ATOM   420  C  CA  . GLY A 1 58  ? -7.801  -9.445  6.462   1.00 15.61 ? 58   GLY A CA  1 
ATOM   421  C  C   . GLY A 1 58  ? -9.319  -9.355  6.507   1.00 16.53 ? 58   GLY A C   1 
ATOM   422  O  O   . GLY A 1 58  ? -9.977  -9.400  5.470   1.00 18.07 ? 58   GLY A O   1 
ATOM   423  N  N   . LYS A 1 59  ? -9.879  -9.202  7.706   1.00 17.91 ? 59   LYS A N   1 
ATOM   424  C  CA  . LYS A 1 59  ? -11.330 -9.111  7.874   1.00 21.09 ? 59   LYS A CA  1 
ATOM   425  C  C   . LYS A 1 59  ? -11.934 -7.857  7.241   1.00 19.52 ? 59   LYS A C   1 
ATOM   426  O  O   . LYS A 1 59  ? -13.108 -7.841  6.874   1.00 20.86 ? 59   LYS A O   1 
ATOM   427  C  CB  . LYS A 1 59  ? -11.712 -9.201  9.353   1.00 23.87 ? 59   LYS A CB  1 
ATOM   428  C  CG  . LYS A 1 59  ? -11.474 -10.573 9.963   1.00 31.73 ? 59   LYS A CG  1 
ATOM   429  C  CD  . LYS A 1 59  ? -11.912 -10.601 11.428  1.00 38.15 ? 59   LYS A CD  1 
ATOM   430  C  CE  . LYS A 1 59  ? -11.639 -11.943 12.089  1.00 40.40 ? 59   LYS A CE  1 
ATOM   431  N  NZ  . LYS A 1 59  ? -11.922 -11.887 13.554  1.00 41.71 ? 59   LYS A NZ  1 
ATOM   432  N  N   . GLU A 1 60  ? -11.141 -6.799  7.133   1.00 19.19 ? 60   GLU A N   1 
ATOM   433  C  CA  . GLU A 1 60  ? -11.626 -5.580  6.501   1.00 21.99 ? 60   GLU A CA  1 
ATOM   434  C  C   . GLU A 1 60  ? -10.511 -4.795  5.830   1.00 21.42 ? 60   GLU A C   1 
ATOM   435  O  O   . GLU A 1 60  ? -9.355  -4.840  6.247   1.00 18.17 ? 60   GLU A O   1 
ATOM   436  C  CB  . GLU A 1 60  ? -12.408 -4.695  7.484   1.00 22.78 ? 60   GLU A CB  1 
ATOM   437  C  CG  . GLU A 1 60  ? -11.598 -4.085  8.606   1.00 27.46 ? 60   GLU A CG  1 
ATOM   438  C  CD  . GLU A 1 60  ? -12.415 -3.124  9.451   1.00 32.05 ? 60   GLU A CD  1 
ATOM   439  O  OE1 . GLU A 1 60  ? -12.254 -1.899  9.282   1.00 33.81 ? 60   GLU A OE1 1 
ATOM   440  O  OE2 . GLU A 1 60  ? -13.218 -3.588  10.289  1.00 36.03 ? 60   GLU A OE2 1 
ATOM   441  N  N   . THR A 1 61  ? -10.869 -4.146  4.729   1.00 22.70 ? 61   THR A N   1 
ATOM   442  C  CA  . THR A 1 61  ? -9.946  -3.321  3.959   1.00 21.59 ? 61   THR A CA  1 
ATOM   443  C  C   . THR A 1 61  ? -10.566 -1.938  3.797   1.00 20.11 ? 61   THR A C   1 
ATOM   444  O  O   . THR A 1 61  ? -11.735 -1.725  4.128   1.00 18.17 ? 61   THR A O   1 
ATOM   445  C  CB  . THR A 1 61  ? -9.693  -3.906  2.551   1.00 22.20 ? 61   THR A CB  1 
ATOM   446  O  OG1 . THR A 1 61  ? -10.942 -4.091  1.882   1.00 22.36 ? 61   THR A OG1 1 
ATOM   447  C  CG2 . THR A 1 61  ? -8.962  -5.240  2.636   1.00 22.66 ? 61   THR A CG2 1 
ATOM   448  N  N   . TRP A 1 62  ? -9.767  -0.999  3.302   1.00 17.74 ? 62   TRP A N   1 
ATOM   449  C  CA  . TRP A 1 62  ? -10.238 0.364   3.072   1.00 15.26 ? 62   TRP A CA  1 
ATOM   450  C  C   . TRP A 1 62  ? -9.550  0.918   1.839   1.00 12.32 ? 62   TRP A C   1 
ATOM   451  O  O   . TRP A 1 62  ? -8.378  0.653   1.591   1.00 11.09 ? 62   TRP A O   1 
ATOM   452  C  CB  . TRP A 1 62  ? -9.976  1.263   4.291   1.00 15.47 ? 62   TRP A CB  1 
ATOM   453  C  CG  . TRP A 1 62  ? -10.314 2.718   4.042   1.00 13.62 ? 62   TRP A CG  1 
ATOM   454  C  CD1 . TRP A 1 62  ? -11.537 3.319   4.174   1.00 13.94 ? 62   TRP A CD1 1 
ATOM   455  C  CD2 . TRP A 1 62  ? -9.422  3.731   3.556   1.00 13.31 ? 62   TRP A CD2 1 
ATOM   456  N  NE1 . TRP A 1 62  ? -11.460 4.639   3.790   1.00 12.28 ? 62   TRP A NE1 1 
ATOM   457  C  CE2 . TRP A 1 62  ? -10.173 4.916   3.405   1.00 13.51 ? 62   TRP A CE2 1 
ATOM   458  C  CE3 . TRP A 1 62  ? -8.058  3.747   3.228   1.00 13.53 ? 62   TRP A CE3 1 
ATOM   459  C  CZ2 . TRP A 1 62  ? -9.608  6.106   2.937   1.00 14.19 ? 62   TRP A CZ2 1 
ATOM   460  C  CZ3 . TRP A 1 62  ? -7.497  4.930   2.764   1.00 12.62 ? 62   TRP A CZ3 1 
ATOM   461  C  CH2 . TRP A 1 62  ? -8.273  6.093   2.623   1.00 10.90 ? 62   TRP A CH2 1 
ATOM   462  N  N   . TYR A 1 63  ? -10.305 1.652   1.039   1.00 12.96 ? 63   TYR A N   1 
ATOM   463  C  CA  . TYR A 1 63  ? -9.764  2.242   -0.176  1.00 15.05 ? 63   TYR A CA  1 
ATOM   464  C  C   . TYR A 1 63  ? -10.197 3.694   -0.241  1.00 16.06 ? 63   TYR A C   1 
ATOM   465  O  O   . TYR A 1 63  ? -11.220 4.067   0.347   1.00 16.22 ? 63   TYR A O   1 
ATOM   466  C  CB  . TYR A 1 63  ? -10.291 1.498   -1.404  1.00 12.81 ? 63   TYR A CB  1 
ATOM   467  C  CG  . TYR A 1 63  ? -9.991  0.014   -1.403  1.00 12.09 ? 63   TYR A CG  1 
ATOM   468  C  CD1 . TYR A 1 63  ? -8.751  -0.466  -1.819  1.00 9.48  ? 63   TYR A CD1 1 
ATOM   469  C  CD2 . TYR A 1 63  ? -10.958 -0.916  -1.000  1.00 10.99 ? 63   TYR A CD2 1 
ATOM   470  C  CE1 . TYR A 1 63  ? -8.475  -1.822  -1.838  1.00 11.85 ? 63   TYR A CE1 1 
ATOM   471  C  CE2 . TYR A 1 63  ? -10.686 -2.287  -1.017  1.00 11.31 ? 63   TYR A CE2 1 
ATOM   472  C  CZ  . TYR A 1 63  ? -9.439  -2.728  -1.442  1.00 9.87  ? 63   TYR A CZ  1 
ATOM   473  O  OH  . TYR A 1 63  ? -9.146  -4.073  -1.480  1.00 10.40 ? 63   TYR A OH  1 
ATOM   474  N  N   . LYS A 1 64  ? -9.347  4.512   -0.874  1.00 18.32 ? 64   LYS A N   1 
ATOM   475  C  CA  . LYS A 1 64  ? -9.712  5.901   -1.093  1.00 24.02 ? 64   LYS A CA  1 
ATOM   476  C  C   . LYS A 1 64  ? -10.733 5.933   -2.200  1.00 25.95 ? 64   LYS A C   1 
ATOM   477  O  O   . LYS A 1 64  ? -10.603 5.181   -3.172  1.00 25.33 ? 64   LYS A O   1 
ATOM   478  C  CB  . LYS A 1 64  ? -8.488  6.748   -1.507  1.00 26.30 ? 64   LYS A CB  1 
ATOM   479  C  CG  . LYS A 1 64  ? -8.766  8.237   -1.204  1.00 28.88 ? 64   LYS A CG  1 
ATOM   480  C  CD  . LYS A 1 64  ? -7.924  9.191   -1.784  1.00 33.47 ? 64   LYS A CD  1 
ATOM   481  C  CE  . LYS A 1 64  ? -7.989  10.666  -1.385  1.00 33.47 ? 64   LYS A CE  1 
ATOM   482  N  NZ  . LYS A 1 64  ? -6.705  11.302  -1.769  1.00 35.73 ? 64   LYS A NZ  1 
ATOM   483  N  N   . ASP A 1 65  ? -11.764 6.749   -2.061  1.00 28.07 ? 65   ASP A N   1 
ATOM   484  C  CA  . ASP A 1 65  ? -12.836 6.810   -3.053  1.00 30.85 ? 65   ASP A CA  1 
ATOM   485  C  C   . ASP A 1 65  ? -12.436 6.789   -4.529  1.00 30.04 ? 65   ASP A C   1 
ATOM   486  O  O   . ASP A 1 65  ? -13.073 6.106   -5.332  1.00 30.43 ? 65   ASP A O   1 
ATOM   487  C  CB  . ASP A 1 65  ? -13.747 8.006   -2.774  1.00 34.12 ? 65   ASP A CB  1 
ATOM   488  C  CG  . ASP A 1 65  ? -14.668 7.774   -1.593  1.00 38.04 ? 65   ASP A CG  1 
ATOM   489  O  OD1 . ASP A 1 65  ? -14.205 7.228   -0.570  1.00 40.70 ? 65   ASP A OD1 1 
ATOM   490  O  OD2 . ASP A 1 65  ? -15.861 8.133   -1.690  1.00 40.56 ? 65   ASP A OD2 1 
ATOM   491  N  N   . SER A 1 66  ? -11.313 7.471   -4.811  1.00 29.30 ? 66   SER A N   1 
ATOM   492  C  CA  . SER A 1 66  ? -10.991 7.546   -6.216  1.00 27.55 ? 66   SER A CA  1 
ATOM   493  C  C   . SER A 1 66  ? -10.336 6.252   -6.677  1.00 27.13 ? 66   SER A C   1 
ATOM   494  O  O   . SER A 1 66  ? -9.983  6.144   -7.904  1.00 23.90 ? 66   SER A O   1 
ATOM   495  C  CB  . SER A 1 66  ? -10.018 8.723   -6.500  1.00 24.02 ? 66   SER A CB  1 
ATOM   496  O  OG  . SER A 1 66  ? -8.764  8.500   -5.866  1.00 18.64 ? 66   SER A OG  1 
ATOM   497  N  N   . VAL A 1 67  ? -10.137 5.197   -5.717  1.00 27.84 ? 67   VAL A N   1 
ATOM   498  C  CA  . VAL A 1 67  ? -9.506  4.011   -6.294  1.00 29.04 ? 67   VAL A CA  1 
ATOM   499  C  C   . VAL A 1 67  ? -10.398 2.834   -6.254  1.00 29.73 ? 67   VAL A C   1 
ATOM   500  O  O   . VAL A 1 67  ? -10.116 1.869   -7.032  1.00 31.41 ? 67   VAL A O   1 
ATOM   501  C  CB  . VAL A 1 67  ? -8.151  3.652   -5.687  1.00 28.34 ? 67   VAL A CB  1 
ATOM   502  C  CG1 . VAL A 1 67  ? -7.290  4.888   -5.458  1.00 29.47 ? 67   VAL A CG1 1 
ATOM   503  C  CG2 . VAL A 1 67  ? -8.200  2.914   -4.356  1.00 26.10 ? 67   VAL A CG2 1 
ATOM   504  N  N   . LYS A 1 68  ? -11.439 3.002   -5.325  1.00 30.46 ? 68   LYS A N   1 
ATOM   505  C  CA  . LYS A 1 68  ? -12.462 1.955   -5.217  1.00 32.48 ? 68   LYS A CA  1 
ATOM   506  C  C   . LYS A 1 68  ? -13.011 1.623   -6.550  1.00 33.63 ? 68   LYS A C   1 
ATOM   507  O  O   . LYS A 1 68  ? -13.452 2.528   -7.266  1.00 35.16 ? 68   LYS A O   1 
ATOM   508  C  CB  . LYS A 1 68  ? -13.717 2.335   -4.439  1.00 33.36 ? 68   LYS A CB  1 
ATOM   509  C  CG  . LYS A 1 68  ? -13.578 2.929   -3.055  1.00 34.86 ? 68   LYS A CG  1 
ATOM   510  C  CD  . LYS A 1 68  ? -14.992 3.144   -2.469  1.00 36.22 ? 68   LYS A CD  1 
ATOM   511  C  CE  . LYS A 1 68  ? -15.028 3.895   -1.152  1.00 39.71 ? 68   LYS A CE  1 
ATOM   512  N  NZ  . LYS A 1 68  ? -14.443 3.132   -0.051  1.00 39.26 ? 68   LYS A NZ  1 
ATOM   513  N  N   . GLY A 1 69  ? -13.000 0.377   -6.772  1.00 33.49 ? 69   GLY A N   1 
ATOM   514  C  CA  . GLY A 1 69  ? -13.418 -0.235  -8.029  1.00 33.16 ? 69   GLY A CA  1 
ATOM   515  C  C   . GLY A 1 69  ? -12.060 -0.947  -8.449  1.00 32.36 ? 69   GLY A C   1 
ATOM   516  O  O   . GLY A 1 69  ? -11.855 -1.952  -7.916  1.00 35.04 ? 69   GLY A O   1 
ATOM   517  N  N   . ARG A 1 70  ? -11.291 -0.298  -9.280  1.00 30.15 ? 70   ARG A N   1 
ATOM   518  C  CA  . ARG A 1 70  ? -10.047 -0.499  -9.748  1.00 28.70 ? 70   ARG A CA  1 
ATOM   519  C  C   . ARG A 1 70  ? -8.888  -1.105  -8.881  1.00 26.25 ? 70   ARG A C   1 
ATOM   520  O  O   . ARG A 1 70  ? -8.209  -1.995  -9.376  1.00 27.42 ? 70   ARG A O   1 
ATOM   521  C  CB  . ARG A 1 70  ? -9.581  0.866   -10.180 1.00 28.21 ? 70   ARG A CB  1 
ATOM   522  C  CG  . ARG A 1 70  ? -10.758 1.693   -10.708 1.00 28.24 ? 70   ARG A CG  1 
ATOM   523  C  CD  . ARG A 1 70  ? -10.326 2.986   -11.378 1.00 33.12 ? 70   ARG A CD  1 
ATOM   524  N  NE  . ARG A 1 70  ? -8.903  3.266   -11.187 1.00 33.33 ? 70   ARG A NE  1 
ATOM   525  C  CZ  . ARG A 1 70  ? -8.427  4.422   -10.721 1.00 34.77 ? 70   ARG A CZ  1 
ATOM   526  N  NH1 . ARG A 1 70  ? -7.138  4.752   -10.879 1.00 34.49 ? 70   ARG A NH1 1 
ATOM   527  N  NH2 . ARG A 1 70  ? -9.172  5.324   -10.072 1.00 36.13 ? 70   ARG A NH2 1 
ATOM   528  N  N   . PHE A 1 71  ? -8.603  -0.643  -7.653  1.00 21.10 ? 71   PHE A N   1 
ATOM   529  C  CA  . PHE A 1 71  ? -7.460  -1.205  -6.857  1.00 18.10 ? 71   PHE A CA  1 
ATOM   530  C  C   . PHE A 1 71  ? -7.957  -2.169  -5.782  1.00 16.19 ? 71   PHE A C   1 
ATOM   531  O  O   . PHE A 1 71  ? -9.060  -2.006  -5.248  1.00 12.74 ? 71   PHE A O   1 
ATOM   532  C  CB  . PHE A 1 71  ? -6.671  -0.101  -6.135  1.00 22.08 ? 71   PHE A CB  1 
ATOM   533  C  CG  . PHE A 1 71  ? -6.055  0.953   -7.048  1.00 23.91 ? 71   PHE A CG  1 
ATOM   534  C  CD1 . PHE A 1 71  ? -5.598  2.168   -6.535  1.00 25.07 ? 71   PHE A CD1 1 
ATOM   535  C  CD2 . PHE A 1 71  ? -5.946  0.695   -8.412  1.00 25.90 ? 71   PHE A CD2 1 
ATOM   536  C  CE1 . PHE A 1 71  ? -5.026  3.117   -7.390  1.00 26.21 ? 71   PHE A CE1 1 
ATOM   537  C  CE2 . PHE A 1 71  ? -5.372  1.643   -9.265  1.00 25.45 ? 71   PHE A CE2 1 
ATOM   538  C  CZ  . PHE A 1 71  ? -4.911  2.851   -8.753  1.00 26.08 ? 71   PHE A CZ  1 
ATOM   539  N  N   . THR A 1 72  ? -7.106  -3.136  -5.421  1.00 13.69 ? 72   THR A N   1 
ATOM   540  C  CA  . THR A 1 72  ? -7.412  -4.101  -4.364  1.00 13.46 ? 72   THR A CA  1 
ATOM   541  C  C   . THR A 1 72  ? -6.145  -4.395  -3.577  1.00 12.63 ? 72   THR A C   1 
ATOM   542  O  O   . THR A 1 72  ? -5.061  -4.479  -4.155  1.00 11.70 ? 72   THR A O   1 
ATOM   543  C  CB  . THR A 1 72  ? -7.965  -5.448  -4.898  1.00 12.22 ? 72   THR A CB  1 
ATOM   544  O  OG1 . THR A 1 72  ? -7.104  -5.963  -5.921  1.00 15.79 ? 72   THR A OG1 1 
ATOM   545  C  CG2 . THR A 1 72  ? -9.385  -5.291  -5.409  1.00 7.80  ? 72   THR A CG2 1 
ATOM   546  N  N   . ILE A 1 73  ? -6.289  -4.536  -2.261  1.00 10.66 ? 73   ILE A N   1 
ATOM   547  C  CA  . ILE A 1 73  ? -5.161  -4.822  -1.383  1.00 10.22 ? 73   ILE A CA  1 
ATOM   548  C  C   . ILE A 1 73  ? -5.348  -6.202  -0.752  1.00 14.78 ? 73   ILE A C   1 
ATOM   549  O  O   . ILE A 1 73  ? -6.421  -6.523  -0.228  1.00 12.21 ? 73   ILE A O   1 
ATOM   550  C  CB  . ILE A 1 73  ? -5.023  -3.732  -0.270  1.00 9.50  ? 73   ILE A CB  1 
ATOM   551  C  CG1 . ILE A 1 73  ? -3.769  -3.962  0.571   1.00 7.40  ? 73   ILE A CG1 1 
ATOM   552  C  CG2 . ILE A 1 73  ? -6.253  -3.706  0.623   1.00 5.85  ? 73   ILE A CG2 1 
ATOM   553  C  CD1 . ILE A 1 73  ? -3.491  -2.842  1.556   1.00 11.05 ? 73   ILE A CD1 1 
ATOM   554  N  N   . SER A 1 74  ? -4.309  -7.026  -0.817  1.00 16.83 ? 74   SER A N   1 
ATOM   555  C  CA  . SER A 1 74  ? -4.395  -8.360  -0.250  1.00 21.04 ? 74   SER A CA  1 
ATOM   556  C  C   . SER A 1 74  ? -3.050  -8.834  0.281   1.00 22.42 ? 74   SER A C   1 
ATOM   557  O  O   . SER A 1 74  ? -2.043  -8.142  0.160   1.00 24.14 ? 74   SER A O   1 
ATOM   558  C  CB  . SER A 1 74  ? -4.946  -9.342  -1.294  1.00 22.08 ? 74   SER A CB  1 
ATOM   559  O  OG  . SER A 1 74  ? -4.181  -9.316  -2.486  1.00 23.88 ? 74   SER A OG  1 
ATOM   560  N  N   . ARG A 1 75  ? -3.008  -9.962  0.846   1.00 23.51 ? 75   ARG A N   1 
ATOM   561  C  CA  . ARG A 1 75  ? -1.845  -10.633 1.449   1.00 26.92 ? 75   ARG A CA  1 
ATOM   562  C  C   . ARG A 1 75  ? -1.958  -12.134 1.157   1.00 28.70 ? 75   ARG A C   1 
ATOM   563  O  O   . ARG A 1 75  ? -2.983  -12.763 1.450   1.00 28.12 ? 75   ARG A O   1 
ATOM   564  C  CB  . ARG A 1 75  ? -1.863  -10.350 2.949   1.00 27.49 ? 75   ARG A CB  1 
ATOM   565  C  CG  . ARG A 1 75  ? -0.747  -11.027 3.727   1.00 31.97 ? 75   ARG A CG  1 
ATOM   566  C  CD  . ARG A 1 75  ? -0.727  -10.581 5.185   1.00 34.37 ? 75   ARG A CD  1 
ATOM   567  N  NE  . ARG A 1 75  ? -2.040  -10.104 5.642   1.00 38.44 ? 75   ARG A NE  1 
ATOM   568  C  CZ  . ARG A 1 75  ? -2.222  -9.050  6.442   1.00 40.71 ? 75   ARG A CZ  1 
ATOM   569  N  NH1 . ARG A 1 75  ? -1.177  -8.337  6.888   1.00 39.13 ? 75   ARG A NH1 1 
ATOM   570  N  NH2 . ARG A 1 75  ? -3.425  -8.630  6.857   1.00 39.87 ? 75   ARG A NH2 1 
ATOM   571  N  N   . ASP A 1 76  ? -0.890  -12.693 0.575   1.00 30.79 ? 76   ASP A N   1 
ATOM   572  C  CA  . ASP A 1 76  ? -0.880  -14.129 0.195   1.00 33.79 ? 76   ASP A CA  1 
ATOM   573  C  C   . ASP A 1 76  ? -0.747  -15.022 1.472   1.00 35.29 ? 76   ASP A C   1 
ATOM   574  O  O   . ASP A 1 76  ? -0.466  -14.533 2.571   1.00 34.95 ? 76   ASP A O   1 
ATOM   575  C  CB  . ASP A 1 76  ? 0.217   -14.399 -0.827  1.00 38.16 ? 76   ASP A CB  1 
ATOM   576  C  CG  . ASP A 1 76  ? 1.595   -14.502 -0.252  1.00 39.06 ? 76   ASP A CG  1 
ATOM   577  O  OD1 . ASP A 1 76  ? 1.991   -13.630 0.602   1.00 41.11 ? 76   ASP A OD1 1 
ATOM   578  O  OD2 . ASP A 1 76  ? 2.357   -15.463 -0.631  1.00 40.05 ? 76   ASP A OD2 1 
ATOM   579  N  N   . ASN A 1 77  ? -0.883  -16.361 1.284   1.00 36.89 ? 77   ASN A N   1 
ATOM   580  C  CA  . ASN A 1 77  ? -1.109  -17.417 2.309   1.00 37.87 ? 77   ASN A CA  1 
ATOM   581  C  C   . ASN A 1 77  ? 0.113   -17.521 3.261   1.00 39.28 ? 77   ASN A C   1 
ATOM   582  O  O   . ASN A 1 77  ? 0.033   -17.294 4.466   1.00 39.17 ? 77   ASN A O   1 
ATOM   583  C  CB  . ASN A 1 77  ? -1.418  -18.682 1.614   1.00 38.61 ? 77   ASN A CB  1 
ATOM   584  C  CG  . ASN A 1 77  ? -2.875  -18.642 1.145   1.00 36.83 ? 77   ASN A CG  1 
ATOM   585  O  OD1 . ASN A 1 77  ? -3.304  -19.501 0.402   1.00 36.07 ? 77   ASN A OD1 1 
ATOM   586  N  ND2 . ASN A 1 77  ? -3.679  -17.657 1.552   1.00 36.37 ? 77   ASN A ND2 1 
ATOM   587  N  N   . ALA A 1 78  ? 1.315   -17.994 2.870   1.00 40.19 ? 78   ALA A N   1 
ATOM   588  C  CA  . ALA A 1 78  ? 2.335   -17.716 3.884   1.00 43.22 ? 78   ALA A CA  1 
ATOM   589  C  C   . ALA A 1 78  ? 2.422   -16.265 3.822   1.00 44.06 ? 78   ALA A C   1 
ATOM   590  O  O   . ALA A 1 78  ? 2.424   -15.650 2.740   1.00 44.33 ? 78   ALA A O   1 
ATOM   591  C  CB  . ALA A 1 78  ? 3.651   -18.429 3.530   1.00 43.45 ? 78   ALA A CB  1 
ATOM   592  N  N   . LYS A 1 79  ? 2.493   -15.566 4.866   1.00 20.00 ? 79   LYS A N   1 
ATOM   593  C  CA  . LYS A 1 79  ? 2.449   -14.170 4.538   1.00 20.00 ? 79   LYS A CA  1 
ATOM   594  C  C   . LYS A 1 79  ? 3.787   -13.423 4.813   1.00 20.00 ? 79   LYS A C   1 
ATOM   595  O  O   . LYS A 1 79  ? 4.780   -13.907 5.165   1.00 20.00 ? 79   LYS A O   1 
ATOM   596  C  CB  . LYS A 1 79  ? 1.276   -13.513 5.239   1.00 20.00 ? 79   LYS A CB  1 
ATOM   597  C  CG  . LYS A 1 79  ? -0.086  -14.055 4.743   1.00 20.00 ? 79   LYS A CG  1 
ATOM   598  C  CD  . LYS A 1 79  ? -1.277  -13.366 5.410   1.00 20.00 ? 79   LYS A CD  1 
ATOM   599  C  CE  . LYS A 1 79  ? -2.629  -13.910 4.942   1.00 20.00 ? 79   LYS A CE  1 
ATOM   600  N  NZ  . LYS A 1 79  ? -3.769  -13.243 5.588   1.00 20.00 ? 79   LYS A NZ  1 
ATOM   601  N  N   . THR A 1 80  ? 4.387   -12.621 4.595   1.00 44.34 ? 80   THR A N   1 
ATOM   602  C  CA  . THR A 1 80  ? 5.028   -11.300 4.756   1.00 42.88 ? 80   THR A CA  1 
ATOM   603  C  C   . THR A 1 80  ? 4.825   -10.404 3.529   1.00 39.98 ? 80   THR A C   1 
ATOM   604  O  O   . THR A 1 80  ? 5.279   -9.255  3.472   1.00 38.28 ? 80   THR A O   1 
ATOM   605  C  CB  . THR A 1 80  ? 6.585   -11.426 4.916   1.00 45.10 ? 80   THR A CB  1 
ATOM   606  O  OG1 . THR A 1 80  ? 7.128   -12.290 3.916   1.00 45.06 ? 80   THR A OG1 1 
ATOM   607  C  CG2 . THR A 1 80  ? 7.042   -11.982 6.266   1.00 46.64 ? 80   THR A CG2 1 
ATOM   608  N  N   . THR A 1 81  ? 4.143   -10.900 2.549   1.00 36.98 ? 81   THR A N   1 
ATOM   609  C  CA  . THR A 1 81  ? 4.006   -10.193 1.332   1.00 34.27 ? 81   THR A CA  1 
ATOM   610  C  C   . THR A 1 81  ? 2.578   -9.440  1.334   1.00 32.12 ? 81   THR A C   1 
ATOM   611  O  O   . THR A 1 81  ? 1.640   -9.823  2.071   1.00 33.11 ? 81   THR A O   1 
ATOM   612  C  CB  . THR A 1 81  ? 4.351   -11.391 0.207   1.00 35.74 ? 81   THR A CB  1 
ATOM   613  O  OG1 . THR A 1 81  ? 5.621   -12.224 0.319   1.00 36.17 ? 81   THR A OG1 1 
ATOM   614  C  CG2 . THR A 1 81  ? 4.452   -10.777 -1.127  1.00 32.85 ? 81   THR A CG2 1 
ATOM   615  N  N   . VAL A 1 82  ? 2.497   -8.210  0.750   1.00 29.03 ? 82   VAL A N   1 
ATOM   616  C  CA  . VAL A 1 82  ? 1.266   -7.398  0.667   1.00 24.28 ? 82   VAL A CA  1 
ATOM   617  C  C   . VAL A 1 82  ? 0.977   -7.077  -0.784  1.00 21.16 ? 82   VAL A C   1 
ATOM   618  O  O   . VAL A 1 82  ? 1.887   -7.043  -1.587  1.00 21.11 ? 82   VAL A O   1 
ATOM   619  C  CB  . VAL A 1 82  ? 1.407   -6.111  1.522   1.00 23.09 ? 82   VAL A CB  1 
ATOM   620  C  CG1 . VAL A 1 82  ? 0.208   -5.180  1.321   1.00 20.31 ? 82   VAL A CG1 1 
ATOM   621  C  CG2 . VAL A 1 82  ? 1.528   -6.489  2.987   1.00 23.86 ? 82   VAL A CG2 1 
ATOM   622  N  N   . TYR A 1 83  ? 0.101   -7.239  -1.485  1.00 18.56 ? 83   TYR A N   1 
ATOM   623  C  CA  . TYR A 1 83  ? -0.032  -6.810  -2.882  1.00 18.60 ? 83   TYR A CA  1 
ATOM   624  C  C   . TYR A 1 83  ? -1.003  -5.659  -3.101  1.00 17.28 ? 83   TYR A C   1 
ATOM   625  O  O   . TYR A 1 83  ? -1.939  -5.463  -2.331  1.00 17.86 ? 83   TYR A O   1 
ATOM   626  C  CB  . TYR A 1 83  ? -0.517  -7.970  -3.767  1.00 16.36 ? 83   TYR A CB  1 
ATOM   627  C  CG  . TYR A 1 83  ? 0.327   -9.223  -3.721  1.00 15.33 ? 83   TYR A CG  1 
ATOM   628  C  CD1 . TYR A 1 83  ? 1.504   -9.323  -4.463  1.00 18.51 ? 83   TYR A CD1 1 
ATOM   629  C  CD2 . TYR A 1 83  ? -0.065  -10.315 -2.957  1.00 13.49 ? 83   TYR A CD2 1 
ATOM   630  C  CE1 . TYR A 1 83  ? 2.271   -10.491 -4.443  1.00 18.39 ? 83   TYR A CE1 1 
ATOM   631  C  CE2 . TYR A 1 83  ? 0.687   -11.481 -2.927  1.00 14.59 ? 83   TYR A CE2 1 
ATOM   632  C  CZ  . TYR A 1 83  ? 1.854   -11.566 -3.668  1.00 17.73 ? 83   TYR A CZ  1 
ATOM   633  O  OH  . TYR A 1 83  ? 2.606   -12.720 -3.622  1.00 19.67 ? 83   TYR A OH  1 
ATOM   634  N  N   . LEU A 1 84  ? -0.786  -4.929  -4.191  1.00 17.86 ? 84   LEU A N   1 
ATOM   635  C  CA  . LEU A 1 84  ? -1.656  -3.828  -4.584  1.00 17.87 ? 84   LEU A CA  1 
ATOM   636  C  C   . LEU A 1 84  ? -1.883  -3.946  -6.093  1.00 16.56 ? 84   LEU A C   1 
ATOM   637  O  O   . LEU A 1 84  ? -1.051  -3.538  -6.902  1.00 12.39 ? 84   LEU A O   1 
ATOM   638  C  CB  . LEU A 1 84  ? -1.050  -2.460  -4.242  1.00 18.26 ? 84   LEU A CB  1 
ATOM   639  C  CG  . LEU A 1 84  ? -1.993  -1.301  -4.598  1.00 16.38 ? 84   LEU A CG  1 
ATOM   640  C  CD1 . LEU A 1 84  ? -3.274  -1.404  -3.789  1.00 15.29 ? 84   LEU A CD1 1 
ATOM   641  C  CD2 . LEU A 1 84  ? -1.320  0.032   -4.362  1.00 21.09 ? 84   LEU A CD2 1 
ATOM   642  N  N   . GLN A 1 85  ? -3.012  -4.546  -6.448  1.00 19.55 ? 85   GLN A N   1 
ATOM   643  C  CA  . GLN A 1 85  ? -3.380  -4.750  -7.839  1.00 19.13 ? 85   GLN A CA  1 
ATOM   644  C  C   . GLN A 1 85  ? -4.064  -3.505  -8.374  1.00 17.21 ? 85   GLN A C   1 
ATOM   645  O  O   . GLN A 1 85  ? -5.168  -3.171  -7.956  1.00 17.56 ? 85   GLN A O   1 
ATOM   646  C  CB  . GLN A 1 85  ? -4.312  -5.956  -7.967  1.00 17.97 ? 85   GLN A CB  1 
ATOM   647  C  CG  . GLN A 1 85  ? -4.683  -6.316  -9.404  1.00 18.91 ? 85   GLN A CG  1 
ATOM   648  C  CD  . GLN A 1 85  ? -3.502  -6.804  -10.210 1.00 17.36 ? 85   GLN A CD  1 
ATOM   649  O  OE1 . GLN A 1 85  ? -2.801  -7.729  -9.805  1.00 19.99 ? 85   GLN A OE1 1 
ATOM   650  N  NE2 . GLN A 1 85  ? -3.275  -6.185  -11.360 1.00 21.16 ? 85   GLN A NE2 1 
ATOM   651  N  N   . MET A 1 86  ? -3.401  -2.827  -9.306  1.00 17.89 ? 86   MET A N   1 
ATOM   652  C  CA  . MET A 1 86  ? -3.932  -1.607  -9.915  1.00 18.55 ? 86   MET A CA  1 
ATOM   653  C  C   . MET A 1 86  ? -4.491  -1.877  -11.310 1.00 19.05 ? 86   MET A C   1 
ATOM   654  O  O   . MET A 1 86  ? -3.741  -2.158  -12.245 1.00 17.86 ? 86   MET A O   1 
ATOM   655  C  CB  . MET A 1 86  ? -2.832  -0.546  -9.998  1.00 18.98 ? 86   MET A CB  1 
ATOM   656  C  CG  . MET A 1 86  ? -2.161  -0.247  -8.671  1.00 21.13 ? 86   MET A CG  1 
ATOM   657  S  SD  . MET A 1 86  ? -0.893  1.012   -8.798  1.00 25.03 ? 86   MET A SD  1 
ATOM   658  C  CE  . MET A 1 86  ? 0.475   0.047   -9.435  1.00 22.36 ? 86   MET A CE  1 
ATOM   659  N  N   . ASN A 1 87  ? -5.810  -1.788  -11.446 1.00 19.56 ? 87   ASN A N   1 
ATOM   660  C  CA  . ASN A 1 87  ? -6.452  -2.025  -12.735 1.00 22.76 ? 87   ASN A CA  1 
ATOM   661  C  C   . ASN A 1 87  ? -7.122  -0.763  -13.264 1.00 25.02 ? 87   ASN A C   1 
ATOM   662  O  O   . ASN A 1 87  ? -7.590  0.073   -12.487 1.00 25.97 ? 87   ASN A O   1 
ATOM   663  C  CB  . ASN A 1 87  ? -7.503  -3.140  -12.624 1.00 21.45 ? 87   ASN A CB  1 
ATOM   664  C  CG  . ASN A 1 87  ? -6.903  -4.486  -12.242 1.00 20.61 ? 87   ASN A CG  1 
ATOM   665  O  OD1 . ASN A 1 87  ? -7.515  -5.253  -11.496 1.00 21.28 ? 87   ASN A OD1 1 
ATOM   666  N  ND2 . ASN A 1 87  ? -5.719  -4.787  -12.760 1.00 18.72 ? 87   ASN A ND2 1 
ATOM   667  N  N   . SER A 1 88  ? -7.133  -0.616  -14.590 1.00 27.89 ? 88   SER A N   1 
ATOM   668  C  CA  . SER A 1 88  ? -7.761  0.534   -15.241 1.00 28.31 ? 88   SER A CA  1 
ATOM   669  C  C   . SER A 1 88  ? -7.126  1.869   -14.817 1.00 27.47 ? 88   SER A C   1 
ATOM   670  O  O   . SER A 1 88  ? -7.818  2.821   -14.444 1.00 25.06 ? 88   SER A O   1 
ATOM   671  C  CB  . SER A 1 88  ? -9.275  0.508   -14.965 1.00 29.75 ? 88   SER A CB  1 
ATOM   672  O  OG  . SER A 1 88  ? -9.835  -0.774  -15.190 1.00 35.14 ? 88   SER A OG  1 
ATOM   673  N  N   . LEU A 1 89  ? -5.806  1.923   -14.909 1.00 28.52 ? 89   LEU A N   1 
ATOM   674  C  CA  . LEU A 1 89  ? -5.060  3.116   -14.506 1.00 31.92 ? 89   LEU A CA  1 
ATOM   675  C  C   . LEU A 1 89  ? -5.496  4.292   -15.347 1.00 33.63 ? 89   LEU A C   1 
ATOM   676  O  O   . LEU A 1 89  ? -5.684  4.214   -16.563 1.00 33.72 ? 89   LEU A O   1 
ATOM   677  C  CB  . LEU A 1 89  ? -3.574  2.866   -14.677 1.00 30.36 ? 89   LEU A CB  1 
ATOM   678  C  CG  . LEU A 1 89  ? -3.084  1.789   -13.721 1.00 29.42 ? 89   LEU A CG  1 
ATOM   679  C  CD1 . LEU A 1 89  ? -1.696  1.257   -14.080 1.00 31.08 ? 89   LEU A CD1 1 
ATOM   680  C  CD2 . LEU A 1 89  ? -3.005  2.295   -12.278 1.00 29.64 ? 89   LEU A CD2 1 
ATOM   681  N  N   . LYS A 1 90  ? -5.647  5.363   -14.701 1.00 36.11 ? 90   LYS A N   1 
ATOM   682  C  CA  . LYS A 1 90  ? -6.106  6.549   -15.359 1.00 39.03 ? 90   LYS A CA  1 
ATOM   683  C  C   . LYS A 1 90  ? -5.054  7.667   -15.600 1.00 41.14 ? 90   LYS A C   1 
ATOM   684  O  O   . LYS A 1 90  ? -5.350  8.709   -16.145 1.00 42.08 ? 90   LYS A O   1 
ATOM   685  C  CB  . LYS A 1 90  ? -7.290  7.163   -14.536 1.00 38.93 ? 90   LYS A CB  1 
ATOM   686  C  CG  . LYS A 1 90  ? -8.567  6.335   -14.607 1.00 43.32 ? 90   LYS A CG  1 
ATOM   687  C  CD  . LYS A 1 90  ? -9.812  7.124   -14.206 1.00 46.26 ? 90   LYS A CD  1 
ATOM   688  C  CE  . LYS A 1 90  ? -10.802 7.296   -15.360 0.00 20.00 ? 90   LYS A CE  1 
ATOM   689  N  NZ  . LYS A 1 90  ? -12.003 8.052   -14.979 0.00 20.00 ? 90   LYS A NZ  1 
ATOM   690  N  N   . GLY A 1 91  ? -3.791  7.572   -15.242 1.00 40.89 ? 91   GLY A N   1 
ATOM   691  C  CA  . GLY A 1 91  ? -2.911  8.754   -15.511 1.00 41.20 ? 91   GLY A CA  1 
ATOM   692  C  C   . GLY A 1 91  ? -2.825  9.670   -14.273 1.00 40.99 ? 91   GLY A C   1 
ATOM   693  O  O   . GLY A 1 91  ? -1.754  10.146  -13.881 1.00 38.99 ? 91   GLY A O   1 
ATOM   694  N  N   . GLU A 1 92  ? -3.946  9.982   -13.713 1.00 40.79 ? 92   GLU A N   1 
ATOM   695  C  CA  . GLU A 1 92  ? -3.820  10.726  -12.454 1.00 40.11 ? 92   GLU A CA  1 
ATOM   696  C  C   . GLU A 1 92  ? -2.943  9.938   -11.477 1.00 36.87 ? 92   GLU A C   1 
ATOM   697  O  O   . GLU A 1 92  ? -2.316  10.431  -10.581 1.00 36.74 ? 92   GLU A O   1 
ATOM   698  C  CB  . GLU A 1 92  ? -5.188  10.930  -11.777 1.00 41.90 ? 92   GLU A CB  1 
ATOM   699  C  CG  . GLU A 1 92  ? -6.270  11.533  -12.661 1.00 45.50 ? 92   GLU A CG  1 
ATOM   700  C  CD  . GLU A 1 92  ? -7.658  11.310  -12.066 1.00 45.51 ? 92   GLU A CD  1 
ATOM   701  O  OE1 . GLU A 1 92  ? -8.506  10.567  -12.679 1.00 44.43 ? 92   GLU A OE1 1 
ATOM   702  O  OE2 . GLU A 1 92  ? -7.973  11.865  -10.945 1.00 47.27 ? 92   GLU A OE2 1 
ATOM   703  N  N   . ASP A 1 93  ? -2.880  8.794   -11.627 1.00 33.91 ? 93   ASP A N   1 
ATOM   704  C  CA  . ASP A 1 93  ? -2.253  7.764   -10.749 1.00 30.94 ? 93   ASP A CA  1 
ATOM   705  C  C   . ASP A 1 93  ? -0.822  7.849   -10.850 1.00 28.72 ? 93   ASP A C   1 
ATOM   706  O  O   . ASP A 1 93  ? -0.019  7.136   -10.234 1.00 28.01 ? 93   ASP A O   1 
ATOM   707  C  CB  . ASP A 1 93  ? -2.658  6.423   -11.199 1.00 29.66 ? 93   ASP A CB  1 
ATOM   708  C  CG  . ASP A 1 93  ? -4.143  6.309   -11.200 1.00 28.91 ? 93   ASP A CG  1 
ATOM   709  O  OD1 . ASP A 1 93  ? -4.720  5.562   -12.061 1.00 30.53 ? 93   ASP A OD1 1 
ATOM   710  O  OD2 . ASP A 1 93  ? -4.819  6.973   -10.329 1.00 26.03 ? 93   ASP A OD2 1 
ATOM   711  N  N   . THR A 1 94  ? -0.577  8.595   -11.523 1.00 27.88 ? 94   THR A N   1 
ATOM   712  C  CA  . THR A 1 94  ? 0.778   8.813   -11.760 1.00 27.86 ? 94   THR A CA  1 
ATOM   713  C  C   . THR A 1 94  ? 1.419   9.377   -10.451 1.00 26.00 ? 94   THR A C   1 
ATOM   714  O  O   . THR A 1 94  ? 1.045   10.502  -10.038 1.00 27.39 ? 94   THR A O   1 
ATOM   715  C  CB  . THR A 1 94  ? 0.810   9.786   -12.932 1.00 28.94 ? 94   THR A CB  1 
ATOM   716  O  OG1 . THR A 1 94  ? 0.077   9.215   -14.030 1.00 30.56 ? 94   THR A OG1 1 
ATOM   717  C  CG2 . THR A 1 94  ? 2.208   10.093  -13.405 1.00 28.67 ? 94   THR A CG2 1 
ATOM   718  N  N   . ALA A 1 95  ? 2.379   8.512   -9.801  1.00 26.59 ? 95   ALA A N   1 
ATOM   719  C  CA  . ALA A 1 95  ? 3.195   8.971   -8.602  1.00 22.48 ? 95   ALA A CA  1 
ATOM   720  C  C   . ALA A 1 95  ? 4.093   7.840   -7.960  1.00 23.11 ? 95   ALA A C   1 
ATOM   721  O  O   . ALA A 1 95  ? 4.341   6.776   -8.519  1.00 23.48 ? 95   ALA A O   1 
ATOM   722  C  CB  . ALA A 1 95  ? 2.350   9.650   -7.665  1.00 19.90 ? 95   ALA A CB  1 
ATOM   723  N  N   . VAL A 1 96  ? 4.622   8.097   -6.814  1.00 23.75 ? 96   VAL A N   1 
ATOM   724  C  CA  . VAL A 1 96  ? 5.488   7.136   -6.160  1.00 21.44 ? 96   VAL A CA  1 
ATOM   725  C  C   . VAL A 1 96  ? 4.695   6.493   -5.050  1.00 21.23 ? 96   VAL A C   1 
ATOM   726  O  O   . VAL A 1 96  ? 4.104   7.193   -4.222  1.00 18.55 ? 96   VAL A O   1 
ATOM   727  C  CB  . VAL A 1 96  ? 6.732   7.848   -5.607  1.00 22.43 ? 96   VAL A CB  1 
ATOM   728  C  CG1 . VAL A 1 96  ? 7.637   6.912   -4.803  1.00 24.61 ? 96   VAL A CG1 1 
ATOM   729  C  CG2 . VAL A 1 96  ? 7.611   8.452   -6.713  1.00 25.39 ? 96   VAL A CG2 1 
ATOM   730  N  N   . TYR A 1 97  ? 4.580   5.179   -5.096  1.00 17.73 ? 97   TYR A N   1 
ATOM   731  C  CA  . TYR A 1 97  ? 3.768   4.463   -4.099  1.00 15.99 ? 97   TYR A CA  1 
ATOM   732  C  C   . TYR A 1 97  ? 4.643   3.896   -2.974  1.00 17.09 ? 97   TYR A C   1 
ATOM   733  O  O   . TYR A 1 97  ? 5.776   3.472   -3.196  1.00 20.27 ? 97   TYR A O   1 
ATOM   734  C  CB  . TYR A 1 97  ? 2.991   3.328   -4.778  1.00 10.74 ? 97   TYR A CB  1 
ATOM   735  C  CG  . TYR A 1 97  ? 1.828   3.852   -5.626  1.00 6.33  ? 97   TYR A CG  1 
ATOM   736  C  CD1 . TYR A 1 97  ? 2.076   4.550   -6.813  1.00 6.60  ? 97   TYR A CD1 1 
ATOM   737  C  CD2 . TYR A 1 97  ? 0.511   3.641   -5.222  1.00 4.56  ? 97   TYR A CD2 1 
ATOM   738  C  CE1 . TYR A 1 97  ? 1.012   5.045   -7.578  1.00 7.88  ? 97   TYR A CE1 1 
ATOM   739  C  CE2 . TYR A 1 97  ? -0.550  4.137   -5.984  1.00 7.54  ? 97   TYR A CE2 1 
ATOM   740  C  CZ  . TYR A 1 97  ? -0.301  4.840   -7.155  1.00 8.12  ? 97   TYR A CZ  1 
ATOM   741  O  OH  . TYR A 1 97  ? -1.348  5.338   -7.880  1.00 8.71  ? 97   TYR A OH  1 
ATOM   742  N  N   . TYR A 1 98  ? 4.088   3.891   -1.755  1.00 14.16 ? 98   TYR A N   1 
ATOM   743  C  CA  . TYR A 1 98  ? 4.798   3.417   -0.562  1.00 15.54 ? 98   TYR A CA  1 
ATOM   744  C  C   . TYR A 1 98  ? 3.931   2.476   0.279   1.00 14.99 ? 98   TYR A C   1 
ATOM   745  O  O   . TYR A 1 98  ? 2.717   2.671   0.391   1.00 11.63 ? 98   TYR A O   1 
ATOM   746  C  CB  . TYR A 1 98  ? 5.146   4.587   0.382   1.00 15.82 ? 98   TYR A CB  1 
ATOM   747  C  CG  . TYR A 1 98  ? 6.058   5.677   -0.187  1.00 16.51 ? 98   TYR A CG  1 
ATOM   748  C  CD1 . TYR A 1 98  ? 5.522   6.735   -0.930  1.00 16.36 ? 98   TYR A CD1 1 
ATOM   749  C  CD2 . TYR A 1 98  ? 7.434   5.631   0.044   1.00 19.46 ? 98   TYR A CD2 1 
ATOM   750  C  CE1 . TYR A 1 98  ? 6.362   7.742   -1.431  1.00 18.95 ? 98   TYR A CE1 1 
ATOM   751  C  CE2 . TYR A 1 98  ? 8.269   6.635   -0.453  1.00 19.08 ? 98   TYR A CE2 1 
ATOM   752  C  CZ  . TYR A 1 98  ? 7.735   7.687   -1.187  1.00 18.76 ? 98   TYR A CZ  1 
ATOM   753  O  OH  . TYR A 1 98  ? 8.563   8.661   -1.664  1.00 20.62 ? 98   TYR A OH  1 
ATOM   754  N  N   . CYS A 1 99  ? 4.584   1.464   0.855   1.00 17.49 ? 99   CYS A N   1 
ATOM   755  C  CA  . CYS A 1 99  ? 3.930   0.547   1.778   1.00 21.16 ? 99   CYS A CA  1 
ATOM   756  C  C   . CYS A 1 99  ? 4.586   0.817   3.276   1.00 18.98 ? 99   CYS A C   1 
ATOM   757  O  O   . CYS A 1 99  ? 5.824   1.121   3.603   1.00 22.10 ? 99   CYS A O   1 
ATOM   758  C  CB  . CYS A 1 99  ? 4.054   -0.936  1.356   1.00 21.14 ? 99   CYS A CB  1 
ATOM   759  S  SG  . CYS A 1 99  ? 5.776   -1.571  1.340   1.00 27.31 ? 99   CYS A SG  1 
ATOM   760  N  N   . ALA A 1 100 ? 3.657   0.706   4.148   1.00 18.43 ? 100  ALA A N   1 
ATOM   761  C  CA  . ALA A 1 100 ? 3.883   0.941   5.563   1.00 15.81 ? 100  ALA A CA  1 
ATOM   762  C  C   . ALA A 1 100 ? 3.102   -0.023  6.498   1.00 15.26 ? 100  ALA A C   1 
ATOM   763  O  O   . ALA A 1 100 ? 1.914   -0.305  6.332   1.00 14.69 ? 100  ALA A O   1 
ATOM   764  C  CB  . ALA A 1 100 ? 3.492   2.382   5.901   1.00 13.91 ? 100  ALA A CB  1 
ATOM   765  N  N   . ALA A 1 101 ? 3.849   -0.454  7.526   1.00 14.43 ? 101  ALA A N   1 
ATOM   766  C  CA  . ALA A 1 101 ? 3.357   -1.370  8.561   1.00 13.84 ? 101  ALA A CA  1 
ATOM   767  C  C   . ALA A 1 101 ? 2.929   -0.650  9.836   1.00 11.73 ? 101  ALA A C   1 
ATOM   768  O  O   . ALA A 1 101 ? 3.635   0.233   10.328  1.00 13.65 ? 101  ALA A O   1 
ATOM   769  C  CB  . ALA A 1 101 ? 4.436   -2.403  8.892   1.00 12.80 ? 101  ALA A CB  1 
ATOM   770  N  N   . ARG A 1 102 ? 1.787   -1.062  10.377  1.00 12.11 ? 102  ARG A N   1 
ATOM   771  C  CA  . ARG A 1 102 ? 1.215   -0.497  11.604  1.00 12.11 ? 102  ARG A CA  1 
ATOM   772  C  C   . ARG A 1 102 ? 1.259   -1.563  12.704  1.00 11.89 ? 102  ARG A C   1 
ATOM   773  O  O   . ARG A 1 102 ? 0.445   -2.478  12.717  1.00 12.52 ? 102  ARG A O   1 
ATOM   774  C  CB  . ARG A 1 102 ? -0.227  -0.082  11.330  1.00 12.43 ? 102  ARG A CB  1 
ATOM   775  C  CG  . ARG A 1 102 ? -0.875  0.754   12.397  1.00 13.77 ? 102  ARG A CG  1 
ATOM   776  C  CD  . ARG A 1 102 ? -2.307  1.067   11.999  1.00 15.39 ? 102  ARG A CD  1 
ATOM   777  N  NE  . ARG A 1 102 ? -2.430  1.488   10.615  1.00 17.43 ? 102  ARG A NE  1 
ATOM   778  C  CZ  . ARG A 1 102 ? -3.535  1.981   10.061  1.00 18.50 ? 102  ARG A CZ  1 
ATOM   779  N  NH1 . ARG A 1 102 ? -4.193  2.981   10.630  1.00 16.09 ? 102  ARG A NH1 1 
ATOM   780  N  NH2 . ARG A 1 102 ? -4.011  1.432   8.957   1.00 18.92 ? 102  ARG A NH2 1 
ATOM   781  N  N   . PRO A 1 103 ? 2.201   -1.443  13.650  1.00 12.10 ? 103  PRO A N   1 
ATOM   782  C  CA  . PRO A 1 103 ? 2.402   -2.373  14.771  1.00 10.89 ? 103  PRO A CA  1 
ATOM   783  C  C   . PRO A 1 103 ? 1.340   -2.458  15.878  1.00 10.05 ? 103  PRO A C   1 
ATOM   784  O  O   . PRO A 1 103 ? 1.252   -3.476  16.552  1.00 9.84  ? 103  PRO A O   1 
ATOM   785  C  CB  . PRO A 1 103 ? 3.743   -1.921  15.350  1.00 13.08 ? 103  PRO A CB  1 
ATOM   786  C  CG  . PRO A 1 103 ? 4.421   -1.250  14.213  1.00 14.94 ? 103  PRO A CG  1 
ATOM   787  C  CD  . PRO A 1 103 ? 3.298   -0.467  13.601  1.00 15.16 ? 103  PRO A CD  1 
ATOM   788  N  N   . VAL A 1 104 ? 0.557   -1.400  16.074  1.00 7.42  ? 104  VAL A N   1 
ATOM   789  C  CA  . VAL A 1 104 ? -0.455  -1.375  17.131  1.00 8.23  ? 104  VAL A CA  1 
ATOM   790  C  C   . VAL A 1 104 ? -1.839  -1.153  16.547  1.00 11.36 ? 104  VAL A C   1 
ATOM   791  O  O   . VAL A 1 104 ? -2.030  -0.275  15.701  1.00 12.87 ? 104  VAL A O   1 
ATOM   792  C  CB  . VAL A 1 104 ? -0.147  -0.271  18.195  1.00 11.71 ? 104  VAL A CB  1 
ATOM   793  C  CG1 . VAL A 1 104 ? -1.198  -0.277  19.292  1.00 10.72 ? 104  VAL A CG1 1 
ATOM   794  C  CG2 . VAL A 1 104 ? 1.222   -0.499  18.814  1.00 7.86  ? 104  VAL A CG2 1 
ATOM   795  N  N   . ARG A 1 105 ? -2.803  -1.949  17.010  1.00 12.06 ? 105  ARG A N   1 
ATOM   796  C  CA  . ARG A 1 105 ? -4.169  -1.877  16.510  1.00 14.26 ? 105  ARG A CA  1 
ATOM   797  C  C   . ARG A 1 105 ? -4.854  -0.534  16.715  1.00 16.67 ? 105  ARG A C   1 
ATOM   798  O  O   . ARG A 1 105 ? -4.772  0.077   17.779  1.00 18.68 ? 105  ARG A O   1 
ATOM   799  C  CB  . ARG A 1 105 ? -5.039  -2.989  17.105  1.00 12.05 ? 105  ARG A CB  1 
ATOM   800  C  CG  . ARG A 1 105 ? -6.197  -3.355  16.186  1.00 14.97 ? 105  ARG A CG  1 
ATOM   801  C  CD  . ARG A 1 105 ? -7.411  -3.876  16.911  1.00 15.71 ? 105  ARG A CD  1 
ATOM   802  N  NE  . ARG A 1 105 ? -8.380  -4.419  15.970  1.00 18.03 ? 105  ARG A NE  1 
ATOM   803  C  CZ  . ARG A 1 105 ? -9.666  -4.103  15.946  1.00 15.95 ? 105  ARG A CZ  1 
ATOM   804  N  NH1 . ARG A 1 105 ? -10.087 -2.958  16.456  1.00 22.85 ? 105  ARG A NH1 1 
ATOM   805  N  NH2 . ARG A 1 105 ? -10.531 -4.932  15.392  1.00 19.84 ? 105  ARG A NH2 1 
ATOM   806  N  N   . VAL A 1 106 ? -5.558  -0.102  15.678  1.00 18.32 ? 106  VAL A N   1 
ATOM   807  C  CA  . VAL A 1 106 ? -6.298  1.150   15.691  1.00 16.78 ? 106  VAL A CA  1 
ATOM   808  C  C   . VAL A 1 106 ? -7.788  0.849   15.462  1.00 17.77 ? 106  VAL A C   1 
ATOM   809  O  O   . VAL A 1 106 ? -8.137  -0.115  14.778  1.00 17.23 ? 106  VAL A O   1 
ATOM   810  C  CB  . VAL A 1 106 ? -5.745  2.107   14.611  1.00 17.03 ? 106  VAL A CB  1 
ATOM   811  C  CG1 . VAL A 1 106 ? -6.061  1.588   13.227  1.00 14.36 ? 106  VAL A CG1 1 
ATOM   812  C  CG2 . VAL A 1 106 ? -6.291  3.513   14.811  1.00 21.76 ? 106  VAL A CG2 1 
ATOM   813  N  N   . ALA A 1 107 ? -8.660  1.662   16.052  1.00 18.73 ? 107  ALA A N   1 
ATOM   814  C  CA  . ALA A 1 107 ? -10.108 1.469   15.925  1.00 18.72 ? 107  ALA A CA  1 
ATOM   815  C  C   . ALA A 1 107 ? -10.671 1.788   14.534  1.00 19.92 ? 107  ALA A C   1 
ATOM   816  O  O   . ALA A 1 107 ? -11.658 1.184   14.108  1.00 20.50 ? 107  ALA A O   1 
ATOM   817  C  CB  . ALA A 1 107 ? -10.838 2.296   16.983  1.00 21.12 ? 107  ALA A CB  1 
ATOM   818  N  N   . ASP A 1 108 ? -10.036 2.725   13.835  1.00 18.43 ? 108  ASP A N   1 
ATOM   819  C  CA  . ASP A 1 108 ? -10.472 3.147   12.510  1.00 18.74 ? 108  ASP A CA  1 
ATOM   820  C  C   . ASP A 1 108 ? -9.288  3.035   11.550  1.00 19.53 ? 108  ASP A C   1 
ATOM   821  O  O   . ASP A 1 108 ? -8.396  3.887   11.568  1.00 18.88 ? 108  ASP A O   1 
ATOM   822  C  CB  . ASP A 1 108 ? -10.952 4.600   12.593  1.00 19.59 ? 108  ASP A CB  1 
ATOM   823  C  CG  . ASP A 1 108 ? -11.727 5.055   11.368  1.00 21.49 ? 108  ASP A CG  1 
ATOM   824  O  OD1 . ASP A 1 108 ? -12.309 6.152   11.435  1.00 25.41 ? 108  ASP A OD1 1 
ATOM   825  O  OD2 . ASP A 1 108 ? -11.761 4.337   10.343  1.00 26.04 ? 108  ASP A OD2 1 
ATOM   826  N  N   . ILE A 1 109 ? -9.345  2.039   10.574  1.00 18.98 ? 109  ILE A N   1 
ATOM   827  C  CA  . ILE A 1 109 ? -8.123  1.863   9.769   1.00 19.13 ? 109  ILE A CA  1 
ATOM   828  C  C   . ILE A 1 109 ? -8.005  2.910   8.613   1.00 17.96 ? 109  ILE A C   1 
ATOM   829  O  O   . ILE A 1 109 ? -6.986  2.947   7.919   1.00 17.53 ? 109  ILE A O   1 
ATOM   830  C  CB  . ILE A 1 109 ? -8.075  0.474   9.138   1.00 18.05 ? 109  ILE A CB  1 
ATOM   831  C  CG1 . ILE A 1 109 ? -9.422  0.040   8.547   1.00 15.85 ? 109  ILE A CG1 1 
ATOM   832  C  CG2 . ILE A 1 109 ? -7.669  -0.605  10.149  1.00 18.43 ? 109  ILE A CG2 1 
ATOM   833  C  CD1 . ILE A 1 109 ? -9.332  -1.247  7.725   1.00 15.71 ? 109  ILE A CD1 1 
ATOM   834  N  N   . SER A 1 110 ? -9.059  3.755   8.416   1.00 18.88 ? 110  SER A N   1 
ATOM   835  C  CA  . SER A 1 110 ? -9.030  4.829   7.369   1.00 19.76 ? 110  SER A CA  1 
ATOM   836  C  C   . SER A 1 110 ? -8.108  5.959   7.857   1.00 19.76 ? 110  SER A C   1 
ATOM   837  O  O   . SER A 1 110 ? -7.760  6.888   7.106   1.00 21.58 ? 110  SER A O   1 
ATOM   838  C  CB  . SER A 1 110 ? -10.440 5.405   7.105   1.00 20.07 ? 110  SER A CB  1 
ATOM   839  O  OG  . SER A 1 110 ? -10.831 6.275   8.160   1.00 22.76 ? 110  SER A OG  1 
ATOM   840  N  N   . LEU A 1 111 ? -7.726  5.846   9.124   1.00 17.82 ? 111  LEU A N   1 
ATOM   841  C  CA  . LEU A 1 111 ? -6.848  6.830   9.764   1.00 18.16 ? 111  LEU A CA  1 
ATOM   842  C  C   . LEU A 1 111 ? -5.376  6.593   9.380   1.00 16.10 ? 111  LEU A C   1 
ATOM   843  O  O   . LEU A 1 111 ? -4.864  5.463   9.442   1.00 14.78 ? 111  LEU A O   1 
ATOM   844  C  CB  . LEU A 1 111 ? -6.958  6.770   11.301  1.00 18.35 ? 111  LEU A CB  1 
ATOM   845  C  CG  . LEU A 1 111 ? -8.222  7.463   11.857  1.00 22.46 ? 111  LEU A CG  1 
ATOM   846  C  CD1 . LEU A 1 111 ? -8.422  7.244   13.359  1.00 24.10 ? 111  LEU A CD1 1 
ATOM   847  C  CD2 . LEU A 1 111 ? -8.224  8.989   11.676  1.00 21.33 ? 111  LEU A CD2 1 
ATOM   848  N  N   . PRO A 1 112 ? -4.711  7.644   8.947   1.00 15.54 ? 112  PRO A N   1 
ATOM   849  C  CA  . PRO A 1 112 ? -3.251  7.652   8.595   1.00 14.34 ? 112  PRO A CA  1 
ATOM   850  C  C   . PRO A 1 112 ? -2.202  7.388   9.656   1.00 13.97 ? 112  PRO A C   1 
ATOM   851  O  O   . PRO A 1 112 ? -0.943  7.435   9.291   1.00 16.12 ? 112  PRO A O   1 
ATOM   852  C  CB  . PRO A 1 112 ? -2.993  9.047   8.167   1.00 16.65 ? 112  PRO A CB  1 
ATOM   853  C  CG  . PRO A 1 112 ? -4.301  9.824   8.230   1.00 15.80 ? 112  PRO A CG  1 
ATOM   854  C  CD  . PRO A 1 112 ? -5.392  8.927   8.689   1.00 15.30 ? 112  PRO A CD  1 
ATOM   855  N  N   . VAL A 1 113 ? -2.696  7.147   10.810  1.00 14.63 ? 113  VAL A N   1 
ATOM   856  C  CA  . VAL A 1 113 ? -1.903  6.979   12.015  1.00 14.19 ? 113  VAL A CA  1 
ATOM   857  C  C   . VAL A 1 113 ? -1.444  5.556   12.295  1.00 15.78 ? 113  VAL A C   1 
ATOM   858  O  O   . VAL A 1 113 ? -2.035  4.582   11.787  1.00 13.61 ? 113  VAL A O   1 
ATOM   859  C  CB  . VAL A 1 113 ? -2.742  7.428   13.236  1.00 15.21 ? 113  VAL A CB  1 
ATOM   860  C  CG1 . VAL A 1 113 ? -3.401  8.800   13.051  1.00 13.50 ? 113  VAL A CG1 1 
ATOM   861  C  CG2 . VAL A 1 113 ? -3.898  6.476   13.575  1.00 15.02 ? 113  VAL A CG2 1 
ATOM   862  N  N   . GLY A 1 114 ? -0.373  5.555   13.127  1.00 13.75 ? 114  GLY A N   1 
ATOM   863  C  CA  . GLY A 1 114 ? 0.286   4.337   13.660  1.00 12.80 ? 114  GLY A CA  1 
ATOM   864  C  C   . GLY A 1 114 ? 1.280   3.699   12.695  1.00 11.82 ? 114  GLY A C   1 
ATOM   865  O  O   . GLY A 1 114 ? 1.830   2.620   13.004  1.00 10.39 ? 114  GLY A O   1 
ATOM   866  N  N   . PHE A 1 115 ? 1.611   4.266   11.552  1.00 12.12 ? 115  PHE A N   1 
ATOM   867  C  CA  . PHE A 1 115 ? 2.544   3.658   10.611  1.00 11.77 ? 115  PHE A CA  1 
ATOM   868  C  C   . PHE A 1 115 ? 3.994   3.930   11.004  1.00 13.20 ? 115  PHE A C   1 
ATOM   869  O  O   . PHE A 1 115 ? 4.562   4.975   10.687  1.00 12.57 ? 115  PHE A O   1 
ATOM   870  C  CB  . PHE A 1 115 ? 2.214   4.119   9.189   1.00 8.36  ? 115  PHE A CB  1 
ATOM   871  C  CG  . PHE A 1 115 ? 0.875   3.623   8.699   1.00 6.65  ? 115  PHE A CG  1 
ATOM   872  C  CD1 . PHE A 1 115 ? -0.253  4.434   8.757   1.00 7.09  ? 115  PHE A CD1 1 
ATOM   873  C  CD2 . PHE A 1 115 ? 0.741   2.335   8.183   1.00 5.87  ? 115  PHE A CD2 1 
ATOM   874  C  CE1 . PHE A 1 115 ? -1.499  3.968   8.308   1.00 5.01  ? 115  PHE A CE1 1 
ATOM   875  C  CE2 . PHE A 1 115 ? -0.491  1.865   7.733   1.00 4.06  ? 115  PHE A CE2 1 
ATOM   876  C  CZ  . PHE A 1 115 ? -1.611  2.679   7.796   1.00 6.88  ? 115  PHE A CZ  1 
ATOM   877  N  N   . ASP A 1 116 ? 4.580   2.961   11.699  1.00 15.80 ? 116  ASP A N   1 
ATOM   878  C  CA  . ASP A 1 116 ? 5.944   3.069   12.207  1.00 19.13 ? 116  ASP A CA  1 
ATOM   879  C  C   . ASP A 1 116 ? 7.047   2.725   11.214  1.00 19.93 ? 116  ASP A C   1 
ATOM   880  O  O   . ASP A 1 116 ? 8.149   3.270   11.294  1.00 20.74 ? 116  ASP A O   1 
ATOM   881  C  CB  . ASP A 1 116 ? 6.113   2.201   13.462  1.00 17.63 ? 116  ASP A CB  1 
ATOM   882  C  CG  . ASP A 1 116 ? 5.221   2.639   14.615  1.00 19.86 ? 116  ASP A CG  1 
ATOM   883  O  OD1 . ASP A 1 116 ? 4.605   3.719   14.542  1.00 17.90 ? 116  ASP A OD1 1 
ATOM   884  O  OD2 . ASP A 1 116 ? 5.145   1.896   15.615  1.00 23.81 ? 116  ASP A OD2 1 
ATOM   885  N  N   . TYR A 1 117 ? 6.750   1.826   10.282  1.00 21.32 ? 117  TYR A N   1 
ATOM   886  C  CA  . TYR A 1 117 ? 7.735   1.391   9.299   1.00 21.77 ? 117  TYR A CA  1 
ATOM   887  C  C   . TYR A 1 117 ? 7.323   1.694   7.872   1.00 22.00 ? 117  TYR A C   1 
ATOM   888  O  O   . TYR A 1 117 ? 6.175   1.480   7.481   1.00 19.53 ? 117  TYR A O   1 
ATOM   889  C  CB  . TYR A 1 117 ? 8.005   -0.100  9.484   1.00 23.70 ? 117  TYR A CB  1 
ATOM   890  C  CG  . TYR A 1 117 ? 8.323   -0.430  10.922  1.00 24.62 ? 117  TYR A CG  1 
ATOM   891  C  CD1 . TYR A 1 117 ? 7.370   -1.020  11.748  1.00 23.69 ? 117  TYR A CD1 1 
ATOM   892  C  CD2 . TYR A 1 117 ? 9.558   -0.098  11.474  1.00 23.60 ? 117  TYR A CD2 1 
ATOM   893  C  CE1 . TYR A 1 117 ? 7.638   -1.270  13.083  1.00 22.78 ? 117  TYR A CE1 1 
ATOM   894  C  CE2 . TYR A 1 117 ? 9.835   -0.344  12.808  1.00 21.36 ? 117  TYR A CE2 1 
ATOM   895  C  CZ  . TYR A 1 117 ? 8.872   -0.931  13.604  1.00 22.97 ? 117  TYR A CZ  1 
ATOM   896  O  OH  . TYR A 1 117 ? 9.141   -1.194  14.924  1.00 19.91 ? 117  TYR A OH  1 
ATOM   897  N  N   . TRP A 1 118 ? 8.300   2.185   7.122   1.00 23.72 ? 118  TRP A N   1 
ATOM   898  C  CA  . TRP A 1 118 ? 8.010   2.545   5.741   1.00 24.55 ? 118  TRP A CA  1 
ATOM   899  C  C   . TRP A 1 118 ? 8.994   1.905   4.777   1.00 25.13 ? 118  TRP A C   1 
ATOM   900  O  O   . TRP A 1 118 ? 10.186  1.730   5.099   1.00 25.51 ? 118  TRP A O   1 
ATOM   901  C  CB  . TRP A 1 118 ? 8.124   4.075   5.541   1.00 21.16 ? 118  TRP A CB  1 
ATOM   902  C  CG  . TRP A 1 118 ? 7.054   4.858   6.295   1.00 18.15 ? 118  TRP A CG  1 
ATOM   903  C  CD1 . TRP A 1 118 ? 7.011   5.087   7.612   1.00 17.13 ? 118  TRP A CD1 1 
ATOM   904  C  CD2 . TRP A 1 118 ? 5.918   5.476   5.701   1.00 17.39 ? 118  TRP A CD2 1 
ATOM   905  N  NE1 . TRP A 1 118 ? 5.831   5.845   7.872   1.00 14.60 ? 118  TRP A NE1 1 
ATOM   906  C  CE2 . TRP A 1 118 ? 5.198   6.060   6.737   1.00 16.62 ? 118  TRP A CE2 1 
ATOM   907  C  CE3 . TRP A 1 118 ? 5.438   5.582   4.385   1.00 17.13 ? 118  TRP A CE3 1 
ATOM   908  C  CZ2 . TRP A 1 118 ? 3.994   6.752   6.537   1.00 12.63 ? 118  TRP A CZ2 1 
ATOM   909  C  CZ3 . TRP A 1 118 ? 4.231   6.284   4.192   1.00 17.89 ? 118  TRP A CZ3 1 
ATOM   910  C  CH2 . TRP A 1 118 ? 3.540   6.842   5.222   1.00 16.97 ? 118  TRP A CH2 1 
ATOM   911  N  N   . GLY A 1 119 ? 8.417   1.561   3.659   1.00 26.73 ? 119  GLY A N   1 
ATOM   912  C  CA  . GLY A 1 119 ? 9.148   1.102   2.497   1.00 31.19 ? 119  GLY A CA  1 
ATOM   913  C  C   . GLY A 1 119 ? 9.706   2.314   1.781   1.00 33.59 ? 119  GLY A C   1 
ATOM   914  O  O   . GLY A 1 119 ? 9.315   3.466   2.205   1.00 32.53 ? 119  GLY A O   1 
ATOM   915  N  N   . GLN A 1 120 ? 10.549  1.891   0.754   1.00 36.52 ? 120  GLN A N   1 
ATOM   916  C  CA  . GLN A 1 120 ? 11.359  2.746   -0.093  1.00 39.48 ? 120  GLN A CA  1 
ATOM   917  C  C   . GLN A 1 120 ? 10.820  3.481   -1.212  1.00 39.72 ? 120  GLN A C   1 
ATOM   918  O  O   . GLN A 1 120 ? 11.414  4.406   -1.407  1.00 41.67 ? 120  GLN A O   1 
ATOM   919  C  CB  . GLN A 1 120 ? 12.550  2.163   -0.898  1.00 41.73 ? 120  GLN A CB  1 
ATOM   920  C  CG  . GLN A 1 120 ? 12.948  0.737   -0.636  1.00 45.12 ? 120  GLN A CG  1 
ATOM   921  C  CD  . GLN A 1 120 ? 12.219  -0.230  -1.544  1.00 45.47 ? 120  GLN A CD  1 
ATOM   922  O  OE1 . GLN A 1 120 ? 11.636  -1.180  -1.047  1.00 47.42 ? 120  GLN A OE1 1 
ATOM   923  N  NE2 . GLN A 1 120 ? 12.212  -0.036  -2.857  1.00 45.80 ? 120  GLN A NE2 1 
ATOM   924  N  N   . GLY A 1 121 ? 9.857   2.963   -1.998  1.00 38.01 ? 121  GLY A N   1 
ATOM   925  C  CA  . GLY A 1 121 ? 9.068   3.787   -2.970  1.00 33.80 ? 121  GLY A CA  1 
ATOM   926  C  C   . GLY A 1 121 ? 9.155   3.282   -4.440  1.00 32.92 ? 121  GLY A C   1 
ATOM   927  O  O   . GLY A 1 121 ? 10.157  2.922   -5.004  1.00 33.60 ? 121  GLY A O   1 
ATOM   928  N  N   . THR A 1 122 ? 8.140   3.257   -5.161  1.00 30.09 ? 122  THR A N   1 
ATOM   929  C  CA  . THR A 1 122 ? 8.208   2.735   -6.536  1.00 30.07 ? 122  THR A CA  1 
ATOM   930  C  C   . THR A 1 122 ? 7.443   3.730   -7.418  1.00 29.86 ? 122  THR A C   1 
ATOM   931  O  O   . THR A 1 122 ? 6.280   4.010   -7.168  1.00 30.25 ? 122  THR A O   1 
ATOM   932  C  CB  . THR A 1 122 ? 7.587   1.258   -6.439  1.00 28.76 ? 122  THR A CB  1 
ATOM   933  O  OG1 . THR A 1 122 ? 7.914   0.400   -7.535  1.00 29.80 ? 122  THR A OG1 1 
ATOM   934  C  CG2 . THR A 1 122 ? 6.058   1.171   -6.324  1.00 30.17 ? 122  THR A CG2 1 
ATOM   935  N  N   . GLN A 1 123 ? 8.138   4.260   -8.432  1.00 29.71 ? 123  GLN A N   1 
ATOM   936  C  CA  . GLN A 1 123 ? 7.522   5.223   -9.349  1.00 30.82 ? 123  GLN A CA  1 
ATOM   937  C  C   . GLN A 1 123 ? 6.595   4.513   -10.313 1.00 31.09 ? 123  GLN A C   1 
ATOM   938  O  O   . GLN A 1 123 ? 6.946   3.467   -10.905 1.00 30.34 ? 123  GLN A O   1 
ATOM   939  C  CB  . GLN A 1 123 ? 8.605   5.959   -10.173 1.00 31.14 ? 123  GLN A CB  1 
ATOM   940  C  CG  . GLN A 1 123 ? 8.035   6.869   -11.277 1.00 34.66 ? 123  GLN A CG  1 
ATOM   941  C  CD  . GLN A 1 123 ? 7.465   8.189   -10.746 1.00 34.58 ? 123  GLN A CD  1 
ATOM   942  O  OE1 . GLN A 1 123 ? 8.171   8.936   -10.061 1.00 39.39 ? 123  GLN A OE1 1 
ATOM   943  N  NE2 . GLN A 1 123 ? 6.219   8.522   -11.027 1.00 33.11 ? 123  GLN A NE2 1 
ATOM   944  N  N   . VAL A 1 124 ? 5.429   5.089   -10.434 1.00 30.40 ? 124  VAL A N   1 
ATOM   945  C  CA  . VAL A 1 124 ? 4.457   4.576   -11.389 1.00 31.43 ? 124  VAL A CA  1 
ATOM   946  C  C   . VAL A 1 124 ? 3.941   5.755   -12.209 1.00 32.80 ? 124  VAL A C   1 
ATOM   947  O  O   . VAL A 1 124 ? 3.298   6.716   -11.659 1.00 31.54 ? 124  VAL A O   1 
ATOM   948  C  CB  . VAL A 1 124 ? 3.289   3.747   -10.783 1.00 29.80 ? 124  VAL A CB  1 
ATOM   949  C  CG1 . VAL A 1 124 ? 2.138   3.469   -11.777 1.00 27.86 ? 124  VAL A CG1 1 
ATOM   950  C  CG2 . VAL A 1 124 ? 3.679   2.340   -10.245 1.00 30.26 ? 124  VAL A CG2 1 
ATOM   951  N  N   . THR A 1 125 ? 4.298   5.574   -13.515 1.00 34.07 ? 125  THR A N   1 
ATOM   952  C  CA  . THR A 1 125 ? 3.973   6.524   -14.584 1.00 34.52 ? 125  THR A CA  1 
ATOM   953  C  C   . THR A 1 125 ? 2.994   5.897   -15.605 1.00 33.74 ? 125  THR A C   1 
ATOM   954  O  O   . THR A 1 125 ? 3.236   4.831   -16.190 1.00 30.73 ? 125  THR A O   1 
ATOM   955  C  CB  . THR A 1 125 ? 5.252   6.986   -15.320 1.00 35.35 ? 125  THR A CB  1 
ATOM   956  O  OG1 . THR A 1 125 ? 4.893   7.869   -16.379 1.00 37.72 ? 125  THR A OG1 1 
ATOM   957  C  CG2 . THR A 1 125 ? 6.074   5.843   -15.931 1.00 36.60 ? 125  THR A CG2 1 
ATOM   958  N  N   . VAL A 1 126 ? 1.889   6.612   -15.771 1.00 34.71 ? 126  VAL A N   1 
ATOM   959  C  CA  . VAL A 1 126 ? 0.818   6.212   -16.693 1.00 35.62 ? 126  VAL A CA  1 
ATOM   960  C  C   . VAL A 1 126 ? 0.742   7.178   -17.877 1.00 38.24 ? 126  VAL A C   1 
ATOM   961  O  O   . VAL A 1 126 ? 0.162   8.265   -17.781 1.00 39.61 ? 126  VAL A O   1 
ATOM   962  C  CB  . VAL A 1 126 ? -0.533  6.202   -15.981 1.00 33.78 ? 126  VAL A CB  1 
ATOM   963  C  CG1 . VAL A 1 126 ? -1.691  6.202   -16.982 1.00 33.30 ? 126  VAL A CG1 1 
ATOM   964  C  CG2 . VAL A 1 126 ? -0.690  4.972   -15.080 1.00 33.94 ? 126  VAL A CG2 1 
ATOM   965  N  N   . SER A 1 127 ? 1.314   6.756   -19.001 1.00 40.58 ? 127  SER A N   1 
ATOM   966  C  CA  . SER A 1 127 ? 1.322   7.565   -20.216 1.00 43.77 ? 127  SER A CA  1 
ATOM   967  C  C   . SER A 1 127 ? -0.005  7.491   -20.959 1.00 45.17 ? 127  SER A C   1 
ATOM   968  O  O   . SER A 1 127 ? -0.841  6.630   -20.677 1.00 46.65 ? 127  SER A O   1 
ATOM   969  C  CB  . SER A 1 127 ? 2.457   7.120   -21.141 1.00 43.77 ? 127  SER A CB  1 
ATOM   970  O  OG  . SER A 1 127 ? 2.292   5.769   -21.536 1.00 44.59 ? 127  SER A OG  1 
ATOM   971  N  N   . SER A 1 128 ? -0.190  8.396   -21.914 1.00 48.09 ? 128  SER A N   1 
ATOM   972  C  CA  . SER A 1 128 ? -1.414  8.433   -22.707 1.00 50.01 ? 128  SER A CA  1 
ATOM   973  C  C   . SER A 1 128 ? -1.058  8.494   -24.196 1.00 51.18 ? 128  SER A C   1 
ATOM   974  O  O   . SER A 1 128 ? -0.133  7.750   -24.592 1.00 52.29 ? 128  SER A O   1 
ATOM   975  C  CB  . SER A 1 128 ? -2.272  9.631   -22.288 1.00 49.99 ? 128  SER A CB  1 
ATOM   976  O  OG  . SER A 1 128 ? -3.594  9.514   -22.786 1.00 50.55 ? 128  SER A OG  1 
ATOM   977  O  OXT . SER A 1 128 ? -1.686  9.270   -24.953 1.00 53.25 ? 128  SER A OXT 1 
HETATM 978  CU CU  . CU  B 2 .   ? 0.425   -14.466 15.647  1.00 25.47 ? 1001 CU  A CU  1 
HETATM 979  CU CU  . CU  C 2 .   ? -3.343  -7.725  17.062  1.00 13.37 ? 1002 CU  A CU  1 
HETATM 980  C  C60 . RR6 D 3 .   ? -2.303  -5.604  15.524  1.00 5.36  ? 1003 RR6 A C60 1 
HETATM 981  C  C61 . RR6 D 3 .   ? -1.650  -4.456  15.105  1.00 4.21  ? 1003 RR6 A C61 1 
HETATM 982  C  C62 . RR6 D 3 .   ? -2.251  -3.647  14.130  1.00 10.03 ? 1003 RR6 A C62 1 
HETATM 983  C  C63 . RR6 D 3 .   ? -3.487  -4.005  13.594  1.00 10.11 ? 1003 RR6 A C63 1 
HETATM 984  C  C64 . RR6 D 3 .   ? -4.104  -5.156  14.032  1.00 4.17  ? 1003 RR6 A C64 1 
HETATM 985  C  C54 . RR6 D 3 .   ? -3.523  -5.947  14.997  1.00 4.67  ? 1003 RR6 A C54 1 
HETATM 986  O  O79 . RR6 D 3 .   ? -1.745  -6.429  16.468  1.00 9.36  ? 1003 RR6 A O79 1 
HETATM 987  O  O82 . RR6 D 3 .   ? -5.161  -1.889  13.107  1.00 12.36 ? 1003 RR6 A O82 1 
HETATM 988  O  O83 . RR6 D 3 .   ? -3.445  -2.182  11.556  1.00 15.15 ? 1003 RR6 A O83 1 
HETATM 989  O  O84 . RR6 D 3 .   ? -5.273  -3.624  11.567  1.00 18.77 ? 1003 RR6 A O84 1 
HETATM 990  S  S81 . RR6 D 3 .   ? -4.392  -2.849  12.379  1.00 14.25 ? 1003 RR6 A S81 1 
HETATM 991  C  C55 . RR6 D 3 .   ? -5.643  -9.615  16.219  1.00 12.72 ? 1003 RR6 A C55 1 
HETATM 992  C  C53 . RR6 D 3 .   ? -6.127  -8.654  15.358  1.00 12.20 ? 1003 RR6 A C53 1 
HETATM 993  C  C59 . RR6 D 3 .   ? -7.351  -8.831  14.720  1.00 12.68 ? 1003 RR6 A C59 1 
HETATM 994  C  C58 . RR6 D 3 .   ? -8.084  -9.973  14.977  1.00 13.15 ? 1003 RR6 A C58 1 
HETATM 995  C  C57 . RR6 D 3 .   ? -7.600  -10.937 15.850  1.00 12.78 ? 1003 RR6 A C57 1 
HETATM 996  C  C56 . RR6 D 3 .   ? -6.375  -10.756 16.473  1.00 14.00 ? 1003 RR6 A C56 1 
HETATM 997  C  C65 . RR6 D 3 .   ? -5.955  -11.650 17.454  1.00 14.28 ? 1003 RR6 A C65 1 
HETATM 998  C  C66 . RR6 D 3 .   ? -6.771  -12.721 17.816  1.00 11.43 ? 1003 RR6 A C66 1 
HETATM 999  C  C67 . RR6 D 3 .   ? -7.997  -12.885 17.192  1.00 12.42 ? 1003 RR6 A C67 1 
HETATM 1000 C  C68 . RR6 D 3 .   ? -8.406  -12.003 16.208  1.00 16.46 ? 1003 RR6 A C68 1 
HETATM 1001 O  O78 . RR6 D 3 .   ? -4.430  -9.441  16.807  1.00 16.22 ? 1003 RR6 A O78 1 
HETATM 1002 O  O87 . RR6 D 3 .   ? -10.870 -11.241 15.268  1.00 19.53 ? 1003 RR6 A O87 1 
HETATM 1003 O  O88 . RR6 D 3 .   ? -10.637 -13.525 15.727  1.00 20.85 ? 1003 RR6 A O88 1 
HETATM 1004 O  O91 . RR6 D 3 .   ? -9.608  -12.589 13.844  1.00 19.27 ? 1003 RR6 A O91 1 
HETATM 1005 S  S86 . RR6 D 3 .   ? -9.980  -12.362 15.199  1.00 18.99 ? 1003 RR6 A S86 1 
HETATM 1006 O  O89 . RR6 D 3 .   ? -9.202  -7.994  12.874  1.00 15.53 ? 1003 RR6 A O89 1 
HETATM 1007 O  O90 . RR6 D 3 .   ? -7.914  -6.296  13.814  1.00 18.03 ? 1003 RR6 A O90 1 
HETATM 1008 O  O92 . RR6 D 3 .   ? -6.980  -7.730  12.229  1.00 12.98 ? 1003 RR6 A O92 1 
HETATM 1009 S  S85 . RR6 D 3 .   ? -7.893  -7.639  13.320  1.00 14.26 ? 1003 RR6 A S85 1 
HETATM 1010 N  N51 . RR6 D 3 .   ? -5.376  -7.439  15.112  1.00 10.12 ? 1003 RR6 A N51 1 
HETATM 1011 N  N52 . RR6 D 3 .   ? -4.321  -7.037  15.583  1.00 11.13 ? 1003 RR6 A N52 1 
HETATM 1012 C  C10 . RR6 D 3 .   ? 2.790   -15.144 14.133  1.00 46.69 ? 1003 RR6 A C10 1 
HETATM 1013 C  C11 . RR6 D 3 .   ? 3.972   -15.125 13.418  1.00 47.22 ? 1003 RR6 A C11 1 
HETATM 1014 C  C12 . RR6 D 3 .   ? 4.654   -16.306 13.187  1.00 48.70 ? 1003 RR6 A C12 1 
HETATM 1015 C  C13 . RR6 D 3 .   ? 4.163   -17.513 13.668  1.00 51.25 ? 1003 RR6 A C13 1 
HETATM 1016 C  C14 . RR6 D 3 .   ? 2.975   -17.528 14.389  1.00 48.74 ? 1003 RR6 A C14 1 
HETATM 1017 C  C4  . RR6 D 3 .   ? 2.279   -16.346 14.626  1.00 47.05 ? 1003 RR6 A C4  1 
HETATM 1018 O  O29 . RR6 D 3 .   ? 2.137   -13.952 14.326  1.00 45.19 ? 1003 RR6 A O29 1 
HETATM 1019 O  O32 . RR6 D 3 .   ? 5.581   -19.160 12.006  1.00 52.63 ? 1003 RR6 A O32 1 
HETATM 1020 O  O33 . RR6 D 3 .   ? 6.257   -19.173 14.249  1.00 53.55 ? 1003 RR6 A O33 1 
HETATM 1021 O  O34 . RR6 D 3 .   ? 4.280   -20.250 13.615  1.00 51.82 ? 1003 RR6 A O34 1 
HETATM 1022 S  S31 . RR6 D 3 .   ? 5.131   -19.127 13.367  1.00 52.33 ? 1003 RR6 A S31 1 
HETATM 1023 C  C5  . RR6 D 3 .   ? -1.391  -16.116 17.345  1.00 29.00 ? 1003 RR6 A C5  1 
HETATM 1024 C  C3  . RR6 D 3 .   ? -0.435  -17.120 17.217  1.00 33.13 ? 1003 RR6 A C3  1 
HETATM 1025 C  C9  . RR6 D 3 .   ? -0.662  -18.375 17.780  1.00 32.01 ? 1003 RR6 A C9  1 
HETATM 1026 C  C8  . RR6 D 3 .   ? -1.832  -18.610 18.471  1.00 28.26 ? 1003 RR6 A C8  1 
HETATM 1027 C  C7  . RR6 D 3 .   ? -2.779  -17.612 18.603  1.00 26.50 ? 1003 RR6 A C7  1 
HETATM 1028 C  C6  . RR6 D 3 .   ? -2.562  -16.366 18.033  1.00 27.97 ? 1003 RR6 A C6  1 
HETATM 1029 C  C15 . RR6 D 3 .   ? -3.578  -15.422 18.029  1.00 23.33 ? 1003 RR6 A C15 1 
HETATM 1030 C  C16 . RR6 D 3 .   ? -4.804  -15.721 18.596  1.00 20.11 ? 1003 RR6 A C16 1 
HETATM 1031 C  C17 . RR6 D 3 .   ? -5.013  -16.964 19.166  1.00 20.32 ? 1003 RR6 A C17 1 
HETATM 1032 C  C18 . RR6 D 3 .   ? -3.998  -17.908 19.170  1.00 22.81 ? 1003 RR6 A C18 1 
HETATM 1033 O  O28 . RR6 D 3 .   ? -1.097  -14.843 16.950  1.00 31.79 ? 1003 RR6 A O28 1 
HETATM 1034 O  O37 . RR6 D 3 .   ? -4.300  -20.610 19.056  1.00 24.78 ? 1003 RR6 A O37 1 
HETATM 1035 O  O38 . RR6 D 3 .   ? -5.446  -19.568 20.808  1.00 21.53 ? 1003 RR6 A O38 1 
HETATM 1036 O  O41 . RR6 D 3 .   ? -3.125  -19.824 20.912  1.00 22.30 ? 1003 RR6 A O41 1 
HETATM 1037 S  S36 . RR6 D 3 .   ? -4.235  -19.582 20.042  1.00 21.67 ? 1003 RR6 A S36 1 
HETATM 1038 O  O39 . RR6 D 3 .   ? 0.440   -20.724 18.654  1.00 31.02 ? 1003 RR6 A O39 1 
HETATM 1039 O  O40 . RR6 D 3 .   ? 0.485   -20.400 16.341  1.00 30.25 ? 1003 RR6 A O40 1 
HETATM 1040 O  O42 . RR6 D 3 .   ? 1.946   -19.205 17.717  1.00 34.49 ? 1003 RR6 A O42 1 
HETATM 1041 S  S35 . RR6 D 3 .   ? 0.633   -19.765 17.611  1.00 30.73 ? 1003 RR6 A S35 1 
HETATM 1042 N  N1  . RR6 D 3 .   ? 0.998   -16.409 15.370  1.00 43.49 ? 1003 RR6 A N1  1 
HETATM 1043 N  N2  . RR6 D 3 .   ? 0.842   -16.858 16.501  1.00 36.43 ? 1003 RR6 A N2  1 
HETATM 1044 N  N19 . RR6 D 3 .   ? -6.178  -17.222 19.852  1.00 15.67 ? 1003 RR6 A N19 1 
HETATM 1045 N  N26 . RR6 D 3 .   ? -8.883  -13.878 17.538  1.00 9.43  ? 1003 RR6 A N26 1 
HETATM 1046 C  C20 . RR6 D 3 .   ? -7.489  -16.804 19.441  1.00 10.88 ? 1003 RR6 A C20 1 
HETATM 1047 N  N21 . RR6 D 3 .   ? -7.585  -15.610 18.662  1.00 12.52 ? 1003 RR6 A N21 1 
HETATM 1048 C  C22 . RR6 D 3 .   ? -8.845  -15.104 18.270  1.00 9.59  ? 1003 RR6 A C22 1 
HETATM 1049 N  N23 . RR6 D 3 .   ? -10.043 -15.804 18.653  1.00 11.82 ? 1003 RR6 A N23 1 
HETATM 1050 C  C24 . RR6 D 3 .   ? -9.965  -17.015 19.448  1.00 11.74 ? 1003 RR6 A C24 1 
HETATM 1051 N  N25 . RR6 D 3 .   ? -8.675  -17.509 19.837  1.00 13.17 ? 1003 RR6 A N25 1 
HETATM 1052 O  O   . HOH E 4 .   ? 10.729  -8.228  -3.222  1.00 41.43 ? 1004 HOH A O   1 
HETATM 1053 O  O   . HOH E 4 .   ? 11.248  -3.047  -16.176 1.00 39.80 ? 1005 HOH A O   1 
HETATM 1054 O  O   . HOH E 4 .   ? 5.209   4.878   -19.282 1.00 40.69 ? 1006 HOH A O   1 
HETATM 1055 O  O   . HOH E 4 .   ? -0.250  -6.339  -13.348 1.00 39.60 ? 1007 HOH A O   1 
HETATM 1056 O  O   . HOH E 4 .   ? 7.784   14.911  -5.098  1.00 25.26 ? 1008 HOH A O   1 
HETATM 1057 O  O   . HOH E 4 .   ? -8.902  -7.837  -1.644  1.00 7.24  ? 1009 HOH A O   1 
HETATM 1058 O  O   . HOH E 4 .   ? -1.351  14.134  -14.691 1.00 37.54 ? 1010 HOH A O   1 
HETATM 1059 O  O   . HOH E 4 .   ? -13.809 0.293   7.233   1.00 16.94 ? 1011 HOH A O   1 
HETATM 1060 O  O   . HOH E 4 .   ? -17.765 2.056   -5.721  1.00 21.18 ? 1012 HOH A O   1 
HETATM 1061 O  O   . HOH E 4 .   ? -6.999  10.741  -14.791 1.00 47.18 ? 1013 HOH A O   1 
HETATM 1062 O  O   . HOH E 4 .   ? -21.092 5.278   1.916   1.00 39.04 ? 1014 HOH A O   1 
HETATM 1063 O  O   . HOH E 4 .   ? -27.229 -0.024  -1.255  1.00 33.97 ? 1015 HOH A O   1 
HETATM 1064 O  O   . HOH E 4 .   ? -21.265 6.141   -3.076  1.00 35.49 ? 1016 HOH A O   1 
HETATM 1065 O  O   . HOH E 4 .   ? -9.080  -9.507  1.651   1.00 31.15 ? 1017 HOH A O   1 
HETATM 1066 O  O   . HOH E 4 .   ? -12.280 -8.287  2.222   1.00 31.20 ? 1018 HOH A O   1 
HETATM 1067 O  O   . HOH E 4 .   ? -13.455 1.225   1.417   1.00 36.93 ? 1019 HOH A O   1 
HETATM 1068 O  O   . HOH E 4 .   ? -12.739 0.551   -14.136 1.00 31.29 ? 1020 HOH A O   1 
HETATM 1069 O  O   . HOH E 4 .   ? -6.222  -13.960 1.398   1.00 24.62 ? 1021 HOH A O   1 
HETATM 1070 O  O   . HOH E 4 .   ? -6.885  -8.395  -11.500 1.00 22.23 ? 1022 HOH A O   1 
HETATM 1071 O  O   . HOH E 4 .   ? 2.242   15.747  -15.953 1.00 41.71 ? 1023 HOH A O   1 
HETATM 1072 O  O   . HOH E 4 .   ? 8.620   12.764  -20.595 1.00 61.37 ? 1024 HOH A O   1 
HETATM 1073 O  O   . HOH E 4 .   ? 7.424   -9.984  9.427   1.00 47.74 ? 1025 HOH A O   1 
HETATM 1074 O  O   . HOH E 4 .   ? 15.041  -10.676 8.751   1.00 33.09 ? 1026 HOH A O   1 
HETATM 1075 O  O   . HOH E 4 .   ? 16.797  -9.988  10.805  1.00 62.93 ? 1027 HOH A O   1 
HETATM 1076 O  O   . HOH E 4 .   ? -12.389 0.441   11.062  1.00 15.06 ? 1028 HOH A O   1 
HETATM 1077 O  O   . HOH E 4 .   ? 0.927   -16.162 -3.854  1.00 40.25 ? 1029 HOH A O   1 
HETATM 1078 O  O   . HOH E 4 .   ? 18.596  -15.851 9.934   1.00 43.32 ? 1030 HOH A O   1 
HETATM 1079 O  O   . HOH E 4 .   ? 14.229  -9.827  14.184  1.00 48.19 ? 1031 HOH A O   1 
HETATM 1080 O  O   . HOH E 4 .   ? 12.031  -0.514  5.765   1.00 22.75 ? 1032 HOH A O   1 
HETATM 1081 O  O   . HOH E 4 .   ? 3.885   -6.196  16.688  1.00 23.38 ? 1033 HOH A O   1 
HETATM 1082 O  O   . HOH E 4 .   ? 2.289   -2.291  22.561  1.00 27.76 ? 1034 HOH A O   1 
HETATM 1083 O  O   . HOH E 4 .   ? -2.206  -4.039  18.983  1.00 27.60 ? 1035 HOH A O   1 
HETATM 1084 O  O   . HOH E 4 .   ? 1.976   -9.560  10.699  1.00 12.09 ? 1036 HOH A O   1 
HETATM 1085 O  O   . HOH E 4 .   ? -4.413  -1.642  8.970   1.00 17.29 ? 1037 HOH A O   1 
HETATM 1086 O  O   . HOH E 4 .   ? 10.929  -6.267  -10.011 1.00 50.86 ? 1038 HOH A O   1 
HETATM 1087 O  O   . HOH E 4 .   ? 3.615   -4.995  -12.103 1.00 29.78 ? 1039 HOH A O   1 
HETATM 1088 O  O   . HOH E 4 .   ? 12.053  -1.901  -13.063 1.00 41.25 ? 1040 HOH A O   1 
HETATM 1089 O  O   . HOH E 4 .   ? 4.919   -7.171  -8.018  1.00 27.20 ? 1041 HOH A O   1 
HETATM 1090 O  O   . HOH E 4 .   ? -5.779  -11.261 1.970   1.00 24.79 ? 1042 HOH A O   1 
HETATM 1091 O  O   . HOH E 4 .   ? 5.230   0.797   -21.402 1.00 35.14 ? 1043 HOH A O   1 
HETATM 1092 O  O   . HOH E 4 .   ? 8.251   0.594   -22.132 1.00 39.29 ? 1044 HOH A O   1 
HETATM 1093 O  O   . HOH E 4 .   ? 0.228   4.817   -27.248 1.00 33.05 ? 1045 HOH A O   1 
HETATM 1094 O  O   . HOH E 4 .   ? -6.252  -5.317  -18.755 1.00 19.74 ? 1046 HOH A O   1 
HETATM 1095 O  O   . HOH E 4 .   ? -5.735  -8.189  -17.697 1.00 18.16 ? 1047 HOH A O   1 
HETATM 1096 O  O   . HOH E 4 .   ? 0.215   -10.770 -14.032 1.00 32.00 ? 1048 HOH A O   1 
HETATM 1097 O  O   . HOH E 4 .   ? 10.489  -12.660 0.652   1.00 20.65 ? 1049 HOH A O   1 
HETATM 1098 O  O   . HOH E 4 .   ? 4.365   2.106   18.328  1.00 34.65 ? 1050 HOH A O   1 
HETATM 1099 O  O   . HOH E 4 .   ? -9.855  -7.594  -11.070 1.00 18.09 ? 1051 HOH A O   1 
HETATM 1100 O  O   . HOH E 4 .   ? 10.857  3.363   8.399   1.00 26.29 ? 1052 HOH A O   1 
HETATM 1101 O  O   . HOH E 4 .   ? -6.094  7.919   -9.557  1.00 20.00 ? 1053 HOH A O   1 
HETATM 1102 O  O   . HOH E 4 .   ? 13.870  -3.709  16.112  1.00 20.00 ? 1054 HOH A O   1 
HETATM 1103 O  O   . HOH E 4 .   ? 19.856  -5.880  14.975  1.00 20.00 ? 1055 HOH A O   1 
HETATM 1104 O  O   . HOH E 4 .   ? 10.237  -12.637 10.132  1.00 20.00 ? 1056 HOH A O   1 
HETATM 1105 O  O   . HOH E 4 .   ? 8.404   -15.236 12.935  1.00 20.00 ? 1057 HOH A O   1 
# 
